data_2OUI
#
_entry.id   2OUI
#
_cell.length_a   145.921
_cell.length_b   144.104
_cell.length_c   80.073
_cell.angle_alpha   90.00
_cell.angle_beta   121.44
_cell.angle_gamma   90.00
#
_symmetry.space_group_name_H-M   'C 1 2 1'
#
loop_
_entity.id
_entity.type
_entity.pdbx_description
1 polymer 'NADP-dependent alcohol dehydrogenase'
2 non-polymer 'ZINC ION'
3 non-polymer 'NITRATE ION'
4 non-polymer 'CACODYLATE ION'
5 non-polymer 1,2-ETHANEDIOL
6 non-polymer 'TRIETHYLENE GLYCOL'
7 non-polymer 'PENTAETHYLENE GLYCOL'
8 non-polymer 'CHLORIDE ION'
9 non-polymer 'TETRAETHYLENE GLYCOL'
10 water water
#
_entity_poly.entity_id   1
_entity_poly.type   'polypeptide(L)'
_entity_poly.pdbx_seq_one_letter_code
;MKGLAMLGIGRIGWIEKKIPECGPLDALVRPLALAPCTSDTHTVWAGAIGDRHDMILGHEAVGQIVKVGSLVKRLKVGDK
VIVPAITPDWGEEESQRGYPMHSGGMLGGWKFSNFKDGVFSEVFHVNEADANLALLPRDIKPEDAVMLSDMVTTGFHGAE
LANIKLGDTVCVIGIGPVGLMSVAGANHLGAGRIFAVGSRKHCCDIALEYGATDIINYKNGDIVEQILKATDGKGVDKVV
IAGGDVHTFAQAVKMIKPGSDIGNVNYLGEGDNIPIPRSEWGVGMGHKHIHGGLTPGGRVRMEKLASLISTGKLDTSKLI
THRFEGLEKVEDALMLMKNKPADLIKPVVRIHYDDEDTLH
;
_entity_poly.pdbx_strand_id   A,B,C,D
#
# COMPACT_ATOMS: atom_id res chain seq x y z
N MET A 1 44.95 2.79 -16.27
CA MET A 1 44.21 4.08 -16.05
C MET A 1 44.33 4.50 -14.60
N LYS A 2 44.24 5.80 -14.34
CA LYS A 2 44.37 6.30 -12.96
C LYS A 2 43.02 6.36 -12.27
N GLY A 3 43.03 6.01 -10.99
CA GLY A 3 41.82 6.15 -10.15
C GLY A 3 42.22 6.49 -8.72
N LEU A 4 41.32 7.13 -7.98
CA LEU A 4 41.59 7.48 -6.59
C LEU A 4 40.94 6.39 -5.74
N ALA A 5 41.76 5.68 -4.94
CA ALA A 5 41.33 4.45 -4.25
C ALA A 5 41.43 4.50 -2.73
N MET A 6 40.62 3.67 -2.06
CA MET A 6 40.82 3.31 -0.66
C MET A 6 41.87 2.21 -0.65
N LEU A 7 43.04 2.53 -0.11
CA LEU A 7 44.14 1.58 -0.08
C LEU A 7 44.06 0.70 1.17
N GLY A 8 43.38 1.21 2.18
CA GLY A 8 43.18 0.49 3.44
C GLY A 8 42.34 1.39 4.30
N ILE A 9 41.84 0.90 5.43
CA ILE A 9 41.14 1.76 6.38
C ILE A 9 42.07 2.94 6.71
N GLY A 10 41.53 4.15 6.52
CA GLY A 10 42.29 5.38 6.81
C GLY A 10 43.31 5.86 5.78
N ARG A 11 43.35 5.27 4.59
CA ARG A 11 44.38 5.59 3.58
C ARG A 11 43.79 5.69 2.18
N ILE A 12 44.06 6.80 1.49
CA ILE A 12 43.64 6.95 0.10
C ILE A 12 44.80 7.41 -0.75
N GLY A 13 44.76 7.07 -2.04
CA GLY A 13 45.78 7.52 -2.97
C GLY A 13 45.46 7.08 -4.39
N TRP A 14 46.17 7.66 -5.34
CA TRP A 14 46.00 7.31 -6.75
C TRP A 14 46.70 6.00 -7.07
N ILE A 15 46.00 5.13 -7.78
CA ILE A 15 46.57 3.85 -8.24
C ILE A 15 46.27 3.65 -9.73
N GLU A 16 46.91 2.64 -10.33
CA GLU A 16 46.66 2.27 -11.73
C GLU A 16 45.92 0.94 -11.75
N LYS A 17 44.88 0.88 -12.57
CA LYS A 17 44.05 -0.30 -12.71
C LYS A 17 43.87 -0.51 -14.21
N LYS A 18 43.67 -1.76 -14.61
CA LYS A 18 43.40 -2.05 -16.01
C LYS A 18 42.03 -1.49 -16.37
N ILE A 19 41.90 -1.06 -17.62
CA ILE A 19 40.59 -0.68 -18.12
C ILE A 19 39.66 -1.88 -17.99
N PRO A 20 38.47 -1.69 -17.39
CA PRO A 20 37.61 -2.85 -17.11
C PRO A 20 37.11 -3.53 -18.38
N GLU A 21 36.90 -4.84 -18.31
CA GLU A 21 36.36 -5.63 -19.40
C GLU A 21 34.90 -5.23 -19.61
N CYS A 22 34.49 -5.14 -20.86
CA CYS A 22 33.15 -4.73 -21.21
C CYS A 22 32.43 -5.93 -21.81
N GLY A 23 31.52 -6.50 -21.03
CA GLY A 23 30.71 -7.64 -21.46
C GLY A 23 29.53 -7.18 -22.29
N PRO A 24 28.75 -8.14 -22.82
CA PRO A 24 27.67 -7.88 -23.78
C PRO A 24 26.64 -6.83 -23.34
N LEU A 25 26.32 -6.79 -22.05
CA LEU A 25 25.33 -5.86 -21.55
C LEU A 25 25.92 -4.58 -20.95
N ASP A 26 27.25 -4.48 -20.90
CA ASP A 26 27.91 -3.41 -20.13
C ASP A 26 28.23 -2.18 -20.98
N ALA A 27 28.63 -1.11 -20.30
CA ALA A 27 29.22 0.07 -20.97
C ALA A 27 30.42 0.55 -20.19
N LEU A 28 31.39 1.12 -20.90
CA LEU A 28 32.48 1.79 -20.26
C LEU A 28 32.24 3.29 -20.40
N VAL A 29 32.49 4.04 -19.33
CA VAL A 29 32.10 5.45 -19.24
C VAL A 29 33.28 6.28 -18.75
N ARG A 30 33.50 7.46 -19.35
CA ARG A 30 34.48 8.42 -18.83
C ARG A 30 33.75 9.55 -18.10
N PRO A 31 34.28 10.01 -16.94
CA PRO A 31 33.53 11.05 -16.20
C PRO A 31 33.61 12.45 -16.81
N LEU A 32 32.47 13.16 -16.78
CA LEU A 32 32.36 14.57 -17.18
C LEU A 32 32.12 15.47 -15.98
N ALA A 33 31.42 14.96 -14.97
CA ALA A 33 31.28 15.71 -13.72
C ALA A 33 31.19 14.68 -12.59
N LEU A 34 31.86 14.98 -11.48
CA LEU A 34 31.94 14.03 -10.35
C LEU A 34 31.67 14.76 -9.07
N ALA A 35 31.16 14.06 -8.06
CA ALA A 35 31.03 14.65 -6.71
C ALA A 35 31.43 13.62 -5.66
N PRO A 36 32.02 14.06 -4.53
CA PRO A 36 32.33 13.18 -3.40
C PRO A 36 31.17 13.10 -2.41
N CYS A 37 31.16 12.03 -1.60
CA CYS A 37 30.06 11.75 -0.69
C CYS A 37 30.59 11.49 0.70
N THR A 38 29.87 11.95 1.70
CA THR A 38 30.12 11.61 3.10
C THR A 38 30.24 10.10 3.30
N SER A 39 29.47 9.33 2.54
CA SER A 39 29.52 7.87 2.69
C SER A 39 30.93 7.36 2.53
N ASP A 40 31.66 7.89 1.56
CA ASP A 40 33.02 7.42 1.34
C ASP A 40 33.97 7.77 2.48
N THR A 41 33.67 8.85 3.22
CA THR A 41 34.43 9.14 4.43
C THR A 41 34.16 8.09 5.53
N HIS A 42 32.91 7.64 5.68
CA HIS A 42 32.59 6.55 6.63
C HIS A 42 33.34 5.28 6.22
N THR A 43 33.26 4.96 4.93
CA THR A 43 33.90 3.74 4.40
C THR A 43 35.41 3.75 4.64
N VAL A 44 36.07 4.86 4.31
CA VAL A 44 37.53 4.94 4.43
C VAL A 44 38.01 5.14 5.88
N TRP A 45 37.51 6.18 6.55
CA TRP A 45 38.12 6.52 7.84
C TRP A 45 37.46 5.85 9.05
N ALA A 46 36.20 5.43 8.89
CA ALA A 46 35.48 4.72 9.96
C ALA A 46 35.50 3.20 9.76
N GLY A 47 35.83 2.74 8.56
CA GLY A 47 35.78 1.31 8.23
C GLY A 47 34.39 0.71 8.39
N ALA A 48 33.37 1.55 8.17
CA ALA A 48 31.96 1.26 8.47
C ALA A 48 31.36 0.06 7.73
N ILE A 49 31.96 -0.32 6.60
CA ILE A 49 31.50 -1.50 5.85
C ILE A 49 32.64 -2.49 5.56
N GLY A 50 33.64 -2.50 6.45
CA GLY A 50 34.76 -3.42 6.38
C GLY A 50 35.95 -2.87 5.63
N ASP A 51 37.10 -3.52 5.79
CA ASP A 51 38.34 -3.12 5.12
C ASP A 51 38.22 -3.38 3.62
N ARG A 52 38.98 -2.59 2.85
CA ARG A 52 39.11 -2.78 1.41
C ARG A 52 40.54 -2.52 1.04
N HIS A 53 40.96 -3.09 -0.07
CA HIS A 53 42.24 -2.72 -0.66
CA HIS A 53 42.23 -2.73 -0.65
C HIS A 53 42.01 -2.48 -2.14
N ASP A 54 42.64 -1.41 -2.62
CA ASP A 54 42.64 -0.97 -4.01
CA ASP A 54 42.64 -1.03 -4.03
C ASP A 54 41.29 -0.70 -4.65
N MET A 55 40.30 -0.32 -3.83
CA MET A 55 38.96 0.00 -4.36
C MET A 55 38.86 1.46 -4.77
N ILE A 56 38.61 1.69 -6.05
CA ILE A 56 38.39 3.05 -6.54
C ILE A 56 37.13 3.67 -5.93
N LEU A 57 37.22 4.95 -5.55
CA LEU A 57 36.17 5.58 -4.76
C LEU A 57 35.18 6.33 -5.64
N GLY A 58 34.12 6.86 -5.03
CA GLY A 58 33.12 7.66 -5.74
C GLY A 58 31.97 6.91 -6.37
N HIS A 59 30.79 7.51 -6.32
CA HIS A 59 29.59 6.91 -6.88
C HIS A 59 28.58 7.95 -7.38
N GLU A 60 29.08 9.13 -7.75
CA GLU A 60 28.25 10.20 -8.27
C GLU A 60 28.94 10.75 -9.51
N ALA A 61 28.34 10.50 -10.68
CA ALA A 61 28.95 10.90 -11.97
C ALA A 61 27.89 11.21 -13.01
N VAL A 62 28.22 12.18 -13.87
CA VAL A 62 27.62 12.33 -15.20
C VAL A 62 28.79 11.98 -16.11
N GLY A 63 28.55 11.17 -17.13
CA GLY A 63 29.67 10.66 -17.90
C GLY A 63 29.36 10.54 -19.36
N GLN A 64 30.35 10.07 -20.10
CA GLN A 64 30.21 9.89 -21.54
C GLN A 64 30.58 8.45 -21.90
N ILE A 65 29.73 7.78 -22.66
CA ILE A 65 30.02 6.40 -23.12
C ILE A 65 31.25 6.34 -24.02
N VAL A 66 32.21 5.46 -23.67
CA VAL A 66 33.41 5.23 -24.51
C VAL A 66 33.40 3.83 -25.15
N LYS A 67 32.59 2.91 -24.62
CA LYS A 67 32.48 1.57 -25.20
C LYS A 67 31.17 0.95 -24.79
N VAL A 68 30.50 0.24 -25.69
CA VAL A 68 29.30 -0.52 -25.29
C VAL A 68 29.43 -1.98 -25.69
N GLY A 69 28.82 -2.87 -24.90
CA GLY A 69 28.83 -4.29 -25.25
C GLY A 69 27.96 -4.63 -26.44
N SER A 70 28.12 -5.83 -26.95
CA SER A 70 27.46 -6.24 -28.19
C SER A 70 25.94 -6.30 -28.12
N LEU A 71 25.37 -6.33 -26.90
CA LEU A 71 23.91 -6.42 -26.77
C LEU A 71 23.27 -5.15 -26.24
N VAL A 72 24.04 -4.07 -26.22
CA VAL A 72 23.55 -2.77 -25.76
C VAL A 72 22.75 -2.16 -26.91
N LYS A 73 21.50 -1.78 -26.63
CA LYS A 73 20.58 -1.32 -27.69
C LYS A 73 20.18 0.15 -27.60
N ARG A 74 20.31 0.76 -26.41
CA ARG A 74 19.74 2.07 -26.17
C ARG A 74 20.81 3.16 -26.16
N LEU A 75 22.07 2.74 -26.15
CA LEU A 75 23.18 3.65 -25.92
C LEU A 75 24.21 3.51 -26.99
N LYS A 76 24.93 4.58 -27.27
CA LYS A 76 26.03 4.49 -28.20
C LYS A 76 27.25 5.26 -27.70
N VAL A 77 28.42 4.87 -28.18
CA VAL A 77 29.66 5.59 -27.88
C VAL A 77 29.46 7.10 -28.16
N GLY A 78 29.87 7.94 -27.21
CA GLY A 78 29.64 9.38 -27.34
C GLY A 78 28.47 9.94 -26.55
N ASP A 79 27.48 9.11 -26.24
CA ASP A 79 26.30 9.53 -25.47
C ASP A 79 26.67 10.02 -24.07
N LYS A 80 26.00 11.08 -23.63
CA LYS A 80 26.24 11.66 -22.32
C LYS A 80 25.13 11.16 -21.38
N VAL A 81 25.52 10.70 -20.19
CA VAL A 81 24.59 9.96 -19.34
C VAL A 81 24.69 10.41 -17.89
N ILE A 82 23.59 10.23 -17.17
CA ILE A 82 23.52 10.39 -15.74
C ILE A 82 23.74 8.99 -15.16
N VAL A 83 24.75 8.86 -14.32
CA VAL A 83 25.04 7.55 -13.74
C VAL A 83 24.47 7.47 -12.33
N PRO A 84 23.52 6.54 -12.07
CA PRO A 84 22.98 6.45 -10.70
C PRO A 84 24.01 5.81 -9.78
N ALA A 85 24.05 6.19 -8.49
CA ALA A 85 24.98 5.56 -7.56
C ALA A 85 24.69 4.06 -7.46
N ILE A 86 23.39 3.71 -7.59
CA ILE A 86 22.90 2.32 -7.47
C ILE A 86 22.61 1.82 -8.86
N THR A 87 23.26 0.71 -9.21
CA THR A 87 23.17 0.13 -10.55
C THR A 87 22.81 -1.36 -10.36
N PRO A 88 21.51 -1.65 -10.18
CA PRO A 88 21.09 -3.01 -9.83
C PRO A 88 21.37 -4.10 -10.90
N ASP A 89 21.36 -5.33 -10.45
CA ASP A 89 21.30 -6.51 -11.33
C ASP A 89 19.81 -6.81 -11.38
N TRP A 90 19.16 -6.38 -12.45
CA TRP A 90 17.68 -6.32 -12.47
C TRP A 90 16.93 -7.67 -12.44
N GLY A 91 17.62 -8.77 -12.76
CA GLY A 91 16.99 -10.10 -12.74
C GLY A 91 17.25 -10.90 -11.47
N GLU A 92 18.02 -10.35 -10.53
CA GLU A 92 18.31 -11.08 -9.28
C GLU A 92 17.06 -11.17 -8.40
N GLU A 93 17.07 -12.10 -7.45
CA GLU A 93 15.90 -12.35 -6.59
C GLU A 93 15.34 -11.08 -5.97
N GLU A 94 16.20 -10.28 -5.34
CA GLU A 94 15.75 -9.05 -4.68
C GLU A 94 15.03 -8.08 -5.61
N SER A 95 15.56 -7.89 -6.82
CA SER A 95 14.89 -7.07 -7.83
C SER A 95 13.50 -7.59 -8.19
N GLN A 96 13.35 -8.91 -8.35
CA GLN A 96 12.08 -9.51 -8.70
C GLN A 96 11.04 -9.34 -7.61
N ARG A 97 11.49 -9.20 -6.36
CA ARG A 97 10.55 -8.97 -5.25
C ARG A 97 10.48 -7.51 -4.74
N GLY A 98 10.89 -6.60 -5.62
CA GLY A 98 10.73 -5.17 -5.45
C GLY A 98 11.79 -4.36 -4.73
N TYR A 99 12.97 -4.94 -4.53
CA TYR A 99 14.10 -4.31 -3.84
C TYR A 99 15.39 -4.45 -4.66
N PRO A 100 15.43 -3.83 -5.86
CA PRO A 100 16.58 -4.01 -6.73
C PRO A 100 17.85 -3.40 -6.17
N MET A 101 17.73 -2.46 -5.21
CA MET A 101 18.94 -1.90 -4.58
C MET A 101 19.65 -2.93 -3.74
N HIS A 102 18.98 -4.06 -3.48
CA HIS A 102 19.60 -5.17 -2.74
C HIS A 102 19.86 -6.38 -3.62
N SER A 103 20.06 -6.16 -4.92
CA SER A 103 20.27 -7.26 -5.85
C SER A 103 21.55 -8.02 -5.54
N GLY A 104 21.42 -9.32 -5.28
CA GLY A 104 22.61 -10.13 -4.93
C GLY A 104 22.86 -10.20 -3.43
N GLY A 105 22.10 -9.45 -2.64
CA GLY A 105 22.28 -9.43 -1.18
C GLY A 105 22.24 -8.01 -0.65
N MET A 106 22.21 -7.85 0.66
CA MET A 106 22.00 -6.51 1.25
C MET A 106 23.03 -5.49 0.75
N LEU A 107 22.50 -4.37 0.25
CA LEU A 107 23.26 -3.25 -0.37
C LEU A 107 23.93 -3.61 -1.70
N GLY A 108 23.51 -4.75 -2.27
CA GLY A 108 24.16 -5.32 -3.45
C GLY A 108 24.01 -4.48 -4.69
N GLY A 109 22.96 -3.67 -4.76
CA GLY A 109 22.77 -2.76 -5.88
C GLY A 109 23.66 -1.51 -5.80
N TRP A 110 24.18 -1.23 -4.60
CA TRP A 110 25.17 -0.17 -4.44
C TRP A 110 26.55 -0.79 -4.65
N LYS A 111 27.05 -0.68 -5.88
CA LYS A 111 28.30 -1.34 -6.26
C LYS A 111 29.49 -0.39 -6.13
N PHE A 112 29.40 0.72 -6.87
CA PHE A 112 30.45 1.75 -6.91
C PHE A 112 30.86 2.20 -5.50
N SER A 113 32.14 2.03 -5.16
CA SER A 113 32.73 2.42 -3.86
C SER A 113 32.09 1.71 -2.66
N ASN A 114 31.28 0.69 -2.93
CA ASN A 114 30.91 -0.30 -1.89
C ASN A 114 31.84 -1.54 -2.00
N PHE A 115 31.69 -2.30 -3.08
CA PHE A 115 32.54 -3.45 -3.32
C PHE A 115 33.08 -3.50 -4.76
N LYS A 116 32.67 -2.53 -5.59
CA LYS A 116 33.12 -2.41 -7.00
C LYS A 116 33.86 -1.10 -7.15
N ASP A 117 34.86 -1.07 -8.03
CA ASP A 117 35.55 0.18 -8.32
C ASP A 117 34.53 1.23 -8.75
N GLY A 118 34.63 2.41 -8.15
CA GLY A 118 33.66 3.49 -8.37
C GLY A 118 34.08 4.40 -9.51
N VAL A 119 33.61 5.63 -9.47
CA VAL A 119 33.59 6.53 -10.62
C VAL A 119 34.77 7.50 -10.65
N PHE A 120 35.64 7.49 -9.63
CA PHE A 120 36.79 8.42 -9.59
C PHE A 120 37.97 7.86 -10.39
N SER A 121 37.75 7.57 -11.67
CA SER A 121 38.84 7.08 -12.50
C SER A 121 38.60 7.52 -13.93
N GLU A 122 39.61 7.36 -14.76
CA GLU A 122 39.53 7.81 -16.15
C GLU A 122 38.44 7.13 -16.96
N VAL A 123 38.15 5.87 -16.64
CA VAL A 123 37.07 5.11 -17.26
C VAL A 123 36.51 4.24 -16.13
N PHE A 124 35.20 4.08 -16.09
CA PHE A 124 34.60 3.13 -15.16
C PHE A 124 33.57 2.25 -15.86
N HIS A 125 33.11 1.21 -15.14
CA HIS A 125 32.33 0.17 -15.72
C HIS A 125 30.90 0.23 -15.17
N VAL A 126 29.92 0.11 -16.06
CA VAL A 126 28.52 0.06 -15.66
C VAL A 126 27.90 -1.27 -16.10
N ASN A 127 27.38 -2.05 -15.15
CA ASN A 127 26.68 -3.31 -15.50
C ASN A 127 25.26 -3.02 -16.00
N GLU A 128 24.74 -3.88 -16.88
CA GLU A 128 23.36 -3.69 -17.41
C GLU A 128 23.11 -2.24 -17.85
N ALA A 129 23.94 -1.76 -18.77
CA ALA A 129 23.97 -0.35 -19.11
C ALA A 129 22.64 0.22 -19.67
N ASP A 130 21.92 -0.54 -20.50
CA ASP A 130 20.64 -0.07 -21.01
C ASP A 130 19.69 0.21 -19.87
N ALA A 131 19.75 -0.64 -18.83
CA ALA A 131 18.81 -0.53 -17.73
C ALA A 131 19.27 0.53 -16.74
N ASN A 132 20.58 0.74 -16.64
CA ASN A 132 21.15 1.55 -15.58
C ASN A 132 21.65 2.96 -15.92
N LEU A 133 21.65 3.34 -17.20
CA LEU A 133 22.10 4.70 -17.58
C LEU A 133 20.98 5.52 -18.26
N ALA A 134 20.76 6.74 -17.75
CA ALA A 134 19.77 7.66 -18.34
C ALA A 134 20.53 8.60 -19.23
N LEU A 135 20.00 8.92 -20.39
CA LEU A 135 20.59 9.99 -21.19
C LEU A 135 20.49 11.35 -20.47
N LEU A 136 21.55 12.16 -20.54
CA LEU A 136 21.55 13.51 -19.95
C LEU A 136 20.66 14.44 -20.79
N PRO A 137 19.56 14.96 -20.21
CA PRO A 137 18.73 15.89 -20.98
C PRO A 137 19.51 17.15 -21.38
N ARG A 138 19.27 17.65 -22.59
CA ARG A 138 20.02 18.79 -23.11
C ARG A 138 19.86 20.07 -22.25
N ASP A 139 18.78 20.17 -21.47
CA ASP A 139 18.51 21.36 -20.67
C ASP A 139 18.98 21.25 -19.20
N ILE A 140 19.82 20.25 -18.90
CA ILE A 140 20.38 20.12 -17.54
C ILE A 140 21.91 20.19 -17.59
N LYS A 141 22.48 21.08 -16.77
CA LYS A 141 23.94 21.20 -16.70
C LYS A 141 24.53 19.96 -16.06
N PRO A 142 25.66 19.47 -16.59
CA PRO A 142 26.26 18.30 -15.94
C PRO A 142 26.38 18.42 -14.42
N GLU A 143 26.76 19.59 -13.93
CA GLU A 143 26.99 19.80 -12.51
C GLU A 143 25.69 19.69 -11.72
N ASP A 144 24.60 20.20 -12.29
CA ASP A 144 23.29 20.03 -11.65
C ASP A 144 22.81 18.58 -11.72
N ALA A 145 23.10 17.91 -12.84
CA ALA A 145 22.65 16.54 -13.02
C ALA A 145 23.36 15.54 -12.10
N VAL A 146 24.62 15.82 -11.73
CA VAL A 146 25.37 14.88 -10.89
C VAL A 146 24.77 14.76 -9.48
N MET A 147 23.97 15.77 -9.12
CA MET A 147 23.24 15.72 -7.83
C MET A 147 22.11 14.71 -7.86
N LEU A 148 21.65 14.33 -9.05
CA LEU A 148 20.65 13.25 -9.20
C LEU A 148 21.13 11.85 -8.78
N SER A 149 22.41 11.57 -8.95
CA SER A 149 22.97 10.21 -8.83
C SER A 149 22.74 9.62 -7.45
N ASP A 150 22.82 10.48 -6.45
CA ASP A 150 22.83 10.06 -5.04
C ASP A 150 22.06 11.10 -4.21
N MET A 151 22.35 12.39 -4.34
CA MET A 151 21.76 13.35 -3.38
C MET A 151 20.25 13.48 -3.51
N VAL A 152 19.78 13.76 -4.72
CA VAL A 152 18.33 13.90 -4.93
C VAL A 152 17.62 12.57 -4.67
N THR A 153 18.12 11.48 -5.25
CA THR A 153 17.46 10.18 -5.12
C THR A 153 17.43 9.67 -3.67
N THR A 154 18.52 9.82 -2.94
CA THR A 154 18.55 9.37 -1.54
C THR A 154 17.68 10.27 -0.66
N GLY A 155 17.82 11.58 -0.84
CA GLY A 155 17.01 12.54 -0.10
C GLY A 155 15.52 12.31 -0.32
N PHE A 156 15.11 12.20 -1.58
CA PHE A 156 13.71 11.89 -1.90
C PHE A 156 13.31 10.55 -1.33
N HIS A 157 14.21 9.55 -1.36
CA HIS A 157 13.87 8.24 -0.78
C HIS A 157 13.60 8.31 0.73
N GLY A 158 14.31 9.18 1.44
CA GLY A 158 14.01 9.43 2.89
C GLY A 158 12.56 9.91 3.03
N ALA A 159 12.16 10.81 2.16
CA ALA A 159 10.79 11.31 2.15
C ALA A 159 9.78 10.22 1.78
N GLU A 160 10.14 9.36 0.81
CA GLU A 160 9.27 8.24 0.42
C GLU A 160 9.11 7.24 1.57
N LEU A 161 10.22 6.89 2.23
CA LEU A 161 10.16 5.92 3.33
C LEU A 161 9.35 6.48 4.50
N ALA A 162 9.38 7.81 4.67
CA ALA A 162 8.63 8.48 5.73
C ALA A 162 7.13 8.55 5.42
N ASN A 163 6.71 8.07 4.24
CA ASN A 163 5.29 7.89 3.93
C ASN A 163 4.53 9.21 4.07
N ILE A 164 5.15 10.26 3.55
CA ILE A 164 4.65 11.61 3.75
C ILE A 164 3.36 11.77 2.95
N LYS A 165 2.34 12.33 3.61
CA LYS A 165 1.01 12.58 2.99
C LYS A 165 0.72 14.06 2.88
N LEU A 166 -0.28 14.41 2.06
CA LEU A 166 -0.65 15.81 1.82
C LEU A 166 -1.03 16.50 3.11
N GLY A 167 -0.36 17.63 3.36
CA GLY A 167 -0.56 18.43 4.57
C GLY A 167 0.13 17.96 5.84
N ASP A 168 0.90 16.86 5.75
CA ASP A 168 1.60 16.32 6.93
C ASP A 168 2.60 17.33 7.49
N THR A 169 2.74 17.33 8.82
CA THR A 169 3.79 18.10 9.45
C THR A 169 4.97 17.12 9.58
N VAL A 170 6.14 17.53 9.10
CA VAL A 170 7.24 16.60 8.93
C VAL A 170 8.45 17.20 9.63
N CYS A 171 9.30 16.33 10.18
CA CYS A 171 10.63 16.78 10.64
C CYS A 171 11.70 16.05 9.84
N VAL A 172 12.66 16.80 9.29
CA VAL A 172 13.86 16.20 8.69
C VAL A 172 15.03 16.43 9.64
N ILE A 173 15.63 15.35 10.13
CA ILE A 173 16.77 15.48 11.05
C ILE A 173 18.05 15.25 10.28
N GLY A 174 18.83 16.32 10.12
CA GLY A 174 20.11 16.26 9.45
C GLY A 174 19.92 16.93 8.12
N ILE A 175 20.61 18.05 7.92
CA ILE A 175 20.43 18.89 6.75
CA ILE A 175 20.42 18.78 6.66
C ILE A 175 21.73 19.06 5.93
N GLY A 176 22.49 17.99 5.73
CA GLY A 176 23.54 18.04 4.73
C GLY A 176 22.86 18.02 3.37
N PRO A 177 23.61 17.80 2.30
CA PRO A 177 22.98 17.75 0.97
C PRO A 177 21.86 16.71 0.86
N VAL A 178 21.99 15.55 1.49
CA VAL A 178 20.91 14.55 1.45
C VAL A 178 19.69 15.06 2.17
N GLY A 179 19.87 15.58 3.39
CA GLY A 179 18.74 16.13 4.15
C GLY A 179 18.02 17.28 3.46
N LEU A 180 18.79 18.13 2.80
CA LEU A 180 18.19 19.24 2.03
C LEU A 180 17.28 18.67 0.95
N MET A 181 17.72 17.56 0.35
CA MET A 181 16.92 16.91 -0.67
C MET A 181 15.73 16.18 -0.05
N SER A 182 15.86 15.78 1.22
CA SER A 182 14.70 15.22 1.96
C SER A 182 13.66 16.29 2.29
N VAL A 183 14.13 17.51 2.60
CA VAL A 183 13.26 18.66 2.69
C VAL A 183 12.56 18.89 1.36
N ALA A 184 13.33 18.95 0.27
CA ALA A 184 12.73 19.17 -1.05
C ALA A 184 11.76 18.02 -1.40
N GLY A 185 12.14 16.78 -1.10
CA GLY A 185 11.30 15.60 -1.33
C GLY A 185 9.99 15.68 -0.55
N ALA A 186 10.08 15.98 0.75
CA ALA A 186 8.89 16.14 1.58
C ALA A 186 7.96 17.23 1.03
N ASN A 187 8.51 18.34 0.57
CA ASN A 187 7.72 19.39 -0.06
C ASN A 187 7.02 18.95 -1.35
N HIS A 188 7.72 18.12 -2.14
CA HIS A 188 7.17 17.53 -3.37
C HIS A 188 6.24 16.34 -3.10
N LEU A 189 6.12 15.89 -1.85
CA LEU A 189 5.14 14.87 -1.49
C LEU A 189 3.94 15.50 -0.76
N GLY A 190 3.97 16.81 -0.57
CA GLY A 190 2.77 17.53 -0.12
C GLY A 190 2.82 17.96 1.33
N ALA A 191 4.00 17.87 1.95
CA ALA A 191 4.11 18.31 3.36
C ALA A 191 3.84 19.80 3.52
N GLY A 192 3.24 20.15 4.65
CA GLY A 192 2.90 21.53 4.98
C GLY A 192 4.02 22.09 5.85
N ARG A 193 3.86 21.99 7.15
CA ARG A 193 4.91 22.48 8.03
C ARG A 193 6.07 21.48 7.97
N ILE A 194 7.29 21.99 7.74
CA ILE A 194 8.47 21.13 7.72
C ILE A 194 9.53 21.69 8.67
N PHE A 195 9.84 20.94 9.75
CA PHE A 195 10.94 21.29 10.66
C PHE A 195 12.21 20.69 10.08
N ALA A 196 13.29 21.46 10.10
CA ALA A 196 14.59 21.00 9.58
C ALA A 196 15.59 21.15 10.72
N VAL A 197 16.09 20.02 11.23
CA VAL A 197 17.00 20.03 12.35
C VAL A 197 18.43 20.05 11.80
N GLY A 198 19.10 21.17 11.99
CA GLY A 198 20.50 21.30 11.58
C GLY A 198 21.12 22.46 12.33
N SER A 199 22.44 22.58 12.22
CA SER A 199 23.12 23.67 12.91
C SER A 199 24.19 24.39 12.08
N ARG A 200 24.65 23.77 10.98
CA ARG A 200 25.56 24.47 10.07
C ARG A 200 24.73 25.56 9.40
N LYS A 201 25.13 26.83 9.59
CA LYS A 201 24.31 27.97 9.19
C LYS A 201 23.85 27.91 7.74
N HIS A 202 24.80 27.71 6.82
CA HIS A 202 24.43 27.78 5.41
C HIS A 202 23.42 26.70 5.02
N CYS A 203 23.57 25.52 5.61
CA CYS A 203 22.61 24.43 5.42
C CYS A 203 21.20 24.81 5.85
N CYS A 204 21.10 25.44 7.02
CA CYS A 204 19.83 25.95 7.54
C CYS A 204 19.18 26.97 6.60
N ASP A 205 19.97 27.93 6.13
CA ASP A 205 19.43 28.96 5.26
C ASP A 205 18.89 28.30 3.99
N ILE A 206 19.66 27.38 3.42
CA ILE A 206 19.24 26.68 2.19
C ILE A 206 17.99 25.80 2.38
N ALA A 207 17.85 25.20 3.57
CA ALA A 207 16.65 24.40 3.84
C ALA A 207 15.36 25.22 3.67
N LEU A 208 15.36 26.46 4.15
CA LEU A 208 14.23 27.37 3.96
C LEU A 208 13.94 27.62 2.48
N GLU A 209 14.95 27.54 1.63
CA GLU A 209 14.70 27.72 0.19
C GLU A 209 14.08 26.50 -0.48
N TYR A 210 14.13 25.34 0.17
CA TYR A 210 13.63 24.10 -0.44
C TYR A 210 12.27 23.67 0.12
N GLY A 211 11.70 24.51 0.98
CA GLY A 211 10.39 24.26 1.52
C GLY A 211 10.32 24.02 3.02
N ALA A 212 11.47 24.03 3.72
CA ALA A 212 11.40 24.05 5.21
C ALA A 212 10.64 25.27 5.70
N THR A 213 9.92 25.13 6.82
CA THR A 213 9.24 26.27 7.41
C THR A 213 9.82 26.66 8.75
N ASP A 214 10.50 25.72 9.42
CA ASP A 214 10.96 25.91 10.80
C ASP A 214 12.33 25.28 10.97
N ILE A 215 13.38 26.10 11.08
CA ILE A 215 14.71 25.59 11.40
C ILE A 215 14.81 25.31 12.89
N ILE A 216 15.24 24.10 13.24
CA ILE A 216 15.45 23.73 14.64
C ILE A 216 16.95 23.54 14.87
N ASN A 217 17.52 24.50 15.60
CA ASN A 217 18.94 24.52 15.90
C ASN A 217 19.14 24.10 17.35
N TYR A 218 19.92 23.05 17.58
CA TYR A 218 20.18 22.55 18.96
C TYR A 218 20.73 23.58 19.94
N LYS A 219 21.37 24.64 19.42
CA LYS A 219 21.91 25.67 20.31
C LYS A 219 20.80 26.42 21.02
N ASN A 220 19.57 26.27 20.53
CA ASN A 220 18.41 26.80 21.24
C ASN A 220 17.82 25.85 22.28
N GLY A 221 18.44 24.69 22.50
CA GLY A 221 17.94 23.72 23.49
C GLY A 221 17.65 22.37 22.87
N ASP A 222 17.31 21.40 23.71
CA ASP A 222 17.06 20.05 23.22
C ASP A 222 16.10 20.08 22.02
N ILE A 223 16.48 19.46 20.91
CA ILE A 223 15.68 19.54 19.68
C ILE A 223 14.32 18.84 19.78
N VAL A 224 14.25 17.76 20.56
CA VAL A 224 12.95 17.10 20.82
C VAL A 224 12.01 18.03 21.59
N GLU A 225 12.51 18.63 22.67
CA GLU A 225 11.73 19.59 23.44
C GLU A 225 11.26 20.76 22.56
N GLN A 226 12.13 21.25 21.69
CA GLN A 226 11.78 22.35 20.80
C GLN A 226 10.61 22.01 19.88
N ILE A 227 10.64 20.81 19.31
CA ILE A 227 9.61 20.37 18.37
C ILE A 227 8.31 20.05 19.10
N LEU A 228 8.42 19.46 20.29
CA LEU A 228 7.22 19.23 21.12
C LEU A 228 6.57 20.53 21.56
N LYS A 229 7.38 21.51 21.95
CA LYS A 229 6.86 22.83 22.25
C LYS A 229 6.19 23.45 21.03
N ALA A 230 6.82 23.33 19.85
CA ALA A 230 6.30 23.95 18.63
C ALA A 230 4.99 23.31 18.17
N THR A 231 4.73 22.08 18.62
CA THR A 231 3.54 21.34 18.21
C THR A 231 2.60 21.14 19.42
N ASP A 232 2.70 22.04 20.41
CA ASP A 232 1.95 21.94 21.68
C ASP A 232 1.81 20.49 22.19
N GLY A 233 2.95 19.80 22.25
CA GLY A 233 3.06 18.49 22.84
C GLY A 233 2.60 17.34 21.98
N LYS A 234 2.06 17.62 20.79
CA LYS A 234 1.46 16.52 20.01
C LYS A 234 2.41 15.77 19.06
N GLY A 235 3.58 16.35 18.82
CA GLY A 235 4.59 15.72 17.98
C GLY A 235 4.30 15.98 16.51
N VAL A 236 5.16 15.45 15.63
CA VAL A 236 5.00 15.63 14.20
C VAL A 236 4.41 14.38 13.59
N ASP A 237 3.92 14.47 12.34
CA ASP A 237 3.28 13.33 11.67
C ASP A 237 4.27 12.29 11.19
N LYS A 238 5.34 12.75 10.55
CA LYS A 238 6.34 11.87 9.91
C LYS A 238 7.75 12.45 10.14
N VAL A 239 8.75 11.60 10.14
CA VAL A 239 10.14 12.02 10.37
C VAL A 239 11.06 11.38 9.34
N VAL A 240 11.95 12.19 8.75
CA VAL A 240 13.03 11.68 7.88
C VAL A 240 14.34 11.87 8.65
N ILE A 241 15.18 10.83 8.67
CA ILE A 241 16.49 10.93 9.28
C ILE A 241 17.49 10.89 8.15
N ALA A 242 18.24 11.97 8.01
CA ALA A 242 19.19 12.13 6.92
C ALA A 242 20.58 12.52 7.40
N GLY A 243 20.82 12.31 8.69
CA GLY A 243 22.12 12.63 9.27
C GLY A 243 22.10 12.26 10.73
N GLY A 244 23.15 12.61 11.45
CA GLY A 244 23.24 12.29 12.88
C GLY A 244 23.94 10.97 13.09
N ASP A 245 23.58 10.31 14.19
CA ASP A 245 24.23 9.05 14.55
C ASP A 245 23.18 8.04 15.00
N VAL A 246 23.60 6.92 15.59
CA VAL A 246 22.61 5.92 16.07
C VAL A 246 21.61 6.49 17.09
N HIS A 247 21.98 7.57 17.80
CA HIS A 247 21.09 8.10 18.84
C HIS A 247 20.00 9.01 18.30
N THR A 248 20.08 9.30 17.00
CA THR A 248 19.07 10.13 16.35
C THR A 248 17.73 9.43 16.27
N PHE A 249 17.74 8.09 16.25
CA PHE A 249 16.50 7.35 16.17
C PHE A 249 15.62 7.56 17.38
N ALA A 250 16.24 7.62 18.56
CA ALA A 250 15.48 7.90 19.79
C ALA A 250 14.82 9.27 19.74
N GLN A 251 15.51 10.26 19.15
CA GLN A 251 14.91 11.59 18.99
C GLN A 251 13.69 11.55 18.08
N ALA A 252 13.82 10.83 16.96
CA ALA A 252 12.69 10.65 16.02
C ALA A 252 11.48 10.03 16.70
N VAL A 253 11.71 8.97 17.48
CA VAL A 253 10.61 8.26 18.11
C VAL A 253 9.96 9.17 19.15
N LYS A 254 10.76 10.00 19.84
CA LYS A 254 10.20 10.85 20.90
C LYS A 254 9.40 12.04 20.36
N MET A 255 9.70 12.47 19.13
CA MET A 255 9.01 13.64 18.58
C MET A 255 7.82 13.29 17.68
N ILE A 256 7.63 12.01 17.37
CA ILE A 256 6.66 11.57 16.39
C ILE A 256 5.37 11.06 17.02
N LYS A 257 4.24 11.33 16.38
CA LYS A 257 2.95 10.81 16.86
C LYS A 257 2.91 9.28 16.73
N PRO A 258 1.99 8.60 17.48
CA PRO A 258 1.77 7.19 17.20
C PRO A 258 1.06 7.03 15.86
N GLY A 259 1.26 5.90 15.20
CA GLY A 259 0.71 5.71 13.85
C GLY A 259 1.39 6.61 12.84
N SER A 260 2.64 6.26 12.55
CA SER A 260 3.48 7.20 11.82
C SER A 260 4.64 6.45 11.25
N ASP A 261 5.52 7.18 10.54
CA ASP A 261 6.64 6.54 9.84
C ASP A 261 7.91 7.37 10.03
N ILE A 262 9.00 6.66 10.33
CA ILE A 262 10.35 7.25 10.39
C ILE A 262 11.11 6.68 9.21
N GLY A 263 11.53 7.55 8.29
CA GLY A 263 12.29 7.10 7.13
C GLY A 263 13.77 7.48 7.23
N ASN A 264 14.63 6.50 7.48
CA ASN A 264 16.05 6.79 7.60
C ASN A 264 16.78 6.49 6.29
N VAL A 265 17.65 7.42 5.88
CA VAL A 265 18.53 7.17 4.72
C VAL A 265 19.98 7.44 5.12
N ASN A 266 20.22 7.82 6.38
CA ASN A 266 21.59 8.00 6.85
C ASN A 266 22.35 6.68 6.95
N TYR A 267 23.54 6.67 6.35
CA TYR A 267 24.48 5.57 6.48
C TYR A 267 25.18 5.72 7.84
N LEU A 268 24.89 4.78 8.75
CA LEU A 268 25.40 4.83 10.12
C LEU A 268 26.78 4.20 10.25
N GLY A 269 27.75 5.02 10.62
CA GLY A 269 29.17 4.65 10.58
C GLY A 269 29.77 3.99 11.80
N GLU A 270 29.08 4.02 12.94
CA GLU A 270 29.61 3.41 14.14
C GLU A 270 28.53 3.19 15.18
N GLY A 271 28.84 2.38 16.19
CA GLY A 271 27.90 2.01 17.23
C GLY A 271 27.42 0.59 16.96
N ASP A 272 27.41 -0.24 17.99
CA ASP A 272 26.96 -1.62 17.82
C ASP A 272 25.46 -1.68 17.53
N ASN A 273 24.70 -0.84 18.24
CA ASN A 273 23.24 -0.89 18.28
C ASN A 273 22.60 0.47 18.13
N ILE A 274 21.45 0.51 17.48
CA ILE A 274 20.58 1.67 17.46
C ILE A 274 19.55 1.49 18.57
N PRO A 275 19.61 2.30 19.66
CA PRO A 275 18.65 2.13 20.74
C PRO A 275 17.30 2.78 20.43
N ILE A 276 16.23 2.01 20.52
CA ILE A 276 14.87 2.52 20.31
C ILE A 276 14.23 2.55 21.68
N PRO A 277 13.80 3.74 22.15
CA PRO A 277 13.29 3.84 23.54
C PRO A 277 11.98 3.07 23.73
N ARG A 278 12.00 2.11 24.63
CA ARG A 278 10.84 1.25 24.84
C ARG A 278 9.55 2.01 25.14
N SER A 279 9.56 2.89 26.15
CA SER A 279 8.32 3.59 26.53
C SER A 279 7.73 4.45 25.42
N GLU A 280 8.57 5.27 24.79
CA GLU A 280 8.12 6.17 23.71
C GLU A 280 7.76 5.47 22.42
N TRP A 281 8.21 4.23 22.29
CA TRP A 281 7.78 3.41 21.17
C TRP A 281 6.48 2.66 21.48
N GLY A 282 5.73 3.11 22.50
CA GLY A 282 4.45 2.49 22.80
C GLY A 282 4.60 1.12 23.39
N VAL A 283 5.68 0.93 24.14
CA VAL A 283 6.05 -0.37 24.71
C VAL A 283 5.91 -1.51 23.66
N GLY A 284 6.30 -1.22 22.42
CA GLY A 284 6.31 -2.22 21.35
C GLY A 284 5.10 -2.10 20.42
N MET A 285 4.18 -1.19 20.75
CA MET A 285 2.84 -1.18 20.15
C MET A 285 2.32 0.17 19.61
N GLY A 286 3.19 1.17 19.46
CA GLY A 286 2.75 2.54 19.11
C GLY A 286 2.56 2.77 17.61
N HIS A 287 2.73 1.74 16.79
CA HIS A 287 2.74 1.88 15.31
C HIS A 287 3.64 3.02 14.81
N LYS A 288 4.81 3.16 15.42
CA LYS A 288 5.79 4.12 14.93
C LYS A 288 6.73 3.29 14.05
N HIS A 289 6.39 3.22 12.77
CA HIS A 289 7.09 2.32 11.86
C HIS A 289 8.49 2.85 11.59
N ILE A 290 9.47 1.97 11.58
CA ILE A 290 10.86 2.42 11.42
C ILE A 290 11.41 1.83 10.14
N HIS A 291 11.82 2.71 9.23
CA HIS A 291 12.31 2.30 7.95
C HIS A 291 13.77 2.81 7.79
N GLY A 292 14.56 2.04 7.09
CA GLY A 292 15.96 2.44 6.89
C GLY A 292 16.36 1.83 5.58
N GLY A 293 16.56 2.67 4.56
CA GLY A 293 16.76 2.10 3.23
C GLY A 293 17.78 2.80 2.35
N LEU A 294 18.50 1.98 1.59
CA LEU A 294 19.34 2.40 0.47
C LEU A 294 18.56 2.95 -0.73
N THR A 295 19.06 4.01 -1.38
CA THR A 295 18.32 4.61 -2.50
C THR A 295 18.04 3.64 -3.65
N PRO A 296 16.88 3.79 -4.30
CA PRO A 296 16.70 3.24 -5.64
C PRO A 296 17.78 3.75 -6.60
N GLY A 297 17.95 3.05 -7.71
CA GLY A 297 18.83 3.49 -8.77
C GLY A 297 18.31 2.97 -10.11
N GLY A 298 19.19 2.89 -11.09
CA GLY A 298 18.78 2.58 -12.45
C GLY A 298 18.31 3.79 -13.23
N ARG A 299 17.95 3.57 -14.50
CA ARG A 299 17.76 4.71 -15.37
C ARG A 299 16.38 5.31 -15.14
N VAL A 300 15.40 4.49 -14.79
CA VAL A 300 14.06 5.05 -14.65
C VAL A 300 14.04 6.09 -13.52
N ARG A 301 14.62 5.74 -12.36
CA ARG A 301 14.74 6.63 -11.23
C ARG A 301 15.40 7.95 -11.63
N MET A 302 16.49 7.87 -12.40
CA MET A 302 17.17 9.08 -12.87
C MET A 302 16.31 9.89 -13.81
N GLU A 303 15.61 9.23 -14.73
CA GLU A 303 14.78 9.95 -15.72
C GLU A 303 13.62 10.69 -15.05
N LYS A 304 12.98 10.05 -14.07
CA LYS A 304 11.86 10.63 -13.28
C LYS A 304 12.33 11.88 -12.56
N LEU A 305 13.43 11.74 -11.81
CA LEU A 305 13.96 12.85 -11.01
C LEU A 305 14.46 13.98 -11.92
N ALA A 306 15.13 13.60 -13.00
CA ALA A 306 15.63 14.60 -13.96
C ALA A 306 14.48 15.42 -14.54
N SER A 307 13.30 14.82 -14.67
CA SER A 307 12.18 15.57 -15.25
CA SER A 307 12.16 15.55 -15.24
C SER A 307 11.75 16.70 -14.31
N LEU A 308 12.02 16.57 -13.01
CA LEU A 308 11.72 17.67 -12.08
C LEU A 308 12.63 18.86 -12.33
N ILE A 309 13.87 18.59 -12.72
CA ILE A 309 14.81 19.66 -13.06
C ILE A 309 14.40 20.31 -14.38
N SER A 310 14.12 19.48 -15.38
CA SER A 310 13.79 19.97 -16.74
C SER A 310 12.52 20.79 -16.80
N THR A 311 11.56 20.48 -15.92
CA THR A 311 10.30 21.23 -15.87
C THR A 311 10.38 22.45 -14.95
N GLY A 312 11.52 22.69 -14.31
CA GLY A 312 11.72 23.91 -13.49
C GLY A 312 11.17 23.78 -12.09
N LYS A 313 10.94 22.54 -11.68
CA LYS A 313 10.33 22.21 -10.37
C LYS A 313 11.33 21.74 -9.31
N LEU A 314 12.59 21.64 -9.67
CA LEU A 314 13.65 21.30 -8.72
C LEU A 314 14.95 21.96 -9.16
N ASP A 315 15.59 22.70 -8.25
CA ASP A 315 16.84 23.38 -8.53
C ASP A 315 17.92 22.79 -7.64
N THR A 316 18.80 21.98 -8.24
CA THR A 316 19.85 21.30 -7.48
C THR A 316 21.13 22.13 -7.40
N SER A 317 21.16 23.27 -8.11
CA SER A 317 22.36 24.10 -8.11
C SER A 317 22.67 24.68 -6.73
N LYS A 318 21.64 24.88 -5.89
CA LYS A 318 21.81 25.43 -4.53
C LYS A 318 22.67 24.52 -3.66
N LEU A 319 22.83 23.25 -4.05
CA LEU A 319 23.65 22.30 -3.30
C LEU A 319 25.13 22.49 -3.54
N ILE A 320 25.49 23.14 -4.65
CA ILE A 320 26.88 23.20 -5.08
C ILE A 320 27.58 24.40 -4.46
N THR A 321 28.55 24.13 -3.59
CA THR A 321 29.26 25.22 -2.92
C THR A 321 30.71 25.40 -3.38
N HIS A 322 31.28 24.36 -3.97
CA HIS A 322 32.69 24.34 -4.35
C HIS A 322 32.78 23.70 -5.72
N ARG A 323 33.52 24.35 -6.63
CA ARG A 323 33.69 23.86 -7.99
C ARG A 323 35.16 23.72 -8.34
N PHE A 324 35.54 22.55 -8.89
CA PHE A 324 36.93 22.24 -9.27
C PHE A 324 36.97 21.85 -10.75
N GLU A 325 38.15 21.91 -11.35
CA GLU A 325 38.32 21.40 -12.70
C GLU A 325 39.45 20.39 -12.68
N GLY A 326 39.22 19.25 -13.33
CA GLY A 326 40.29 18.27 -13.52
C GLY A 326 40.12 17.07 -12.62
N LEU A 327 40.37 15.90 -13.19
CA LEU A 327 40.18 14.64 -12.46
C LEU A 327 40.95 14.58 -11.14
N GLU A 328 42.16 15.15 -11.12
CA GLU A 328 43.00 15.12 -9.92
C GLU A 328 42.29 15.80 -8.75
N LYS A 329 41.42 16.76 -9.05
CA LYS A 329 40.75 17.50 -7.96
C LYS A 329 39.70 16.72 -7.17
N VAL A 330 39.34 15.51 -7.60
CA VAL A 330 38.43 14.67 -6.78
C VAL A 330 39.03 14.38 -5.41
N GLU A 331 40.38 14.32 -5.35
CA GLU A 331 41.00 14.10 -4.06
C GLU A 331 40.77 15.28 -3.12
N ASP A 332 41.00 16.49 -3.63
CA ASP A 332 40.68 17.73 -2.89
C ASP A 332 39.22 17.75 -2.47
N ALA A 333 38.33 17.42 -3.40
CA ALA A 333 36.90 17.44 -3.14
C ALA A 333 36.53 16.44 -2.06
N LEU A 334 37.12 15.24 -2.10
CA LEU A 334 36.77 14.23 -1.08
C LEU A 334 37.24 14.67 0.30
N MET A 335 38.42 15.29 0.35
CA MET A 335 38.97 15.81 1.63
C MET A 335 38.09 16.87 2.30
N LEU A 336 37.38 17.66 1.49
CA LEU A 336 36.37 18.59 2.01
C LEU A 336 35.25 17.89 2.74
N MET A 337 34.82 16.73 2.24
CA MET A 337 33.72 15.99 2.85
C MET A 337 34.11 15.44 4.20
N LYS A 338 35.42 15.19 4.35
CA LYS A 338 36.00 14.69 5.58
C LYS A 338 36.14 15.84 6.58
N ASN A 339 36.71 16.95 6.12
CA ASN A 339 36.96 18.12 7.00
C ASN A 339 35.75 19.02 7.34
N LYS A 340 34.79 19.11 6.41
CA LYS A 340 33.52 19.86 6.59
C LYS A 340 33.67 21.32 7.04
N PRO A 341 34.28 22.19 6.21
CA PRO A 341 34.23 23.63 6.53
C PRO A 341 32.79 24.17 6.52
N ALA A 342 32.59 25.32 7.18
CA ALA A 342 31.25 25.91 7.34
C ALA A 342 30.56 26.20 5.99
N ASP A 343 31.40 26.51 5.02
CA ASP A 343 31.12 26.84 3.63
C ASP A 343 30.45 25.70 2.82
N LEU A 344 30.54 24.47 3.32
CA LEU A 344 30.33 23.27 2.51
C LEU A 344 28.90 22.77 2.51
N ILE A 345 28.40 22.45 1.31
CA ILE A 345 27.29 21.52 1.14
C ILE A 345 27.82 20.40 0.22
N LYS A 346 28.04 20.70 -1.06
CA LYS A 346 28.50 19.65 -1.98
C LYS A 346 29.49 20.23 -3.00
N PRO A 347 30.69 19.63 -3.12
CA PRO A 347 31.60 20.01 -4.20
C PRO A 347 31.30 19.23 -5.48
N VAL A 348 31.66 19.83 -6.61
CA VAL A 348 31.60 19.14 -7.89
CA VAL A 348 31.56 19.18 -7.90
C VAL A 348 32.88 19.37 -8.66
N VAL A 349 33.29 18.35 -9.40
CA VAL A 349 34.48 18.43 -10.21
C VAL A 349 34.06 18.24 -11.65
N ARG A 350 34.51 19.14 -12.53
CA ARG A 350 34.22 19.05 -13.95
C ARG A 350 35.48 18.56 -14.67
N ILE A 351 35.30 17.61 -15.59
CA ILE A 351 36.41 17.05 -16.37
C ILE A 351 36.10 17.24 -17.86
N HIS A 352 37.07 17.75 -18.59
CA HIS A 352 36.93 18.01 -20.03
C HIS A 352 37.82 17.14 -20.91
N TYR A 353 37.39 16.93 -22.15
CA TYR A 353 38.14 16.16 -23.13
C TYR A 353 38.12 16.90 -24.46
N ASP A 354 39.20 16.77 -25.24
CA ASP A 354 39.27 17.38 -26.59
C ASP A 354 38.14 16.98 -27.54
N ASP A 355 37.67 15.74 -27.40
CA ASP A 355 36.60 15.20 -28.25
C ASP A 355 35.29 15.04 -27.48
N GLU A 356 35.11 15.85 -26.43
CA GLU A 356 33.91 15.79 -25.60
C GLU A 356 32.64 15.97 -26.44
N ASP A 357 32.73 16.82 -27.47
CA ASP A 357 31.56 17.12 -28.30
C ASP A 357 31.57 16.37 -29.64
N THR A 358 32.66 15.64 -29.92
CA THR A 358 32.78 14.91 -31.18
C THR A 358 32.82 13.36 -31.06
N LEU A 359 33.10 12.83 -29.88
CA LEU A 359 33.27 11.38 -29.72
C LEU A 359 32.08 10.62 -30.31
N HIS A 360 32.38 9.59 -31.07
CA HIS A 360 31.36 8.72 -31.67
C HIS A 360 32.00 7.38 -32.02
N MET B 1 -21.19 -2.87 42.58
CA MET B 1 -20.92 -4.16 41.87
C MET B 1 -19.47 -4.57 42.11
N LYS B 2 -19.18 -5.88 42.09
CA LYS B 2 -17.83 -6.39 42.40
C LYS B 2 -16.98 -6.48 41.14
N GLY B 3 -15.70 -6.15 41.27
CA GLY B 3 -14.74 -6.27 40.15
C GLY B 3 -13.38 -6.66 40.74
N LEU B 4 -12.55 -7.34 39.97
CA LEU B 4 -11.22 -7.71 40.44
C LEU B 4 -10.29 -6.64 39.94
N ALA B 5 -9.64 -5.93 40.86
CA ALA B 5 -8.89 -4.72 40.52
C ALA B 5 -7.40 -4.84 40.80
N MET B 6 -6.60 -4.08 40.08
CA MET B 6 -5.22 -3.77 40.51
C MET B 6 -5.33 -2.70 41.56
N LEU B 7 -4.89 -3.02 42.77
CA LEU B 7 -4.90 -2.09 43.88
C LEU B 7 -3.59 -1.31 44.04
N GLY B 8 -2.66 -1.50 43.12
CA GLY B 8 -1.32 -0.91 43.17
C GLY B 8 -0.38 -1.94 42.63
N ILE B 9 0.90 -1.57 42.43
CA ILE B 9 1.87 -2.50 41.82
C ILE B 9 1.97 -3.72 42.72
N GLY B 10 1.86 -4.91 42.11
CA GLY B 10 1.98 -6.19 42.83
C GLY B 10 0.84 -6.58 43.73
N ARG B 11 -0.33 -5.94 43.62
CA ARG B 11 -1.43 -6.18 44.56
C ARG B 11 -2.77 -6.17 43.83
N ILE B 12 -3.55 -7.24 43.97
CA ILE B 12 -4.91 -7.33 43.37
C ILE B 12 -5.93 -7.72 44.43
N GLY B 13 -7.20 -7.44 44.16
CA GLY B 13 -8.24 -7.74 45.14
C GLY B 13 -9.60 -7.34 44.61
N TRP B 14 -10.65 -7.87 45.22
CA TRP B 14 -12.02 -7.56 44.79
C TRP B 14 -12.45 -6.28 45.46
N ILE B 15 -13.07 -5.41 44.68
CA ILE B 15 -13.55 -4.13 45.20
C ILE B 15 -14.98 -3.92 44.72
N GLU B 16 -15.67 -2.99 45.35
CA GLU B 16 -17.00 -2.58 44.92
C GLU B 16 -16.90 -1.23 44.20
N LYS B 17 -17.51 -1.15 43.02
CA LYS B 17 -17.62 0.09 42.26
C LYS B 17 -19.07 0.38 41.89
N LYS B 18 -19.40 1.64 41.64
CA LYS B 18 -20.77 1.94 41.20
C LYS B 18 -20.98 1.33 39.80
N ILE B 19 -22.20 0.93 39.49
CA ILE B 19 -22.53 0.57 38.10
C ILE B 19 -22.21 1.80 37.21
N PRO B 20 -21.41 1.62 36.15
CA PRO B 20 -21.02 2.82 35.41
C PRO B 20 -22.22 3.53 34.77
N GLU B 21 -22.07 4.84 34.58
CA GLU B 21 -23.09 5.65 33.92
C GLU B 21 -23.14 5.29 32.45
N CYS B 22 -24.35 5.09 31.92
CA CYS B 22 -24.50 4.73 30.53
C CYS B 22 -25.00 5.96 29.76
N GLY B 23 -24.11 6.56 28.95
CA GLY B 23 -24.43 7.75 28.13
C GLY B 23 -25.06 7.33 26.80
N PRO B 24 -25.42 8.31 25.95
CA PRO B 24 -26.26 8.06 24.76
C PRO B 24 -25.76 6.97 23.83
N LEU B 25 -24.44 6.88 23.66
CA LEU B 25 -23.85 5.95 22.71
C LEU B 25 -23.26 4.70 23.35
N ASP B 26 -23.42 4.57 24.68
CA ASP B 26 -22.73 3.53 25.44
C ASP B 26 -23.61 2.29 25.66
N ALA B 27 -23.01 1.20 26.12
CA ALA B 27 -23.80 0.08 26.62
C ALA B 27 -23.13 -0.45 27.86
N LEU B 28 -23.93 -1.05 28.72
CA LEU B 28 -23.44 -1.80 29.86
C LEU B 28 -23.61 -3.30 29.57
N VAL B 29 -22.63 -4.09 29.98
CA VAL B 29 -22.52 -5.45 29.54
C VAL B 29 -22.20 -6.32 30.78
N ARG B 30 -22.84 -7.47 30.89
CA ARG B 30 -22.42 -8.46 31.92
C ARG B 30 -21.60 -9.60 31.27
N PRO B 31 -20.56 -10.10 31.96
CA PRO B 31 -19.74 -11.11 31.30
C PRO B 31 -20.38 -12.50 31.23
N LEU B 32 -20.21 -13.17 30.08
CA LEU B 32 -20.58 -14.59 29.91
C LEU B 32 -19.36 -15.48 29.85
N ALA B 33 -18.28 -14.98 29.25
CA ALA B 33 -16.99 -15.69 29.25
C ALA B 33 -15.88 -14.66 29.29
N LEU B 34 -14.81 -15.01 30.02
CA LEU B 34 -13.72 -14.09 30.27
C LEU B 34 -12.41 -14.86 30.20
N ALA B 35 -11.34 -14.17 29.85
CA ALA B 35 -10.01 -14.79 29.88
C ALA B 35 -9.01 -13.78 30.43
N PRO B 36 -7.99 -14.28 31.16
CA PRO B 36 -6.91 -13.40 31.62
C PRO B 36 -5.79 -13.30 30.59
N CYS B 37 -4.95 -12.27 30.72
CA CYS B 37 -3.90 -11.98 29.72
C CYS B 37 -2.56 -11.73 30.40
N THR B 38 -1.50 -12.23 29.79
CA THR B 38 -0.15 -11.95 30.26
C THR B 38 0.09 -10.44 30.38
N SER B 39 -0.51 -9.63 29.50
CA SER B 39 -0.38 -8.16 29.63
C SER B 39 -0.78 -7.65 31.00
N ASP B 40 -1.85 -8.20 31.58
CA ASP B 40 -2.25 -7.74 32.91
C ASP B 40 -1.25 -8.16 33.97
N THR B 41 -0.55 -9.27 33.75
CA THR B 41 0.55 -9.63 34.65
C THR B 41 1.72 -8.61 34.55
N HIS B 42 2.03 -8.12 33.35
CA HIS B 42 3.07 -7.08 33.16
C HIS B 42 2.59 -5.83 33.93
N THR B 43 1.37 -5.40 33.63
CA THR B 43 0.80 -4.20 34.26
C THR B 43 0.83 -4.24 35.78
N VAL B 44 0.39 -5.35 36.39
CA VAL B 44 0.27 -5.44 37.84
C VAL B 44 1.61 -5.62 38.56
N TRP B 45 2.36 -6.65 38.16
CA TRP B 45 3.57 -7.04 38.90
C TRP B 45 4.85 -6.38 38.38
N ALA B 46 4.86 -5.93 37.13
CA ALA B 46 6.06 -5.25 36.63
C ALA B 46 5.89 -3.73 36.51
N GLY B 47 4.66 -3.25 36.64
CA GLY B 47 4.33 -1.83 36.53
C GLY B 47 4.63 -1.25 35.16
N ALA B 48 4.48 -2.06 34.11
CA ALA B 48 5.00 -1.75 32.76
C ALA B 48 4.37 -0.56 32.08
N ILE B 49 3.17 -0.17 32.52
CA ILE B 49 2.51 1.04 31.99
C ILE B 49 2.13 2.00 33.12
N GLY B 50 2.90 1.95 34.21
CA GLY B 50 2.72 2.85 35.36
C GLY B 50 1.79 2.33 36.44
N ASP B 51 1.75 3.03 37.57
CA ASP B 51 0.91 2.64 38.70
C ASP B 51 -0.57 2.91 38.40
N ARG B 52 -1.44 2.16 39.09
CA ARG B 52 -2.91 2.29 39.04
C ARG B 52 -3.47 2.15 40.45
N HIS B 53 -4.68 2.65 40.66
CA HIS B 53 -5.20 2.93 42.00
CA HIS B 53 -5.16 2.91 42.02
C HIS B 53 -6.26 1.92 42.50
N ASP B 54 -7.25 1.68 41.65
CA ASP B 54 -8.39 0.76 41.85
C ASP B 54 -8.98 0.40 40.46
N MET B 55 -8.12 -0.03 39.56
CA MET B 55 -8.54 -0.29 38.19
C MET B 55 -8.95 -1.74 38.00
N ILE B 56 -10.21 -1.96 37.63
CA ILE B 56 -10.67 -3.31 37.33
CA ILE B 56 -10.70 -3.31 37.30
C ILE B 56 -9.86 -3.91 36.18
N LEU B 57 -9.45 -5.16 36.34
CA LEU B 57 -8.62 -5.82 35.32
C LEU B 57 -9.39 -6.52 34.19
N GLY B 58 -8.67 -7.05 33.21
CA GLY B 58 -9.28 -7.90 32.20
C GLY B 58 -9.70 -7.11 30.96
N HIS B 59 -9.50 -7.70 29.79
CA HIS B 59 -9.93 -7.07 28.52
C HIS B 59 -10.34 -8.10 27.47
N GLU B 60 -10.75 -9.29 27.88
CA GLU B 60 -11.15 -10.33 26.93
C GLU B 60 -12.48 -10.88 27.39
N ALA B 61 -13.55 -10.57 26.68
CA ALA B 61 -14.89 -10.96 27.15
C ALA B 61 -15.85 -11.28 26.03
N VAL B 62 -16.73 -12.23 26.30
CA VAL B 62 -18.01 -12.33 25.61
C VAL B 62 -19.05 -11.95 26.64
N GLY B 63 -20.03 -11.13 26.27
CA GLY B 63 -20.94 -10.59 27.25
C GLY B 63 -22.37 -10.51 26.78
N GLN B 64 -23.22 -9.95 27.62
CA GLN B 64 -24.65 -9.85 27.32
C GLN B 64 -25.09 -8.45 27.73
N ILE B 65 -25.77 -7.77 26.80
CA ILE B 65 -26.15 -6.38 27.03
C ILE B 65 -27.14 -6.31 28.17
N VAL B 66 -26.85 -5.47 29.16
CA VAL B 66 -27.86 -5.20 30.24
C VAL B 66 -28.50 -3.79 30.18
N LYS B 67 -27.90 -2.88 29.42
CA LYS B 67 -28.44 -1.51 29.28
C LYS B 67 -27.86 -0.87 28.04
N VAL B 68 -28.65 -0.09 27.31
CA VAL B 68 -28.12 0.69 26.20
C VAL B 68 -28.53 2.15 26.33
N GLY B 69 -27.68 3.04 25.83
CA GLY B 69 -28.02 4.47 25.81
C GLY B 69 -29.06 4.77 24.74
N SER B 70 -29.62 5.99 24.78
CA SER B 70 -30.75 6.37 23.97
C SER B 70 -30.46 6.43 22.47
N LEU B 71 -29.18 6.49 22.10
CA LEU B 71 -28.85 6.61 20.66
C LEU B 71 -28.27 5.32 20.05
N VAL B 72 -28.26 4.27 20.86
CA VAL B 72 -27.81 2.97 20.43
C VAL B 72 -28.91 2.40 19.55
N LYS B 73 -28.50 1.86 18.41
CA LYS B 73 -29.45 1.38 17.41
C LYS B 73 -29.26 -0.09 17.00
N ARG B 74 -28.09 -0.69 17.31
CA ARG B 74 -27.75 -2.03 16.83
CA ARG B 74 -27.77 -2.04 16.83
C ARG B 74 -27.92 -3.11 17.89
N LEU B 75 -28.12 -2.68 19.14
CA LEU B 75 -28.05 -3.60 20.28
C LEU B 75 -29.23 -3.39 21.14
N LYS B 76 -29.64 -4.41 21.89
CA LYS B 76 -30.75 -4.27 22.81
C LYS B 76 -30.45 -5.12 24.01
N VAL B 77 -31.16 -4.87 25.10
CA VAL B 77 -30.94 -5.65 26.30
C VAL B 77 -31.15 -7.13 25.98
N GLY B 78 -30.20 -7.96 26.39
CA GLY B 78 -30.30 -9.40 26.20
C GLY B 78 -29.38 -9.92 25.11
N ASP B 79 -28.97 -9.05 24.19
CA ASP B 79 -28.11 -9.47 23.10
C ASP B 79 -26.77 -9.97 23.65
N LYS B 80 -26.23 -11.03 23.04
CA LYS B 80 -24.91 -11.57 23.36
C LYS B 80 -23.87 -11.06 22.39
N VAL B 81 -22.73 -10.62 22.92
CA VAL B 81 -21.77 -9.86 22.13
C VAL B 81 -20.34 -10.30 22.34
N ILE B 82 -19.54 -10.11 21.30
CA ILE B 82 -18.10 -10.31 21.38
C ILE B 82 -17.52 -8.94 21.67
N VAL B 83 -16.83 -8.83 22.79
CA VAL B 83 -16.24 -7.56 23.21
C VAL B 83 -14.77 -7.51 22.80
N PRO B 84 -14.41 -6.58 21.92
CA PRO B 84 -12.99 -6.53 21.59
C PRO B 84 -12.17 -5.89 22.69
N ALA B 85 -10.90 -6.25 22.82
CA ALA B 85 -10.05 -5.61 23.82
C ALA B 85 -9.89 -4.12 23.57
N ILE B 86 -9.82 -3.77 22.29
CA ILE B 86 -9.60 -2.38 21.84
C ILE B 86 -10.98 -1.83 21.40
N THR B 87 -11.39 -0.72 22.01
CA THR B 87 -12.72 -0.11 21.77
C THR B 87 -12.51 1.37 21.45
N PRO B 88 -12.15 1.67 20.18
CA PRO B 88 -11.75 3.03 19.83
C PRO B 88 -12.82 4.09 19.99
N ASP B 89 -12.35 5.34 20.00
CA ASP B 89 -13.22 6.51 19.84
C ASP B 89 -13.10 6.85 18.36
N TRP B 90 -14.10 6.45 17.59
CA TRP B 90 -13.92 6.38 16.11
C TRP B 90 -13.76 7.72 15.39
N GLY B 91 -14.08 8.82 16.07
CA GLY B 91 -14.01 10.13 15.41
C GLY B 91 -12.79 10.94 15.81
N GLU B 92 -11.96 10.39 16.71
CA GLU B 92 -10.74 11.09 17.14
C GLU B 92 -9.72 11.19 16.01
N GLU B 93 -8.76 12.10 16.15
CA GLU B 93 -7.84 12.34 15.07
C GLU B 93 -7.14 11.06 14.56
N GLU B 94 -6.67 10.22 15.49
CA GLU B 94 -5.90 9.03 15.10
C GLU B 94 -6.76 8.07 14.32
N SER B 95 -8.04 7.97 14.69
CA SER B 95 -9.00 7.14 13.97
C SER B 95 -9.18 7.66 12.53
N GLN B 96 -9.30 8.98 12.38
CA GLN B 96 -9.44 9.61 11.05
C GLN B 96 -8.25 9.40 10.16
N ARG B 97 -7.08 9.18 10.74
CA ARG B 97 -5.92 8.91 9.90
C ARG B 97 -5.52 7.43 9.81
N GLY B 98 -6.41 6.52 10.23
CA GLY B 98 -6.28 5.10 10.00
C GLY B 98 -5.72 4.31 11.17
N TYR B 99 -5.60 4.95 12.32
CA TYR B 99 -5.04 4.26 13.51
C TYR B 99 -5.98 4.38 14.72
N PRO B 100 -7.18 3.77 14.61
CA PRO B 100 -8.17 3.93 15.67
C PRO B 100 -7.77 3.31 17.01
N MET B 101 -6.83 2.36 17.00
CA MET B 101 -6.34 1.77 18.28
C MET B 101 -5.56 2.81 19.09
N HIS B 102 -5.18 3.93 18.46
CA HIS B 102 -4.53 5.04 19.18
C HIS B 102 -5.41 6.26 19.33
N SER B 103 -6.73 6.03 19.40
CA SER B 103 -7.66 7.13 19.47
C SER B 103 -7.47 7.89 20.79
N GLY B 104 -7.19 9.19 20.68
CA GLY B 104 -6.98 10.05 21.85
C GLY B 104 -5.55 10.07 22.35
N GLY B 105 -4.67 9.31 21.70
CA GLY B 105 -3.25 9.24 22.09
C GLY B 105 -2.72 7.83 22.02
N MET B 106 -1.40 7.69 22.10
CA MET B 106 -0.79 6.36 21.96
C MET B 106 -1.41 5.32 22.91
N LEU B 107 -1.83 4.21 22.33
CA LEU B 107 -2.56 3.10 22.96
C LEU B 107 -3.96 3.48 23.46
N GLY B 108 -4.46 4.63 23.04
CA GLY B 108 -5.74 5.16 23.58
C GLY B 108 -6.98 4.32 23.30
N GLY B 109 -6.91 3.45 22.29
CA GLY B 109 -8.03 2.60 21.93
C GLY B 109 -8.08 1.38 22.83
N TRP B 110 -6.95 1.07 23.47
CA TRP B 110 -6.91 -0.01 24.45
C TRP B 110 -7.25 0.62 25.80
N LYS B 111 -8.55 0.54 26.14
CA LYS B 111 -9.03 1.19 27.36
C LYS B 111 -9.08 0.20 28.52
N PHE B 112 -9.80 -0.90 28.35
CA PHE B 112 -10.01 -1.91 29.40
C PHE B 112 -8.68 -2.39 29.99
N SER B 113 -8.49 -2.18 31.29
CA SER B 113 -7.28 -2.63 32.04
C SER B 113 -6.01 -1.93 31.58
N ASN B 114 -6.13 -0.91 30.71
CA ASN B 114 -5.04 0.02 30.48
C ASN B 114 -5.26 1.25 31.37
N PHE B 115 -6.29 2.04 31.07
CA PHE B 115 -6.64 3.15 31.94
C PHE B 115 -8.13 3.21 32.31
N LYS B 116 -8.92 2.27 31.78
CA LYS B 116 -10.37 2.23 32.05
C LYS B 116 -10.64 0.93 32.80
N ASP B 117 -11.62 0.91 33.70
CA ASP B 117 -12.03 -0.35 34.31
C ASP B 117 -12.34 -1.41 33.25
N GLY B 118 -11.77 -2.59 33.44
CA GLY B 118 -11.84 -3.69 32.48
C GLY B 118 -13.08 -4.56 32.62
N VAL B 119 -12.98 -5.78 32.14
CA VAL B 119 -14.15 -6.66 32.00
C VAL B 119 -14.34 -7.64 33.16
N PHE B 120 -13.42 -7.64 34.12
CA PHE B 120 -13.53 -8.59 35.25
C PHE B 120 -14.47 -8.02 36.31
N SER B 121 -15.72 -7.72 35.95
CA SER B 121 -16.66 -7.23 36.95
C SER B 121 -18.04 -7.68 36.60
N GLU B 122 -18.99 -7.52 37.51
CA GLU B 122 -20.34 -7.96 37.27
C GLU B 122 -21.00 -7.25 36.10
N VAL B 123 -20.67 -5.97 35.92
CA VAL B 123 -21.10 -5.15 34.77
C VAL B 123 -19.92 -4.29 34.34
N PHE B 124 -19.75 -4.10 33.05
CA PHE B 124 -18.71 -3.17 32.60
C PHE B 124 -19.27 -2.29 31.49
N HIS B 125 -18.54 -1.23 31.15
CA HIS B 125 -19.03 -0.16 30.29
C HIS B 125 -18.27 -0.22 28.94
N VAL B 126 -19.01 -0.06 27.84
CA VAL B 126 -18.41 -0.03 26.50
C VAL B 126 -18.79 1.30 25.86
N ASN B 127 -17.79 2.08 25.45
CA ASN B 127 -18.04 3.33 24.75
C ASN B 127 -18.38 3.02 23.30
N GLU B 128 -19.19 3.88 22.68
CA GLU B 128 -19.52 3.76 21.25
C GLU B 128 -19.90 2.31 20.94
N ALA B 129 -20.90 1.80 21.68
CA ALA B 129 -21.23 0.38 21.65
C ALA B 129 -21.63 -0.15 20.27
N ASP B 130 -22.41 0.62 19.50
CA ASP B 130 -22.84 0.16 18.17
C ASP B 130 -21.60 -0.12 17.33
N ALA B 131 -20.59 0.73 17.46
CA ALA B 131 -19.34 0.63 16.71
C ALA B 131 -18.41 -0.43 17.24
N ASN B 132 -18.50 -0.72 18.55
CA ASN B 132 -17.45 -1.47 19.20
C ASN B 132 -17.85 -2.87 19.63
N LEU B 133 -19.12 -3.22 19.48
CA LEU B 133 -19.57 -4.58 19.84
C LEU B 133 -20.13 -5.37 18.67
N ALA B 134 -19.61 -6.59 18.50
CA ALA B 134 -20.13 -7.49 17.47
C ALA B 134 -21.10 -8.47 18.10
N LEU B 135 -22.20 -8.79 17.42
CA LEU B 135 -23.10 -9.84 17.94
C LEU B 135 -22.39 -11.19 17.90
N LEU B 136 -22.59 -12.00 18.93
CA LEU B 136 -22.07 -13.36 18.92
C LEU B 136 -22.88 -14.21 17.96
N PRO B 137 -22.22 -14.73 16.89
CA PRO B 137 -22.91 -15.61 15.93
C PRO B 137 -23.40 -16.87 16.65
N ARG B 138 -24.55 -17.38 16.24
CA ARG B 138 -25.18 -18.50 16.94
C ARG B 138 -24.36 -19.78 16.86
N ASP B 139 -23.47 -19.88 15.87
CA ASP B 139 -22.61 -21.07 15.70
C ASP B 139 -21.22 -21.01 16.35
N ILE B 140 -20.98 -20.03 17.24
CA ILE B 140 -19.71 -19.96 17.96
C ILE B 140 -19.95 -20.03 19.47
N LYS B 141 -19.29 -20.96 20.15
CA LYS B 141 -19.35 -21.05 21.62
C LYS B 141 -18.73 -19.81 22.27
N PRO B 142 -19.31 -19.36 23.40
CA PRO B 142 -18.74 -18.17 24.02
C PRO B 142 -17.26 -18.33 24.35
N GLU B 143 -16.85 -19.51 24.82
CA GLU B 143 -15.43 -19.71 25.15
C GLU B 143 -14.52 -19.61 23.94
N ASP B 144 -14.98 -20.08 22.78
CA ASP B 144 -14.18 -19.93 21.56
C ASP B 144 -14.14 -18.48 21.07
N ALA B 145 -15.26 -17.76 21.19
CA ALA B 145 -15.32 -16.37 20.76
C ALA B 145 -14.48 -15.44 21.63
N VAL B 146 -14.32 -15.76 22.91
CA VAL B 146 -13.52 -14.87 23.77
C VAL B 146 -12.05 -14.79 23.30
N MET B 147 -11.62 -15.78 22.50
CA MET B 147 -10.26 -15.76 21.98
C MET B 147 -10.14 -14.74 20.87
N LEU B 148 -11.28 -14.32 20.34
CA LEU B 148 -11.26 -13.30 19.28
C LEU B 148 -10.88 -11.92 19.77
N SER B 149 -11.24 -11.63 21.02
CA SER B 149 -11.14 -10.28 21.63
C SER B 149 -9.73 -9.74 21.58
N ASP B 150 -8.75 -10.64 21.76
CA ASP B 150 -7.38 -10.23 21.96
C ASP B 150 -6.44 -11.26 21.28
N MET B 151 -6.59 -12.55 21.57
CA MET B 151 -5.58 -13.51 21.06
C MET B 151 -5.56 -13.57 19.52
N VAL B 152 -6.72 -13.79 18.92
CA VAL B 152 -6.80 -13.98 17.46
C VAL B 152 -6.44 -12.65 16.79
N THR B 153 -7.05 -11.56 17.23
CA THR B 153 -6.83 -10.28 16.53
C THR B 153 -5.38 -9.77 16.63
N THR B 154 -4.79 -9.95 17.80
CA THR B 154 -3.40 -9.56 18.04
C THR B 154 -2.43 -10.45 17.28
N GLY B 155 -2.61 -11.77 17.38
CA GLY B 155 -1.77 -12.71 16.65
C GLY B 155 -1.86 -12.44 15.16
N PHE B 156 -3.08 -12.26 14.66
CA PHE B 156 -3.24 -11.93 13.23
C PHE B 156 -2.61 -10.60 12.89
N HIS B 157 -2.71 -9.62 13.78
CA HIS B 157 -2.08 -8.33 13.52
C HIS B 157 -0.55 -8.42 13.38
N GLY B 158 0.08 -9.31 14.14
CA GLY B 158 1.53 -9.55 14.01
C GLY B 158 1.83 -9.99 12.57
N ALA B 159 1.00 -10.87 12.05
CA ALA B 159 1.15 -11.38 10.67
C ALA B 159 0.88 -10.28 9.64
N GLU B 160 -0.17 -9.49 9.87
CA GLU B 160 -0.44 -8.32 9.00
C GLU B 160 0.73 -7.32 9.01
N LEU B 161 1.22 -6.99 10.20
CA LEU B 161 2.34 -6.04 10.31
C LEU B 161 3.64 -6.57 9.65
N ALA B 162 3.81 -7.89 9.65
CA ALA B 162 4.97 -8.53 9.01
C ALA B 162 4.78 -8.58 7.50
N ASN B 163 3.65 -8.06 6.99
CA ASN B 163 3.47 -7.87 5.57
C ASN B 163 3.65 -9.19 4.78
N ILE B 164 3.10 -10.27 5.32
CA ILE B 164 3.29 -11.59 4.75
C ILE B 164 2.64 -11.69 3.38
N LYS B 165 3.38 -12.24 2.42
CA LYS B 165 2.92 -12.47 1.05
C LYS B 165 2.87 -13.96 0.70
N LEU B 166 2.15 -14.26 -0.38
CA LEU B 166 1.98 -15.61 -0.85
C LEU B 166 3.31 -16.30 -1.04
N GLY B 167 3.48 -17.44 -0.37
CA GLY B 167 4.70 -18.24 -0.50
C GLY B 167 5.87 -17.81 0.39
N ASP B 168 5.74 -16.73 1.15
CA ASP B 168 6.81 -16.28 2.03
C ASP B 168 7.20 -17.34 3.05
N THR B 169 8.50 -17.40 3.33
CA THR B 169 9.01 -18.13 4.46
C THR B 169 8.98 -17.19 5.69
N VAL B 170 8.40 -17.63 6.79
CA VAL B 170 8.15 -16.75 7.94
C VAL B 170 8.73 -17.41 9.21
N CYS B 171 9.27 -16.60 10.11
CA CYS B 171 9.56 -17.05 11.48
C CYS B 171 8.62 -16.32 12.47
N VAL B 172 7.99 -17.07 13.37
CA VAL B 172 7.19 -16.47 14.45
C VAL B 172 7.96 -16.77 15.73
N ILE B 173 8.41 -15.73 16.42
CA ILE B 173 9.18 -15.88 17.66
C ILE B 173 8.25 -15.66 18.85
N GLY B 174 8.09 -16.69 19.67
CA GLY B 174 7.17 -16.68 20.82
C GLY B 174 5.92 -17.41 20.43
N ILE B 175 5.64 -18.52 21.11
CA ILE B 175 4.52 -19.39 20.79
CA ILE B 175 4.42 -19.29 20.78
C ILE B 175 3.53 -19.59 21.98
N GLY B 176 3.26 -18.53 22.74
CA GLY B 176 2.11 -18.54 23.64
C GLY B 176 0.86 -18.39 22.76
N PRO B 177 -0.31 -18.13 23.38
CA PRO B 177 -1.51 -18.03 22.52
C PRO B 177 -1.45 -17.00 21.42
N VAL B 178 -0.83 -15.85 21.68
CA VAL B 178 -0.73 -14.81 20.62
C VAL B 178 0.13 -15.37 19.47
N GLY B 179 1.24 -16.00 19.84
CA GLY B 179 2.20 -16.55 18.86
C GLY B 179 1.55 -17.63 18.00
N LEU B 180 0.78 -18.49 18.65
CA LEU B 180 0.04 -19.51 17.92
C LEU B 180 -0.90 -18.84 16.91
N MET B 181 -1.56 -17.75 17.32
CA MET B 181 -2.44 -17.04 16.38
C MET B 181 -1.67 -16.28 15.30
N SER B 182 -0.41 -15.95 15.58
CA SER B 182 0.48 -15.37 14.54
C SER B 182 0.89 -16.40 13.49
N VAL B 183 1.13 -17.62 13.94
CA VAL B 183 1.33 -18.74 13.03
C VAL B 183 0.07 -18.95 12.17
N ALA B 184 -1.10 -18.98 12.82
CA ALA B 184 -2.36 -19.13 12.10
C ALA B 184 -2.56 -17.97 11.11
N GLY B 185 -2.29 -16.75 11.56
CA GLY B 185 -2.44 -15.54 10.73
C GLY B 185 -1.51 -15.58 9.53
N ALA B 186 -0.22 -15.91 9.76
CA ALA B 186 0.75 -16.09 8.66
C ALA B 186 0.25 -17.13 7.66
N ASN B 187 -0.28 -18.26 8.13
CA ASN B 187 -0.78 -19.29 7.25
C ASN B 187 -1.99 -18.80 6.44
N HIS B 188 -2.83 -17.98 7.07
CA HIS B 188 -4.00 -17.40 6.39
C HIS B 188 -3.66 -16.18 5.52
N LEU B 189 -2.40 -15.75 5.51
CA LEU B 189 -1.96 -14.69 4.59
C LEU B 189 -1.09 -15.27 3.46
N GLY B 190 -0.94 -16.58 3.49
CA GLY B 190 -0.31 -17.33 2.39
C GLY B 190 1.10 -17.81 2.58
N ALA B 191 1.60 -17.75 3.82
CA ALA B 191 2.95 -18.24 4.09
C ALA B 191 3.08 -19.72 3.76
N GLY B 192 4.26 -20.07 3.26
CA GLY B 192 4.64 -21.45 3.00
C GLY B 192 5.34 -22.04 4.20
N ARG B 193 6.67 -22.02 4.19
CA ARG B 193 7.44 -22.49 5.34
C ARG B 193 7.24 -21.52 6.51
N ILE B 194 6.91 -22.04 7.70
CA ILE B 194 6.75 -21.19 8.90
C ILE B 194 7.53 -21.87 10.04
N PHE B 195 8.54 -21.16 10.53
CA PHE B 195 9.34 -21.60 11.68
C PHE B 195 8.65 -21.03 12.92
N ALA B 196 8.41 -21.86 13.94
CA ALA B 196 7.83 -21.38 15.19
C ALA B 196 8.86 -21.57 16.30
N VAL B 197 9.21 -20.49 16.99
CA VAL B 197 10.28 -20.55 17.98
C VAL B 197 9.68 -20.55 19.37
N GLY B 198 9.77 -21.71 20.04
CA GLY B 198 9.32 -21.92 21.40
C GLY B 198 9.86 -23.25 21.91
N SER B 199 9.61 -23.58 23.18
CA SER B 199 10.22 -24.76 23.82
C SER B 199 9.25 -25.76 24.46
N ARG B 200 8.14 -25.25 25.01
CA ARG B 200 7.15 -26.11 25.68
C ARG B 200 6.36 -26.94 24.66
N LYS B 201 6.31 -28.25 24.89
CA LYS B 201 5.84 -29.23 23.89
C LYS B 201 4.39 -29.08 23.40
N HIS B 202 3.46 -28.78 24.31
N HIS B 202 3.45 -28.79 24.30
CA HIS B 202 2.06 -28.57 23.95
CA HIS B 202 2.06 -28.58 23.88
C HIS B 202 1.80 -27.27 23.17
C HIS B 202 1.93 -27.35 22.99
N CYS B 203 2.75 -26.33 23.24
CA CYS B 203 2.72 -25.10 22.43
C CYS B 203 3.32 -25.33 21.04
N CYS B 204 4.51 -25.94 21.04
CA CYS B 204 5.21 -26.32 19.81
C CYS B 204 4.36 -27.19 18.89
N ASP B 205 3.67 -28.17 19.45
CA ASP B 205 2.90 -29.10 18.64
C ASP B 205 1.62 -28.47 18.11
N ILE B 206 1.00 -27.61 18.92
CA ILE B 206 -0.19 -26.92 18.49
C ILE B 206 0.17 -25.97 17.33
N ALA B 207 1.40 -25.45 17.33
CA ALA B 207 1.85 -24.56 16.24
C ALA B 207 1.81 -25.30 14.89
N LEU B 208 2.22 -26.57 14.88
CA LEU B 208 2.17 -27.38 13.66
C LEU B 208 0.72 -27.50 13.17
N GLU B 209 -0.20 -27.68 14.11
CA GLU B 209 -1.62 -27.73 13.78
C GLU B 209 -2.17 -26.44 13.18
N TYR B 210 -1.51 -25.31 13.45
CA TYR B 210 -1.97 -24.04 12.91
C TYR B 210 -1.22 -23.63 11.64
N GLY B 211 -0.36 -24.51 11.13
CA GLY B 211 0.37 -24.24 9.90
C GLY B 211 1.88 -24.08 9.99
N ALA B 212 2.45 -24.19 11.19
CA ALA B 212 3.92 -24.20 11.27
C ALA B 212 4.45 -25.42 10.56
N THR B 213 5.64 -25.29 9.96
CA THR B 213 6.27 -26.42 9.31
C THR B 213 7.56 -26.88 10.03
N ASP B 214 8.14 -25.97 10.82
CA ASP B 214 9.41 -26.24 11.53
C ASP B 214 9.31 -25.68 12.94
N ILE B 215 9.71 -26.46 13.92
CA ILE B 215 9.76 -26.00 15.30
C ILE B 215 11.23 -25.78 15.67
N ILE B 216 11.54 -24.61 16.24
CA ILE B 216 12.90 -24.27 16.65
C ILE B 216 12.93 -24.12 18.17
N ASN B 217 13.65 -25.02 18.82
CA ASN B 217 13.76 -25.03 20.28
C ASN B 217 15.15 -24.57 20.68
N TYR B 218 15.21 -23.50 21.47
CA TYR B 218 16.49 -22.91 21.88
C TYR B 218 17.43 -23.89 22.58
N LYS B 219 16.86 -24.97 23.13
CA LYS B 219 17.65 -26.00 23.79
C LYS B 219 18.57 -26.74 22.81
N ASN B 220 18.30 -26.63 21.51
CA ASN B 220 19.18 -27.20 20.50
C ASN B 220 20.20 -26.18 19.97
N GLY B 221 20.26 -25.02 20.62
CA GLY B 221 21.24 -24.00 20.26
C GLY B 221 20.61 -22.67 19.89
N ASP B 222 21.46 -21.67 19.65
CA ASP B 222 21.04 -20.34 19.33
C ASP B 222 20.01 -20.36 18.19
N ILE B 223 18.85 -19.74 18.40
CA ILE B 223 17.75 -19.86 17.44
C ILE B 223 18.05 -19.17 16.11
N VAL B 224 18.85 -18.11 16.14
CA VAL B 224 19.28 -17.46 14.90
C VAL B 224 20.16 -18.40 14.10
N GLU B 225 21.15 -19.02 14.75
CA GLU B 225 21.94 -20.05 14.10
C GLU B 225 21.09 -21.17 13.51
N GLN B 226 20.10 -21.64 14.26
CA GLN B 226 19.23 -22.72 13.77
C GLN B 226 18.47 -22.35 12.50
N ILE B 227 17.89 -21.16 12.50
CA ILE B 227 17.14 -20.62 11.35
C ILE B 227 18.07 -20.39 10.14
N LEU B 228 19.23 -19.81 10.38
CA LEU B 228 20.20 -19.65 9.27
C LEU B 228 20.62 -20.97 8.64
N LYS B 229 20.91 -21.98 9.46
CA LYS B 229 21.24 -23.31 8.97
C LYS B 229 20.10 -23.88 8.15
N ALA B 230 18.87 -23.68 8.63
CA ALA B 230 17.69 -24.21 7.97
C ALA B 230 17.42 -23.55 6.61
N THR B 231 17.86 -22.32 6.45
CA THR B 231 17.61 -21.58 5.24
C THR B 231 18.89 -21.42 4.42
N ASP B 232 19.86 -22.27 4.70
CA ASP B 232 21.19 -22.21 4.06
C ASP B 232 21.79 -20.79 4.03
N GLY B 233 21.71 -20.11 5.18
CA GLY B 233 22.28 -18.78 5.37
C GLY B 233 21.49 -17.64 4.76
N LYS B 234 20.38 -17.93 4.09
CA LYS B 234 19.64 -16.86 3.39
C LYS B 234 18.68 -16.12 4.31
N GLY B 235 18.23 -16.79 5.37
CA GLY B 235 17.33 -16.16 6.31
C GLY B 235 15.90 -16.29 5.81
N VAL B 236 14.96 -15.75 6.57
CA VAL B 236 13.54 -15.89 6.26
C VAL B 236 13.05 -14.60 5.62
N ASP B 237 11.91 -14.66 4.92
CA ASP B 237 11.34 -13.48 4.25
C ASP B 237 10.75 -12.44 5.21
N LYS B 238 10.09 -12.92 6.28
CA LYS B 238 9.32 -12.08 7.20
C LYS B 238 9.39 -12.67 8.63
N VAL B 239 9.26 -11.81 9.63
CA VAL B 239 9.34 -12.28 11.01
C VAL B 239 8.19 -11.64 11.77
N VAL B 240 7.51 -12.45 12.59
CA VAL B 240 6.55 -11.93 13.58
C VAL B 240 7.14 -12.13 14.97
N ILE B 241 7.08 -11.08 15.79
CA ILE B 241 7.53 -11.21 17.18
C ILE B 241 6.28 -11.19 18.04
N ALA B 242 6.07 -12.27 18.78
CA ALA B 242 4.86 -12.43 19.59
C ALA B 242 5.20 -12.81 21.01
N GLY B 243 6.47 -12.66 21.38
CA GLY B 243 6.90 -12.92 22.75
C GLY B 243 8.38 -12.61 22.87
N GLY B 244 8.97 -12.96 24.01
CA GLY B 244 10.37 -12.67 24.26
C GLY B 244 10.53 -11.35 25.00
N ASP B 245 11.65 -10.66 24.73
CA ASP B 245 11.93 -9.40 25.40
C ASP B 245 12.54 -8.39 24.41
N VAL B 246 13.16 -7.33 24.92
CA VAL B 246 13.72 -6.32 24.01
C VAL B 246 14.83 -6.87 23.11
N HIS B 247 15.47 -7.96 23.54
CA HIS B 247 16.58 -8.53 22.77
C HIS B 247 16.11 -9.41 21.60
N THR B 248 14.81 -9.69 21.53
CA THR B 248 14.25 -10.51 20.46
C THR B 248 14.34 -9.78 19.10
N PHE B 249 14.36 -8.44 19.15
CA PHE B 249 14.37 -7.68 17.90
C PHE B 249 15.68 -7.88 17.15
N ALA B 250 16.80 -7.92 17.89
CA ALA B 250 18.10 -8.18 17.29
C ALA B 250 18.11 -9.56 16.62
N GLN B 251 17.45 -10.54 17.24
CA GLN B 251 17.37 -11.88 16.64
C GLN B 251 16.61 -11.81 15.32
N ALA B 252 15.49 -11.10 15.32
CA ALA B 252 14.68 -10.95 14.14
C ALA B 252 15.48 -10.31 13.01
N VAL B 253 16.24 -9.26 13.35
CA VAL B 253 17.09 -8.56 12.35
C VAL B 253 18.15 -9.49 11.78
N LYS B 254 18.73 -10.34 12.62
CA LYS B 254 19.82 -11.18 12.18
C LYS B 254 19.34 -12.34 11.32
N MET B 255 18.08 -12.73 11.43
CA MET B 255 17.59 -13.88 10.68
C MET B 255 16.80 -13.53 9.41
N ILE B 256 16.53 -12.25 9.16
CA ILE B 256 15.61 -11.87 8.08
C ILE B 256 16.40 -11.35 6.88
N LYS B 257 15.88 -11.56 5.67
CA LYS B 257 16.49 -11.01 4.45
C LYS B 257 16.42 -9.47 4.41
N PRO B 258 17.26 -8.81 3.56
CA PRO B 258 17.03 -7.37 3.34
C PRO B 258 15.71 -7.22 2.54
N GLY B 259 15.03 -6.09 2.66
CA GLY B 259 13.78 -5.88 1.94
C GLY B 259 12.72 -6.81 2.54
N SER B 260 12.34 -6.48 3.77
CA SER B 260 11.58 -7.39 4.60
C SER B 260 10.83 -6.62 5.68
N ASP B 261 10.00 -7.33 6.44
CA ASP B 261 9.21 -6.67 7.50
C ASP B 261 9.25 -7.52 8.75
N ILE B 262 9.42 -6.83 9.89
CA ILE B 262 9.38 -7.45 11.21
C ILE B 262 8.13 -6.89 11.89
N GLY B 263 7.17 -7.77 12.24
CA GLY B 263 5.92 -7.32 12.82
C GLY B 263 5.88 -7.73 14.28
N ASN B 264 6.06 -6.77 15.17
CA ASN B 264 5.98 -7.04 16.61
C ASN B 264 4.58 -6.76 17.16
N VAL B 265 4.07 -7.68 17.99
CA VAL B 265 2.85 -7.43 18.73
C VAL B 265 3.07 -7.68 20.21
N ASN B 266 4.27 -8.08 20.57
CA ASN B 266 4.62 -8.27 22.00
C ASN B 266 4.64 -6.96 22.81
N TYR B 267 3.96 -6.98 23.97
CA TYR B 267 4.00 -5.89 24.95
C TYR B 267 5.29 -6.04 25.73
N LEU B 268 6.20 -5.08 25.56
CA LEU B 268 7.52 -5.16 26.15
C LEU B 268 7.44 -4.52 27.52
N GLY B 269 7.66 -5.35 28.53
CA GLY B 269 7.40 -4.96 29.90
C GLY B 269 8.60 -4.41 30.65
N GLU B 270 9.79 -4.47 30.05
CA GLU B 270 11.00 -3.99 30.73
C GLU B 270 12.16 -3.67 29.80
N GLY B 271 13.12 -2.90 30.30
CA GLY B 271 14.29 -2.47 29.51
C GLY B 271 14.15 -1.03 29.02
N ASP B 272 15.21 -0.25 29.09
CA ASP B 272 15.15 1.14 28.62
C ASP B 272 15.01 1.19 27.10
N ASN B 273 15.80 0.37 26.42
CA ASN B 273 15.89 0.42 24.96
C ASN B 273 15.76 -0.93 24.29
N ILE B 274 15.27 -0.89 23.04
CA ILE B 274 15.29 -2.04 22.14
C ILE B 274 16.51 -1.89 21.22
N PRO B 275 17.55 -2.72 21.43
CA PRO B 275 18.74 -2.59 20.61
C PRO B 275 18.56 -3.16 19.20
N ILE B 276 18.73 -2.31 18.19
CA ILE B 276 18.74 -2.79 16.80
C ILE B 276 20.19 -2.85 16.28
N PRO B 277 20.67 -4.06 15.89
CA PRO B 277 22.09 -4.22 15.54
C PRO B 277 22.44 -3.47 14.27
N ARG B 278 23.38 -2.53 14.37
CA ARG B 278 23.66 -1.64 13.25
C ARG B 278 24.08 -2.36 11.99
N SER B 279 25.08 -3.23 12.08
CA SER B 279 25.60 -3.94 10.92
CA SER B 279 25.62 -3.97 10.93
C SER B 279 24.55 -4.80 10.21
N GLU B 280 23.84 -5.63 10.96
CA GLU B 280 22.83 -6.52 10.37
C GLU B 280 21.61 -5.78 9.89
N TRP B 281 21.42 -4.55 10.38
CA TRP B 281 20.34 -3.70 9.87
C TRP B 281 20.76 -2.96 8.60
N GLY B 282 21.87 -3.40 7.98
CA GLY B 282 22.33 -2.81 6.73
C GLY B 282 22.90 -1.43 6.93
N VAL B 283 23.45 -1.21 8.13
CA VAL B 283 24.05 0.08 8.53
C VAL B 283 23.07 1.24 8.23
N GLY B 284 21.79 0.95 8.46
CA GLY B 284 20.72 1.93 8.31
C GLY B 284 19.91 1.84 7.04
N MET B 285 20.28 0.91 6.16
CA MET B 285 19.86 0.96 4.77
C MET B 285 19.40 -0.37 4.19
N GLY B 286 19.16 -1.37 5.06
CA GLY B 286 18.79 -2.71 4.58
C GLY B 286 17.32 -2.97 4.27
N HIS B 287 16.49 -1.92 4.31
CA HIS B 287 15.05 -2.03 4.16
C HIS B 287 14.50 -3.20 4.99
N LYS B 288 14.98 -3.35 6.23
CA LYS B 288 14.36 -4.32 7.15
C LYS B 288 13.40 -3.51 8.01
N HIS B 289 12.15 -3.40 7.56
CA HIS B 289 11.20 -2.49 8.17
C HIS B 289 10.77 -3.06 9.53
N ILE B 290 10.72 -2.20 10.54
CA ILE B 290 10.38 -2.63 11.89
C ILE B 290 9.02 -2.03 12.29
N HIS B 291 8.07 -2.90 12.61
CA HIS B 291 6.72 -2.47 12.91
C HIS B 291 6.45 -3.01 14.33
N GLY B 292 5.72 -2.24 15.12
CA GLY B 292 5.31 -2.69 16.46
C GLY B 292 3.96 -2.05 16.71
N GLY B 293 2.92 -2.86 16.75
CA GLY B 293 1.58 -2.28 16.83
C GLY B 293 0.61 -2.95 17.78
N LEU B 294 -0.19 -2.11 18.41
CA LEU B 294 -1.40 -2.55 19.16
C LEU B 294 -2.49 -3.12 18.26
N THR B 295 -3.16 -4.20 18.68
CA THR B 295 -4.21 -4.75 17.83
C THR B 295 -5.32 -3.77 17.45
N PRO B 296 -5.87 -3.90 16.23
CA PRO B 296 -7.15 -3.27 15.94
C PRO B 296 -8.27 -3.80 16.85
N GLY B 297 -9.38 -3.09 16.88
CA GLY B 297 -10.55 -3.50 17.65
C GLY B 297 -11.79 -2.96 16.98
N GLY B 298 -12.89 -2.91 17.73
CA GLY B 298 -14.19 -2.51 17.22
C GLY B 298 -14.91 -3.69 16.61
N ARG B 299 -16.15 -3.43 16.21
CA ARG B 299 -17.06 -4.44 15.75
C ARG B 299 -16.61 -5.10 14.45
N VAL B 300 -16.18 -4.32 13.47
CA VAL B 300 -15.85 -4.90 12.15
C VAL B 300 -14.72 -5.92 12.27
N ARG B 301 -13.65 -5.56 12.95
CA ARG B 301 -12.53 -6.49 13.23
C ARG B 301 -13.08 -7.79 13.81
N MET B 302 -13.97 -7.71 14.83
CA MET B 302 -14.51 -8.94 15.43
C MET B 302 -15.35 -9.75 14.47
N GLU B 303 -16.19 -9.07 13.68
CA GLU B 303 -17.07 -9.73 12.74
C GLU B 303 -16.28 -10.47 11.66
N LYS B 304 -15.22 -9.86 11.16
CA LYS B 304 -14.39 -10.49 10.12
C LYS B 304 -13.70 -11.73 10.68
N LEU B 305 -13.13 -11.60 11.87
CA LEU B 305 -12.41 -12.74 12.48
C LEU B 305 -13.41 -13.84 12.85
N ALA B 306 -14.57 -13.45 13.38
CA ALA B 306 -15.60 -14.45 13.70
C ALA B 306 -16.03 -15.26 12.47
N SER B 307 -16.05 -14.63 11.30
N SER B 307 -16.03 -14.60 11.30
CA SER B 307 -16.50 -15.33 10.10
CA SER B 307 -16.42 -15.24 10.06
C SER B 307 -15.54 -16.49 9.75
C SER B 307 -15.54 -16.45 9.73
N LEU B 308 -14.26 -16.35 10.11
CA LEU B 308 -13.29 -17.45 9.92
C LEU B 308 -13.65 -18.62 10.80
N ILE B 309 -14.11 -18.36 12.03
CA ILE B 309 -14.63 -19.46 12.84
C ILE B 309 -15.91 -20.07 12.26
N SER B 310 -16.88 -19.23 11.91
CA SER B 310 -18.19 -19.72 11.40
C SER B 310 -18.10 -20.53 10.10
N THR B 311 -17.13 -20.22 9.26
CA THR B 311 -16.92 -20.97 8.03
C THR B 311 -16.00 -22.20 8.22
N GLY B 312 -15.54 -22.43 9.44
CA GLY B 312 -14.72 -23.61 9.72
C GLY B 312 -13.27 -23.45 9.31
N LYS B 313 -12.83 -22.21 9.18
CA LYS B 313 -11.48 -21.92 8.70
C LYS B 313 -10.52 -21.55 9.83
N LEU B 314 -11.03 -21.46 11.06
CA LEU B 314 -10.18 -21.18 12.22
C LEU B 314 -10.79 -21.86 13.43
N ASP B 315 -9.96 -22.61 14.17
CA ASP B 315 -10.39 -23.26 15.41
C ASP B 315 -9.63 -22.58 16.53
N THR B 316 -10.34 -21.87 17.40
CA THR B 316 -9.67 -21.18 18.50
C THR B 316 -9.69 -22.03 19.77
N SER B 317 -10.44 -23.14 19.75
CA SER B 317 -10.62 -23.98 20.95
C SER B 317 -9.30 -24.58 21.43
N LYS B 318 -8.36 -24.78 20.52
CA LYS B 318 -7.07 -25.37 20.86
C LYS B 318 -6.25 -24.48 21.77
N LEU B 319 -6.59 -23.19 21.85
CA LEU B 319 -5.88 -22.24 22.72
C LEU B 319 -6.25 -22.42 24.19
N ILE B 320 -7.39 -23.03 24.46
CA ILE B 320 -7.94 -23.06 25.82
C ILE B 320 -7.41 -24.27 26.59
N THR B 321 -6.73 -24.01 27.70
CA THR B 321 -6.07 -25.07 28.46
C THR B 321 -6.76 -25.38 29.77
N HIS B 322 -7.49 -24.40 30.28
CA HIS B 322 -8.13 -24.52 31.62
C HIS B 322 -9.52 -23.91 31.49
N ARG B 323 -10.50 -24.52 32.13
CA ARG B 323 -11.87 -24.02 32.05
C ARG B 323 -12.44 -23.87 33.45
N PHE B 324 -12.78 -22.65 33.86
CA PHE B 324 -13.31 -22.39 35.21
C PHE B 324 -14.77 -21.96 35.09
N GLU B 325 -15.51 -22.08 36.20
CA GLU B 325 -16.88 -21.63 36.27
C GLU B 325 -17.05 -20.66 37.42
N GLY B 326 -17.64 -19.51 37.10
CA GLY B 326 -18.01 -18.50 38.07
C GLY B 326 -17.10 -17.29 38.02
N LEU B 327 -17.69 -16.10 38.16
CA LEU B 327 -16.92 -14.83 38.04
C LEU B 327 -15.69 -14.76 38.96
N GLU B 328 -15.79 -15.30 40.18
CA GLU B 328 -14.67 -15.26 41.13
CA GLU B 328 -14.66 -15.23 41.12
C GLU B 328 -13.40 -15.92 40.58
N LYS B 329 -13.58 -16.91 39.70
CA LYS B 329 -12.43 -17.66 39.17
C LYS B 329 -11.54 -16.85 38.25
N VAL B 330 -11.91 -15.62 37.91
CA VAL B 330 -10.97 -14.81 37.13
C VAL B 330 -9.71 -14.53 37.94
N GLU B 331 -9.84 -14.58 39.28
CA GLU B 331 -8.70 -14.34 40.13
C GLU B 331 -7.73 -15.53 40.05
N ASP B 332 -8.26 -16.75 40.22
CA ASP B 332 -7.47 -17.99 40.03
C ASP B 332 -6.86 -18.03 38.62
N ALA B 333 -7.63 -17.66 37.62
CA ALA B 333 -7.15 -17.71 36.25
C ALA B 333 -5.98 -16.73 36.02
N LEU B 334 -6.09 -15.52 36.56
CA LEU B 334 -5.05 -14.50 36.37
C LEU B 334 -3.76 -14.93 37.08
N MET B 335 -3.93 -15.54 38.24
CA MET B 335 -2.80 -16.05 39.01
CA MET B 335 -2.82 -16.08 39.03
C MET B 335 -2.06 -17.18 38.28
N LEU B 336 -2.74 -17.88 37.38
CA LEU B 336 -2.07 -18.86 36.51
C LEU B 336 -1.24 -18.20 35.42
N MET B 337 -1.72 -17.10 34.84
CA MET B 337 -0.93 -16.37 33.85
C MET B 337 0.37 -15.87 34.50
N LYS B 338 0.36 -15.76 35.84
CA LYS B 338 1.50 -15.25 36.56
C LYS B 338 2.50 -16.35 36.93
N ASN B 339 1.98 -17.47 37.42
CA ASN B 339 2.81 -18.63 37.81
C ASN B 339 3.24 -19.57 36.66
N LYS B 340 2.75 -19.29 35.44
CA LYS B 340 3.22 -19.91 34.18
C LYS B 340 3.56 -21.44 34.14
N PRO B 341 2.58 -22.33 34.42
CA PRO B 341 2.87 -23.79 34.38
C PRO B 341 3.08 -24.36 32.96
N ALA B 342 3.55 -25.60 32.88
CA ALA B 342 3.77 -26.32 31.61
C ALA B 342 2.45 -26.61 30.86
N ASP B 343 1.42 -26.89 31.64
CA ASP B 343 0.05 -27.14 31.19
C ASP B 343 -0.57 -26.03 30.31
N LEU B 344 -0.10 -24.78 30.51
CA LEU B 344 -0.86 -23.55 30.17
C LEU B 344 -0.68 -22.89 28.80
N ILE B 345 -1.81 -22.57 28.18
CA ILE B 345 -1.88 -21.58 27.10
C ILE B 345 -2.76 -20.44 27.69
N LYS B 346 -4.08 -20.65 27.70
CA LYS B 346 -5.04 -19.62 28.13
C LYS B 346 -6.17 -20.24 28.98
N PRO B 347 -6.43 -19.77 30.22
CA PRO B 347 -7.71 -20.17 30.85
C PRO B 347 -8.90 -19.40 30.36
N VAL B 348 -10.09 -19.99 30.47
CA VAL B 348 -11.30 -19.22 30.21
CA VAL B 348 -11.32 -19.26 30.17
C VAL B 348 -12.23 -19.44 31.36
N VAL B 349 -12.97 -18.40 31.71
CA VAL B 349 -13.93 -18.48 32.81
C VAL B 349 -15.31 -18.28 32.23
N ARG B 350 -16.22 -19.21 32.54
CA ARG B 350 -17.61 -19.15 32.10
C ARG B 350 -18.49 -18.66 33.25
N ILE B 351 -19.40 -17.73 32.98
CA ILE B 351 -20.30 -17.19 33.98
C ILE B 351 -21.71 -17.38 33.47
N HIS B 352 -22.58 -17.93 34.32
CA HIS B 352 -23.97 -18.20 33.94
C HIS B 352 -24.95 -17.35 34.74
N TYR B 353 -26.14 -17.13 34.17
CA TYR B 353 -27.19 -16.36 34.82
C TYR B 353 -28.50 -17.13 34.66
N ASP B 354 -29.37 -17.02 35.66
CA ASP B 354 -30.72 -17.62 35.60
C ASP B 354 -31.47 -17.21 34.34
N ASP B 355 -31.32 -15.93 33.96
CA ASP B 355 -32.05 -15.36 32.82
C ASP B 355 -31.13 -15.15 31.63
N GLU B 356 -30.07 -15.97 31.53
CA GLU B 356 -29.12 -15.86 30.43
C GLU B 356 -29.80 -16.03 29.08
N ASP B 357 -30.81 -16.89 29.03
CA ASP B 357 -31.49 -17.11 27.75
C ASP B 357 -32.85 -16.38 27.66
N THR B 358 -33.25 -15.68 28.70
CA THR B 358 -34.55 -14.99 28.67
C THR B 358 -34.48 -13.46 28.87
N LEU B 359 -33.32 -12.94 29.23
CA LEU B 359 -33.19 -11.51 29.52
C LEU B 359 -33.61 -10.68 28.31
N HIS B 360 -34.43 -9.67 28.55
CA HIS B 360 -34.90 -8.77 27.50
C HIS B 360 -35.35 -7.46 28.16
N MET C 1 13.07 -28.70 -36.22
CA MET C 1 12.22 -29.25 -35.12
C MET C 1 10.73 -29.04 -35.43
N LYS C 2 9.88 -29.80 -34.73
CA LYS C 2 8.45 -29.75 -34.94
C LYS C 2 7.79 -28.97 -33.82
N GLY C 3 6.74 -28.23 -34.19
CA GLY C 3 5.94 -27.50 -33.22
C GLY C 3 4.50 -27.37 -33.68
N LEU C 4 3.57 -27.25 -32.73
CA LEU C 4 2.16 -27.04 -33.03
C LEU C 4 1.91 -25.54 -33.07
N ALA C 5 1.52 -25.02 -34.23
CA ALA C 5 1.49 -23.58 -34.46
C ALA C 5 0.10 -23.05 -34.74
N MET C 6 -0.11 -21.77 -34.47
CA MET C 6 -1.25 -21.05 -35.01
C MET C 6 -0.86 -20.66 -36.45
N LEU C 7 -1.57 -21.18 -37.43
CA LEU C 7 -1.28 -20.86 -38.83
C LEU C 7 -1.99 -19.57 -39.22
N GLY C 8 -3.15 -19.32 -38.61
CA GLY C 8 -3.94 -18.13 -38.86
C GLY C 8 -5.15 -18.18 -37.98
N ILE C 9 -5.92 -17.09 -37.94
CA ILE C 9 -7.16 -17.09 -37.16
C ILE C 9 -7.99 -18.31 -37.56
N GLY C 10 -8.31 -19.15 -36.58
CA GLY C 10 -9.09 -20.37 -36.78
C GLY C 10 -8.36 -21.59 -37.34
N ARG C 11 -7.03 -21.52 -37.44
CA ARG C 11 -6.25 -22.60 -38.03
C ARG C 11 -4.99 -22.95 -37.23
N ILE C 12 -4.89 -24.20 -36.82
CA ILE C 12 -3.68 -24.72 -36.20
C ILE C 12 -3.11 -25.89 -37.02
N GLY C 13 -1.82 -26.18 -36.82
CA GLY C 13 -1.18 -27.30 -37.50
C GLY C 13 0.26 -27.48 -37.08
N TRP C 14 0.82 -28.66 -37.34
CA TRP C 14 2.22 -28.97 -37.01
C TRP C 14 3.10 -28.44 -38.13
N ILE C 15 4.19 -27.76 -37.75
CA ILE C 15 5.10 -27.19 -38.72
C ILE C 15 6.52 -27.49 -38.25
N GLU C 16 7.47 -27.30 -39.15
CA GLU C 16 8.89 -27.42 -38.84
C GLU C 16 9.46 -26.01 -38.75
N LYS C 17 10.32 -25.81 -37.75
CA LYS C 17 11.11 -24.58 -37.62
C LYS C 17 12.57 -24.91 -37.28
N LYS C 18 13.49 -23.96 -37.52
CA LYS C 18 14.86 -24.06 -37.01
C LYS C 18 14.81 -24.04 -35.49
N ILE C 19 15.73 -24.77 -34.84
CA ILE C 19 15.95 -24.59 -33.42
C ILE C 19 16.40 -23.15 -33.20
N PRO C 20 15.80 -22.46 -32.19
CA PRO C 20 16.18 -21.05 -31.94
C PRO C 20 17.64 -20.87 -31.48
N GLU C 21 18.23 -19.72 -31.82
CA GLU C 21 19.57 -19.38 -31.35
C GLU C 21 19.54 -19.03 -29.87
N CYS C 22 20.59 -19.41 -29.16
CA CYS C 22 20.73 -19.17 -27.74
C CYS C 22 21.81 -18.10 -27.56
N GLY C 23 21.40 -16.93 -27.10
CA GLY C 23 22.33 -15.84 -26.77
C GLY C 23 22.94 -16.02 -25.40
N PRO C 24 23.86 -15.10 -25.00
CA PRO C 24 24.59 -15.22 -23.74
C PRO C 24 23.72 -15.40 -22.48
N LEU C 25 22.54 -14.80 -22.44
CA LEU C 25 21.67 -14.83 -21.23
C LEU C 25 20.52 -15.83 -21.35
N ASP C 26 20.45 -16.52 -22.49
CA ASP C 26 19.32 -17.40 -22.82
C ASP C 26 19.52 -18.87 -22.42
N ALA C 27 18.43 -19.63 -22.49
CA ALA C 27 18.55 -21.09 -22.42
C ALA C 27 17.62 -21.70 -23.44
N LEU C 28 18.01 -22.86 -23.97
CA LEU C 28 17.10 -23.68 -24.76
C LEU C 28 16.58 -24.81 -23.88
N VAL C 29 15.29 -25.10 -24.02
CA VAL C 29 14.62 -26.04 -23.11
C VAL C 29 13.81 -27.05 -23.92
N ARG C 30 13.81 -28.33 -23.49
CA ARG C 30 12.88 -29.31 -24.08
C ARG C 30 11.74 -29.59 -23.08
N PRO C 31 10.50 -29.70 -23.59
CA PRO C 31 9.37 -29.88 -22.65
C PRO C 31 9.34 -31.28 -22.02
N LEU C 32 9.11 -31.34 -20.70
CA LEU C 32 8.83 -32.59 -20.01
C LEU C 32 7.36 -32.73 -19.66
N ALA C 33 6.70 -31.61 -19.39
CA ALA C 33 5.26 -31.63 -19.12
C ALA C 33 4.68 -30.34 -19.66
N LEU C 34 3.52 -30.45 -20.31
CA LEU C 34 2.90 -29.34 -21.00
C LEU C 34 1.42 -29.29 -20.69
N ALA C 35 0.84 -28.10 -20.71
CA ALA C 35 -0.63 -27.97 -20.60
C ALA C 35 -1.13 -26.93 -21.58
N PRO C 36 -2.35 -27.13 -22.13
CA PRO C 36 -2.99 -26.15 -23.02
C PRO C 36 -3.82 -25.16 -22.19
N CYS C 37 -4.10 -24.00 -22.76
CA CYS C 37 -4.79 -22.93 -22.05
C CYS C 37 -5.95 -22.34 -22.88
N THR C 38 -7.04 -22.01 -22.19
CA THR C 38 -8.18 -21.28 -22.78
C THR C 38 -7.69 -20.04 -23.56
N SER C 39 -6.63 -19.39 -23.10
CA SER C 39 -6.12 -18.19 -23.79
C SER C 39 -5.71 -18.46 -25.22
N ASP C 40 -5.09 -19.61 -25.51
CA ASP C 40 -4.70 -19.93 -26.88
C ASP C 40 -5.92 -20.12 -27.79
N THR C 41 -6.98 -20.62 -27.19
CA THR C 41 -8.30 -20.71 -27.79
C THR C 41 -8.84 -19.34 -28.26
N HIS C 42 -8.75 -18.32 -27.40
CA HIS C 42 -9.15 -16.95 -27.79
C HIS C 42 -8.23 -16.41 -28.87
N THR C 43 -6.94 -16.63 -28.70
CA THR C 43 -5.94 -16.10 -29.62
C THR C 43 -6.15 -16.66 -31.02
N VAL C 44 -6.41 -17.97 -31.09
CA VAL C 44 -6.49 -18.65 -32.39
C VAL C 44 -7.83 -18.44 -33.06
N TRP C 45 -8.91 -18.73 -32.34
CA TRP C 45 -10.25 -18.79 -32.95
C TRP C 45 -11.04 -17.48 -32.86
N ALA C 46 -10.76 -16.65 -31.86
CA ALA C 46 -11.37 -15.31 -31.79
C ALA C 46 -10.50 -14.20 -32.38
N GLY C 47 -9.22 -14.49 -32.60
CA GLY C 47 -8.25 -13.48 -33.02
C GLY C 47 -8.13 -12.30 -32.06
N ALA C 48 -8.31 -12.58 -30.77
CA ALA C 48 -8.41 -11.56 -29.74
C ALA C 48 -7.21 -10.62 -29.64
N ILE C 49 -6.03 -11.07 -30.08
CA ILE C 49 -4.82 -10.23 -30.02
C ILE C 49 -4.13 -10.12 -31.39
N GLY C 50 -4.93 -10.24 -32.45
CA GLY C 50 -4.45 -10.05 -33.81
C GLY C 50 -4.00 -11.32 -34.49
N ASP C 51 -3.85 -11.25 -35.81
CA ASP C 51 -3.47 -12.43 -36.58
C ASP C 51 -2.02 -12.81 -36.28
N ARG C 52 -1.71 -14.08 -36.51
CA ARG C 52 -0.35 -14.58 -36.40
C ARG C 52 -0.07 -15.54 -37.55
N HIS C 53 1.22 -15.68 -37.85
CA HIS C 53 1.69 -16.53 -38.92
CA HIS C 53 1.69 -16.55 -38.91
C HIS C 53 2.72 -17.51 -38.35
N ASP C 54 2.36 -18.79 -38.31
CA ASP C 54 3.25 -19.84 -37.85
C ASP C 54 3.84 -19.59 -36.47
N MET C 55 3.00 -19.15 -35.54
CA MET C 55 3.46 -18.98 -34.19
C MET C 55 3.18 -20.23 -33.39
N ILE C 56 4.25 -20.85 -32.89
CA ILE C 56 4.10 -22.04 -32.04
C ILE C 56 3.34 -21.68 -30.74
N LEU C 57 2.38 -22.54 -30.36
CA LEU C 57 1.44 -22.24 -29.28
C LEU C 57 1.94 -22.75 -27.94
N GLY C 58 1.19 -22.47 -26.87
CA GLY C 58 1.48 -23.02 -25.53
C GLY C 58 2.36 -22.12 -24.68
N HIS C 59 2.08 -22.06 -23.38
CA HIS C 59 2.90 -21.25 -22.50
C HIS C 59 2.92 -21.82 -21.09
N GLU C 60 2.70 -23.13 -20.98
CA GLU C 60 2.72 -23.79 -19.66
C GLU C 60 3.59 -25.03 -19.82
N ALA C 61 4.76 -25.03 -19.18
CA ALA C 61 5.72 -26.13 -19.30
C ALA C 61 6.57 -26.33 -18.06
N VAL C 62 6.88 -27.59 -17.80
CA VAL C 62 8.05 -27.96 -17.01
C VAL C 62 9.03 -28.51 -18.03
N GLY C 63 10.28 -28.11 -17.95
CA GLY C 63 11.20 -28.44 -19.05
C GLY C 63 12.54 -28.88 -18.55
N GLN C 64 13.44 -29.20 -19.47
CA GLN C 64 14.78 -29.63 -19.12
C GLN C 64 15.74 -28.84 -20.00
N ILE C 65 16.77 -28.29 -19.38
CA ILE C 65 17.73 -27.44 -20.10
C ILE C 65 18.55 -28.29 -21.03
N VAL C 66 18.57 -27.88 -22.30
CA VAL C 66 19.44 -28.51 -23.32
C VAL C 66 20.63 -27.64 -23.78
N LYS C 67 20.57 -26.33 -23.54
CA LYS C 67 21.68 -25.43 -23.91
C LYS C 67 21.58 -24.19 -23.05
N VAL C 68 22.72 -23.65 -22.63
CA VAL C 68 22.72 -22.39 -21.88
C VAL C 68 23.68 -21.44 -22.53
N GLY C 69 23.36 -20.15 -22.51
CA GLY C 69 24.29 -19.11 -22.95
C GLY C 69 25.52 -18.97 -22.05
N SER C 70 26.53 -18.31 -22.56
CA SER C 70 27.80 -18.21 -21.85
C SER C 70 27.73 -17.39 -20.56
N LEU C 71 26.66 -16.64 -20.35
CA LEU C 71 26.56 -15.81 -19.15
C LEU C 71 25.55 -16.36 -18.15
N VAL C 72 25.00 -17.53 -18.47
CA VAL C 72 24.08 -18.21 -17.55
C VAL C 72 24.88 -18.79 -16.39
N LYS C 73 24.43 -18.51 -15.17
CA LYS C 73 25.17 -18.92 -13.98
C LYS C 73 24.39 -19.81 -13.03
N ARG C 74 23.07 -19.86 -13.17
CA ARG C 74 22.27 -20.64 -12.22
C ARG C 74 21.83 -22.01 -12.74
N LEU C 75 22.03 -22.24 -14.04
CA LEU C 75 21.46 -23.40 -14.69
C LEU C 75 22.49 -24.14 -15.51
N LYS C 76 22.29 -25.44 -15.66
CA LYS C 76 23.15 -26.22 -16.53
C LYS C 76 22.33 -27.19 -17.37
N VAL C 77 22.92 -27.64 -18.47
CA VAL C 77 22.31 -28.66 -19.32
C VAL C 77 21.90 -29.83 -18.43
N GLY C 78 20.66 -30.29 -18.58
CA GLY C 78 20.19 -31.40 -17.77
C GLY C 78 19.25 -30.98 -16.65
N ASP C 79 19.37 -29.74 -16.16
CA ASP C 79 18.50 -29.28 -15.07
C ASP C 79 17.04 -29.30 -15.49
N LYS C 80 16.17 -29.66 -14.55
CA LYS C 80 14.72 -29.60 -14.76
C LYS C 80 14.17 -28.33 -14.15
N VAL C 81 13.32 -27.63 -14.91
CA VAL C 81 12.88 -26.29 -14.54
C VAL C 81 11.37 -26.12 -14.68
N ILE C 82 10.84 -25.24 -13.85
CA ILE C 82 9.48 -24.71 -13.99
C ILE C 82 9.53 -23.48 -14.87
N VAL C 83 8.83 -23.51 -16.00
CA VAL C 83 8.85 -22.38 -16.94
C VAL C 83 7.60 -21.51 -16.71
N PRO C 84 7.80 -20.26 -16.28
CA PRO C 84 6.61 -19.42 -16.07
C PRO C 84 6.07 -18.98 -17.42
N ALA C 85 4.74 -18.78 -17.54
CA ALA C 85 4.18 -18.28 -18.82
C ALA C 85 4.72 -16.91 -19.17
N ILE C 86 4.92 -16.06 -18.14
CA ILE C 86 5.46 -14.70 -18.27
C ILE C 86 6.96 -14.72 -17.97
N THR C 87 7.75 -14.29 -18.95
CA THR C 87 9.21 -14.30 -18.87
C THR C 87 9.74 -12.88 -19.18
N PRO C 88 9.68 -11.98 -18.18
CA PRO C 88 9.96 -10.56 -18.37
C PRO C 88 11.38 -10.25 -18.90
N ASP C 89 11.51 -9.08 -19.53
CA ASP C 89 12.80 -8.45 -19.72
C ASP C 89 13.02 -7.59 -18.47
N TRP C 90 13.84 -8.08 -17.54
CA TRP C 90 13.89 -7.51 -16.18
C TRP C 90 14.48 -6.09 -16.06
N GLY C 91 15.23 -5.65 -17.07
CA GLY C 91 15.80 -4.29 -17.08
C GLY C 91 14.98 -3.25 -17.82
N GLU C 92 13.88 -3.67 -18.44
CA GLU C 92 13.05 -2.71 -19.18
C GLU C 92 12.32 -1.73 -18.26
N GLU C 93 11.92 -0.57 -18.81
CA GLU C 93 11.29 0.48 -18.02
C GLU C 93 10.17 -0.05 -17.16
N GLU C 94 9.30 -0.89 -17.73
CA GLU C 94 8.11 -1.27 -16.99
C GLU C 94 8.48 -2.16 -15.81
N SER C 95 9.56 -2.92 -15.96
CA SER C 95 10.03 -3.77 -14.85
C SER C 95 10.62 -2.90 -13.74
N GLN C 96 11.39 -1.88 -14.11
CA GLN C 96 11.92 -0.95 -13.12
C GLN C 96 10.85 -0.20 -12.35
N ARG C 97 9.66 -0.05 -12.94
CA ARG C 97 8.59 0.63 -12.22
C ARG C 97 7.57 -0.31 -11.61
N GLY C 98 7.92 -1.59 -11.49
CA GLY C 98 7.12 -2.56 -10.74
C GLY C 98 6.13 -3.42 -11.51
N TYR C 99 6.18 -3.35 -12.84
CA TYR C 99 5.27 -4.12 -13.70
C TYR C 99 6.05 -4.92 -14.75
N PRO C 100 6.80 -5.93 -14.30
CA PRO C 100 7.66 -6.67 -15.23
C PRO C 100 6.87 -7.48 -16.28
N MET C 101 5.60 -7.80 -16.00
CA MET C 101 4.80 -8.53 -16.99
C MET C 101 4.48 -7.64 -18.22
N HIS C 102 4.70 -6.32 -18.10
CA HIS C 102 4.53 -5.40 -19.24
C HIS C 102 5.88 -4.90 -19.76
N SER C 103 6.90 -5.72 -19.62
CA SER C 103 8.24 -5.30 -20.04
C SER C 103 8.29 -5.10 -21.55
N GLY C 104 8.66 -3.89 -21.97
CA GLY C 104 8.72 -3.54 -23.37
C GLY C 104 7.38 -3.13 -23.99
N GLY C 105 6.32 -3.10 -23.18
CA GLY C 105 5.03 -2.66 -23.70
C GLY C 105 3.94 -3.50 -23.12
N MET C 106 2.69 -3.04 -23.23
CA MET C 106 1.58 -3.76 -22.62
C MET C 106 1.56 -5.25 -23.01
N LEU C 107 1.50 -6.12 -22.01
CA LEU C 107 1.56 -7.59 -22.17
C LEU C 107 2.93 -8.13 -22.68
N GLY C 108 3.94 -7.25 -22.70
CA GLY C 108 5.25 -7.61 -23.28
C GLY C 108 6.04 -8.70 -22.58
N GLY C 109 5.69 -8.93 -21.31
CA GLY C 109 6.30 -10.00 -20.50
C GLY C 109 5.71 -11.37 -20.84
N TRP C 110 4.49 -11.37 -21.37
CA TRP C 110 3.87 -12.59 -21.82
C TRP C 110 4.31 -12.80 -23.25
N LYS C 111 5.34 -13.62 -23.42
CA LYS C 111 5.94 -13.78 -24.74
C LYS C 111 5.40 -15.02 -25.41
N PHE C 112 5.56 -16.17 -24.73
CA PHE C 112 5.17 -17.50 -25.26
C PHE C 112 3.71 -17.50 -25.71
N SER C 113 3.49 -17.75 -27.00
CA SER C 113 2.14 -17.85 -27.64
C SER C 113 1.32 -16.55 -27.62
N ASN C 114 1.98 -15.44 -27.25
CA ASN C 114 1.44 -14.09 -27.49
C ASN C 114 2.06 -13.64 -28.82
N PHE C 115 3.37 -13.43 -28.83
CA PHE C 115 4.09 -13.01 -30.04
C PHE C 115 5.41 -13.76 -30.22
N LYS C 116 5.75 -14.66 -29.30
CA LYS C 116 6.97 -15.47 -29.44
C LYS C 116 6.56 -16.92 -29.53
N ASP C 117 7.30 -17.73 -30.31
CA ASP C 117 7.00 -19.17 -30.39
C ASP C 117 6.99 -19.73 -28.97
N GLY C 118 5.92 -20.47 -28.66
CA GLY C 118 5.64 -20.97 -27.32
C GLY C 118 6.29 -22.31 -27.04
N VAL C 119 5.70 -23.05 -26.10
CA VAL C 119 6.36 -24.23 -25.51
C VAL C 119 5.98 -25.55 -26.20
N PHE C 120 5.01 -25.52 -27.12
CA PHE C 120 4.57 -26.75 -27.82
C PHE C 120 5.50 -27.13 -28.96
N SER C 121 6.78 -27.34 -28.67
CA SER C 121 7.74 -27.72 -29.69
C SER C 121 8.82 -28.52 -29.04
N GLU C 122 9.64 -29.20 -29.84
CA GLU C 122 10.71 -30.06 -29.30
C GLU C 122 11.74 -29.31 -28.46
N VAL C 123 12.02 -28.06 -28.82
CA VAL C 123 12.91 -27.18 -28.07
C VAL C 123 12.25 -25.81 -28.13
N PHE C 124 12.35 -25.06 -27.04
CA PHE C 124 11.92 -23.67 -27.06
C PHE C 124 12.94 -22.78 -26.39
N HIS C 125 12.77 -21.47 -26.56
CA HIS C 125 13.74 -20.48 -26.12
C HIS C 125 13.24 -19.68 -24.92
N VAL C 126 14.09 -19.53 -23.91
CA VAL C 126 13.76 -18.68 -22.75
C VAL C 126 14.77 -17.53 -22.67
N ASN C 127 14.29 -16.29 -22.72
CA ASN C 127 15.13 -15.10 -22.54
C ASN C 127 15.46 -14.92 -21.06
N GLU C 128 16.63 -14.33 -20.76
CA GLU C 128 17.04 -14.08 -19.36
C GLU C 128 16.75 -15.31 -18.50
N ALA C 129 17.34 -16.45 -18.90
CA ALA C 129 17.04 -17.75 -18.27
C ALA C 129 17.30 -17.81 -16.76
N ASP C 130 18.40 -17.22 -16.28
CA ASP C 130 18.69 -17.21 -14.82
C ASP C 130 17.56 -16.58 -14.03
N ALA C 131 17.01 -15.51 -14.57
CA ALA C 131 15.97 -14.76 -13.89
C ALA C 131 14.61 -15.43 -14.06
N ASN C 132 14.45 -16.14 -15.17
CA ASN C 132 13.11 -16.59 -15.56
C ASN C 132 12.81 -18.06 -15.36
N LEU C 133 13.78 -18.85 -14.93
CA LEU C 133 13.52 -20.30 -14.73
C LEU C 133 13.81 -20.74 -13.30
N ALA C 134 12.84 -21.42 -12.68
CA ALA C 134 13.03 -21.92 -11.33
C ALA C 134 13.37 -23.39 -11.45
N LEU C 135 14.28 -23.89 -10.61
CA LEU C 135 14.57 -25.32 -10.62
C LEU C 135 13.36 -26.07 -10.05
N LEU C 136 13.05 -27.23 -10.62
CA LEU C 136 11.93 -28.02 -10.11
C LEU C 136 12.36 -28.68 -8.80
N PRO C 137 11.65 -28.39 -7.69
CA PRO C 137 11.96 -29.06 -6.44
C PRO C 137 11.75 -30.56 -6.57
N ARG C 138 12.57 -31.34 -5.88
CA ARG C 138 12.54 -32.80 -5.96
C ARG C 138 11.27 -33.42 -5.39
N ASP C 139 10.54 -32.67 -4.55
CA ASP C 139 9.30 -33.21 -3.99
C ASP C 139 8.04 -32.82 -4.78
N ILE C 140 8.22 -32.25 -5.97
CA ILE C 140 7.06 -31.89 -6.78
C ILE C 140 7.03 -32.66 -8.10
N LYS C 141 5.90 -33.30 -8.41
CA LYS C 141 5.76 -34.02 -9.69
C LYS C 141 5.69 -33.02 -10.85
N PRO C 142 6.36 -33.30 -11.98
CA PRO C 142 6.27 -32.38 -13.12
C PRO C 142 4.82 -31.95 -13.49
N GLU C 143 3.89 -32.91 -13.46
N GLU C 143 3.88 -32.89 -13.51
CA GLU C 143 2.49 -32.66 -13.80
CA GLU C 143 2.50 -32.55 -13.85
C GLU C 143 1.79 -31.68 -12.85
C GLU C 143 1.90 -31.54 -12.87
N ASP C 144 2.19 -31.69 -11.59
CA ASP C 144 1.68 -30.74 -10.58
C ASP C 144 2.34 -29.36 -10.76
N ALA C 145 3.63 -29.36 -11.05
CA ALA C 145 4.37 -28.12 -11.21
C ALA C 145 3.98 -27.32 -12.44
N VAL C 146 3.57 -28.00 -13.52
CA VAL C 146 3.14 -27.28 -14.73
C VAL C 146 1.90 -26.39 -14.47
N MET C 147 1.12 -26.74 -13.44
CA MET C 147 0.02 -25.83 -13.00
C MET C 147 0.50 -24.50 -12.42
N LEU C 148 1.77 -24.42 -12.01
CA LEU C 148 2.32 -23.17 -11.44
C LEU C 148 2.57 -22.11 -12.52
N SER C 149 2.86 -22.57 -13.73
CA SER C 149 3.36 -21.69 -14.82
C SER C 149 2.36 -20.58 -15.13
N ASP C 150 1.08 -20.91 -14.96
CA ASP C 150 0.02 -20.02 -15.45
C ASP C 150 -1.21 -20.16 -14.52
N MET C 151 -1.65 -21.39 -14.23
CA MET C 151 -2.94 -21.49 -13.49
C MET C 151 -2.84 -20.94 -12.08
N VAL C 152 -1.86 -21.43 -11.32
CA VAL C 152 -1.72 -20.98 -9.93
C VAL C 152 -1.37 -19.50 -9.87
N THR C 153 -0.39 -19.05 -10.67
CA THR C 153 0.04 -17.67 -10.56
C THR C 153 -1.05 -16.68 -11.04
N THR C 154 -1.79 -17.02 -12.10
CA THR C 154 -2.90 -16.16 -12.57
C THR C 154 -4.08 -16.15 -11.61
N GLY C 155 -4.49 -17.32 -11.16
CA GLY C 155 -5.61 -17.39 -10.25
C GLY C 155 -5.24 -16.64 -8.96
N PHE C 156 -4.02 -16.85 -8.48
CA PHE C 156 -3.60 -16.14 -7.27
C PHE C 156 -3.50 -14.67 -7.54
N HIS C 157 -3.10 -14.29 -8.75
CA HIS C 157 -3.01 -12.86 -9.04
C HIS C 157 -4.38 -12.20 -9.04
N GLY C 158 -5.41 -12.91 -9.47
CA GLY C 158 -6.79 -12.42 -9.38
C GLY C 158 -7.15 -12.05 -7.94
N ALA C 159 -6.83 -12.96 -7.03
CA ALA C 159 -7.03 -12.72 -5.59
C ALA C 159 -6.19 -11.57 -5.02
N GLU C 160 -4.93 -11.46 -5.46
CA GLU C 160 -4.07 -10.33 -5.10
C GLU C 160 -4.67 -8.98 -5.57
N LEU C 161 -5.08 -8.93 -6.84
CA LEU C 161 -5.68 -7.72 -7.41
C LEU C 161 -6.97 -7.35 -6.71
N ALA C 162 -7.73 -8.36 -6.26
CA ALA C 162 -8.97 -8.12 -5.51
C ALA C 162 -8.69 -7.66 -4.07
N ASN C 163 -7.40 -7.58 -3.67
CA ASN C 163 -7.04 -6.91 -2.43
C ASN C 163 -7.75 -7.60 -1.27
N ILE C 164 -7.79 -8.92 -1.33
CA ILE C 164 -8.47 -9.70 -0.30
C ILE C 164 -7.82 -9.53 1.06
N LYS C 165 -8.67 -9.31 2.08
CA LYS C 165 -8.22 -9.14 3.47
C LYS C 165 -8.76 -10.22 4.38
N LEU C 166 -8.16 -10.34 5.55
CA LEU C 166 -8.60 -11.36 6.52
C LEU C 166 -10.09 -11.29 6.85
N GLY C 167 -10.78 -12.43 6.69
CA GLY C 167 -12.22 -12.50 6.96
C GLY C 167 -13.14 -11.93 5.88
N ASP C 168 -12.59 -11.44 4.77
CA ASP C 168 -13.43 -10.85 3.70
C ASP C 168 -14.39 -11.89 3.12
N THR C 169 -15.59 -11.45 2.76
CA THR C 169 -16.51 -12.26 1.96
C THR C 169 -16.19 -11.97 0.50
N VAL C 170 -15.97 -13.02 -0.30
CA VAL C 170 -15.40 -12.82 -1.65
C VAL C 170 -16.29 -13.56 -2.64
N CYS C 171 -16.46 -13.01 -3.84
CA CYS C 171 -17.11 -13.77 -4.90
C CYS C 171 -16.09 -13.99 -6.02
N VAL C 172 -15.93 -15.25 -6.46
CA VAL C 172 -15.06 -15.57 -7.60
C VAL C 172 -16.00 -15.92 -8.76
N ILE C 173 -15.97 -15.08 -9.79
CA ILE C 173 -16.84 -15.34 -10.92
C ILE C 173 -16.08 -16.10 -12.01
N GLY C 174 -16.49 -17.33 -12.28
CA GLY C 174 -15.84 -18.20 -13.26
C GLY C 174 -14.91 -19.14 -12.53
N ILE C 175 -15.19 -20.43 -12.69
CA ILE C 175 -14.50 -21.48 -11.96
CA ILE C 175 -14.40 -21.45 -11.98
C ILE C 175 -13.88 -22.52 -12.92
N GLY C 176 -13.25 -22.06 -13.99
CA GLY C 176 -12.39 -22.92 -14.78
C GLY C 176 -11.14 -23.08 -13.92
N PRO C 177 -10.06 -23.62 -14.50
CA PRO C 177 -8.87 -23.81 -13.68
C PRO C 177 -8.30 -22.51 -13.11
N VAL C 178 -8.35 -21.39 -13.85
CA VAL C 178 -7.88 -20.14 -13.26
C VAL C 178 -8.72 -19.71 -12.04
N GLY C 179 -10.05 -19.75 -12.20
CA GLY C 179 -10.96 -19.44 -11.10
C GLY C 179 -10.81 -20.32 -9.87
N LEU C 180 -10.55 -21.61 -10.09
CA LEU C 180 -10.38 -22.53 -8.96
C LEU C 180 -9.12 -22.09 -8.21
N MET C 181 -8.11 -21.64 -8.96
CA MET C 181 -6.94 -21.10 -8.29
C MET C 181 -7.17 -19.70 -7.63
N SER C 182 -8.13 -18.94 -8.15
CA SER C 182 -8.55 -17.70 -7.45
C SER C 182 -9.30 -18.02 -6.14
N VAL C 183 -10.11 -19.06 -6.17
CA VAL C 183 -10.70 -19.55 -4.91
C VAL C 183 -9.60 -19.96 -3.92
N ALA C 184 -8.69 -20.83 -4.35
CA ALA C 184 -7.54 -21.18 -3.49
C ALA C 184 -6.76 -19.95 -3.04
N GLY C 185 -6.49 -19.01 -3.95
CA GLY C 185 -5.71 -17.81 -3.59
C GLY C 185 -6.44 -16.97 -2.56
N ALA C 186 -7.76 -16.76 -2.75
CA ALA C 186 -8.56 -16.01 -1.80
C ALA C 186 -8.53 -16.69 -0.44
N ASN C 187 -8.57 -18.01 -0.42
CA ASN C 187 -8.55 -18.76 0.83
C ASN C 187 -7.19 -18.58 1.53
N HIS C 188 -6.12 -18.55 0.72
CA HIS C 188 -4.74 -18.37 1.22
C HIS C 188 -4.43 -16.94 1.65
N LEU C 189 -5.30 -16.00 1.30
CA LEU C 189 -5.17 -14.60 1.70
C LEU C 189 -6.12 -14.25 2.86
N GLY C 190 -6.86 -15.24 3.33
CA GLY C 190 -7.62 -15.10 4.55
C GLY C 190 -9.12 -14.89 4.39
N ALA C 191 -9.64 -15.06 3.17
CA ALA C 191 -11.12 -14.94 2.99
C ALA C 191 -11.90 -15.95 3.85
N GLY C 192 -13.08 -15.54 4.30
CA GLY C 192 -13.95 -16.38 5.12
C GLY C 192 -14.96 -16.98 4.14
N ARG C 193 -16.10 -16.30 3.97
CA ARG C 193 -17.13 -16.80 3.06
C ARG C 193 -16.65 -16.57 1.63
N ILE C 194 -16.72 -17.61 0.80
CA ILE C 194 -16.30 -17.47 -0.60
C ILE C 194 -17.38 -18.05 -1.51
N PHE C 195 -18.00 -17.18 -2.31
CA PHE C 195 -18.97 -17.63 -3.29
C PHE C 195 -18.25 -17.94 -4.58
N ALA C 196 -18.51 -19.11 -5.14
CA ALA C 196 -17.90 -19.50 -6.40
C ALA C 196 -19.03 -19.61 -7.44
N VAL C 197 -18.94 -18.85 -8.53
CA VAL C 197 -19.99 -18.79 -9.56
C VAL C 197 -19.59 -19.69 -10.72
N GLY C 198 -20.33 -20.77 -10.88
CA GLY C 198 -20.06 -21.80 -11.88
C GLY C 198 -21.22 -22.79 -11.83
N SER C 199 -21.29 -23.66 -12.84
CA SER C 199 -22.45 -24.54 -13.00
C SER C 199 -22.08 -25.99 -13.31
N ARG C 200 -20.83 -26.20 -13.74
CA ARG C 200 -20.27 -27.55 -13.99
C ARG C 200 -19.99 -28.27 -12.65
N LYS C 201 -20.71 -29.37 -12.42
CA LYS C 201 -20.60 -30.16 -11.20
C LYS C 201 -19.16 -30.43 -10.72
N HIS C 202 -18.28 -30.89 -11.62
N HIS C 202 -18.29 -30.92 -11.60
CA HIS C 202 -16.93 -31.25 -11.22
CA HIS C 202 -16.93 -31.23 -11.17
C HIS C 202 -16.08 -30.03 -10.85
C HIS C 202 -16.22 -29.96 -10.73
N CYS C 203 -16.32 -28.89 -11.52
CA CYS C 203 -15.69 -27.62 -11.16
C CYS C 203 -16.19 -27.11 -9.81
N CYS C 204 -17.51 -27.18 -9.60
CA CYS C 204 -18.11 -26.75 -8.34
C CYS C 204 -17.57 -27.54 -7.14
N ASP C 205 -17.49 -28.84 -7.31
CA ASP C 205 -16.90 -29.73 -6.29
C ASP C 205 -15.47 -29.33 -5.97
N ILE C 206 -14.68 -29.07 -7.00
CA ILE C 206 -13.30 -28.74 -6.77
C ILE C 206 -13.20 -27.40 -6.07
N ALA C 207 -14.09 -26.45 -6.40
CA ALA C 207 -14.06 -25.13 -5.74
C ALA C 207 -14.27 -25.29 -4.21
N LEU C 208 -15.19 -26.16 -3.82
CA LEU C 208 -15.39 -26.43 -2.40
C LEU C 208 -14.10 -27.02 -1.78
N GLU C 209 -13.39 -27.89 -2.51
CA GLU C 209 -12.15 -28.49 -1.99
C GLU C 209 -11.07 -27.42 -1.76
N TYR C 210 -11.16 -26.30 -2.47
CA TYR C 210 -10.14 -25.24 -2.37
C TYR C 210 -10.56 -24.13 -1.38
N GLY C 211 -11.75 -24.24 -0.82
CA GLY C 211 -12.19 -23.30 0.24
C GLY C 211 -13.43 -22.48 -0.02
N ALA C 212 -14.09 -22.73 -1.16
CA ALA C 212 -15.35 -22.06 -1.43
C ALA C 212 -16.32 -22.56 -0.41
N THR C 213 -17.27 -21.69 -0.06
CA THR C 213 -18.27 -22.05 0.92
C THR C 213 -19.65 -22.08 0.30
N ASP C 214 -19.80 -21.41 -0.85
CA ASP C 214 -21.13 -21.31 -1.49
C ASP C 214 -20.94 -21.47 -2.98
N ILE C 215 -21.77 -22.31 -3.61
CA ILE C 215 -21.75 -22.41 -5.08
C ILE C 215 -22.95 -21.66 -5.63
N ILE C 216 -22.71 -20.78 -6.60
CA ILE C 216 -23.77 -19.98 -7.22
C ILE C 216 -23.87 -20.38 -8.70
N ASN C 217 -24.96 -21.06 -9.01
CA ASN C 217 -25.19 -21.61 -10.34
C ASN C 217 -26.27 -20.78 -11.05
N TYR C 218 -25.94 -20.18 -12.19
CA TYR C 218 -26.91 -19.29 -12.90
C TYR C 218 -28.29 -19.93 -13.21
N LYS C 219 -28.33 -21.26 -13.29
CA LYS C 219 -29.58 -21.97 -13.57
C LYS C 219 -30.61 -21.77 -12.46
N ASN C 220 -30.15 -21.31 -11.29
CA ASN C 220 -31.06 -21.01 -10.20
C ASN C 220 -31.47 -19.53 -10.18
N GLY C 221 -31.11 -18.80 -11.23
CA GLY C 221 -31.51 -17.41 -11.39
C GLY C 221 -30.33 -16.45 -11.46
N ASP C 222 -30.63 -15.21 -11.83
CA ASP C 222 -29.62 -14.15 -11.91
C ASP C 222 -28.60 -14.26 -10.78
N ILE C 223 -27.31 -14.33 -11.12
CA ILE C 223 -26.30 -14.56 -10.09
C ILE C 223 -26.15 -13.36 -9.14
N VAL C 224 -26.43 -12.15 -9.63
CA VAL C 224 -26.31 -10.96 -8.79
C VAL C 224 -27.39 -11.01 -7.72
N GLU C 225 -28.60 -11.33 -8.14
CA GLU C 225 -29.74 -11.49 -7.26
C GLU C 225 -29.50 -12.62 -6.25
N GLN C 226 -28.91 -13.73 -6.69
CA GLN C 226 -28.57 -14.81 -5.74
C GLN C 226 -27.58 -14.35 -4.66
N ILE C 227 -26.54 -13.64 -5.07
CA ILE C 227 -25.52 -13.08 -4.16
CA ILE C 227 -25.55 -13.15 -4.12
C ILE C 227 -26.12 -12.05 -3.22
N LEU C 228 -26.99 -11.19 -3.76
CA LEU C 228 -27.62 -10.18 -2.90
C LEU C 228 -28.55 -10.83 -1.87
N LYS C 229 -29.30 -11.85 -2.27
CA LYS C 229 -30.17 -12.55 -1.33
C LYS C 229 -29.32 -13.22 -0.24
N ALA C 230 -28.21 -13.84 -0.65
CA ALA C 230 -27.34 -14.55 0.29
C ALA C 230 -26.66 -13.62 1.30
N THR C 231 -26.60 -12.33 0.97
CA THR C 231 -25.88 -11.36 1.81
C THR C 231 -26.85 -10.31 2.37
N ASP C 232 -28.14 -10.64 2.35
CA ASP C 232 -29.21 -9.74 2.82
C ASP C 232 -29.11 -8.33 2.22
N GLY C 233 -28.84 -8.27 0.93
CA GLY C 233 -28.77 -7.02 0.18
C GLY C 233 -27.50 -6.24 0.30
N LYS C 234 -26.56 -6.73 1.13
CA LYS C 234 -25.33 -5.96 1.45
C LYS C 234 -24.23 -6.12 0.40
N GLY C 235 -24.23 -7.24 -0.32
CA GLY C 235 -23.17 -7.50 -1.30
C GLY C 235 -21.95 -8.13 -0.64
N VAL C 236 -20.91 -8.34 -1.45
CA VAL C 236 -19.67 -8.96 -0.99
C VAL C 236 -18.57 -7.91 -0.81
N ASP C 237 -17.50 -8.26 -0.11
CA ASP C 237 -16.40 -7.30 0.12
C ASP C 237 -15.50 -7.10 -1.09
N LYS C 238 -15.20 -8.21 -1.79
CA LYS C 238 -14.20 -8.22 -2.89
C LYS C 238 -14.67 -9.21 -3.95
N VAL C 239 -14.32 -8.95 -5.21
CA VAL C 239 -14.71 -9.82 -6.31
C VAL C 239 -13.50 -10.16 -7.17
N VAL C 240 -13.35 -11.44 -7.52
CA VAL C 240 -12.35 -11.83 -8.52
C VAL C 240 -13.08 -12.25 -9.78
N ILE C 241 -12.66 -11.72 -10.94
CA ILE C 241 -13.26 -12.18 -12.19
C ILE C 241 -12.26 -13.09 -12.90
N ALA C 242 -12.65 -14.35 -13.15
CA ALA C 242 -11.72 -15.34 -13.73
C ALA C 242 -12.34 -16.07 -14.92
N GLY C 243 -13.41 -15.49 -15.46
CA GLY C 243 -14.12 -16.08 -16.57
C GLY C 243 -15.22 -15.14 -16.96
N GLY C 244 -16.00 -15.54 -17.94
CA GLY C 244 -17.14 -14.72 -18.40
C GLY C 244 -16.77 -13.91 -19.62
N ASP C 245 -17.42 -12.77 -19.78
CA ASP C 245 -17.21 -11.91 -20.94
C ASP C 245 -17.18 -10.45 -20.49
N VAL C 246 -17.26 -9.51 -21.41
CA VAL C 246 -17.19 -8.08 -20.99
C VAL C 246 -18.34 -7.67 -20.07
N HIS C 247 -19.46 -8.40 -20.13
CA HIS C 247 -20.62 -8.07 -19.31
C HIS C 247 -20.50 -8.54 -17.85
N THR C 248 -19.48 -9.35 -17.54
CA THR C 248 -19.27 -9.84 -16.18
C THR C 248 -18.85 -8.70 -15.21
N PHE C 249 -18.23 -7.66 -15.74
CA PHE C 249 -17.82 -6.53 -14.88
C PHE C 249 -19.02 -5.83 -14.28
N ALA C 250 -20.11 -5.68 -15.04
CA ALA C 250 -21.32 -5.03 -14.49
C ALA C 250 -21.88 -5.85 -13.34
N GLN C 251 -21.80 -7.17 -13.47
CA GLN C 251 -22.26 -8.06 -12.40
C GLN C 251 -21.41 -7.88 -11.16
N ALA C 252 -20.11 -7.77 -11.36
CA ALA C 252 -19.19 -7.57 -10.24
C ALA C 252 -19.49 -6.25 -9.54
N VAL C 253 -19.70 -5.18 -10.31
CA VAL C 253 -19.99 -3.87 -9.72
C VAL C 253 -21.31 -3.91 -8.93
N LYS C 254 -22.31 -4.63 -9.45
CA LYS C 254 -23.63 -4.64 -8.84
C LYS C 254 -23.66 -5.46 -7.55
N MET C 255 -22.71 -6.38 -7.39
CA MET C 255 -22.75 -7.28 -6.23
C MET C 255 -21.78 -6.88 -5.11
N ILE C 256 -20.94 -5.88 -5.39
CA ILE C 256 -19.84 -5.54 -4.48
C ILE C 256 -20.18 -4.28 -3.65
N LYS C 257 -19.72 -4.24 -2.39
CA LYS C 257 -19.89 -3.05 -1.55
C LYS C 257 -19.10 -1.84 -2.10
N PRO C 258 -19.43 -0.60 -1.68
CA PRO C 258 -18.59 0.56 -2.04
C PRO C 258 -17.28 0.42 -1.22
N GLY C 259 -16.19 1.02 -1.70
CA GLY C 259 -14.88 0.86 -1.01
C GLY C 259 -14.40 -0.58 -1.07
N SER C 260 -14.01 -0.99 -2.25
CA SER C 260 -13.81 -2.41 -2.52
C SER C 260 -12.93 -2.55 -3.77
N ASP C 261 -12.63 -3.79 -4.16
CA ASP C 261 -11.77 -4.06 -5.30
C ASP C 261 -12.29 -5.23 -6.13
N ILE C 262 -12.30 -5.03 -7.43
CA ILE C 262 -12.66 -6.08 -8.37
C ILE C 262 -11.37 -6.45 -9.09
N GLY C 263 -10.96 -7.71 -9.00
CA GLY C 263 -9.67 -8.15 -9.59
C GLY C 263 -9.93 -9.05 -10.78
N ASN C 264 -9.74 -8.51 -12.00
CA ASN C 264 -9.91 -9.30 -13.22
C ASN C 264 -8.61 -9.92 -13.71
N VAL C 265 -8.65 -11.23 -13.98
CA VAL C 265 -7.55 -11.92 -14.68
C VAL C 265 -8.04 -12.57 -15.94
N ASN C 266 -9.33 -12.44 -16.26
CA ASN C 266 -9.85 -13.03 -17.49
C ASN C 266 -9.36 -12.30 -18.74
N TYR C 267 -8.90 -13.09 -19.72
CA TYR C 267 -8.46 -12.57 -21.03
C TYR C 267 -9.73 -12.45 -21.89
N LEU C 268 -10.08 -11.20 -22.20
CA LEU C 268 -11.34 -10.87 -22.84
C LEU C 268 -11.20 -10.93 -24.35
N GLY C 269 -11.86 -11.90 -24.95
CA GLY C 269 -11.68 -12.24 -26.35
C GLY C 269 -12.49 -11.45 -27.37
N GLU C 270 -13.56 -10.80 -26.92
CA GLU C 270 -14.43 -10.07 -27.87
C GLU C 270 -15.23 -8.95 -27.24
N GLY C 271 -15.70 -8.02 -28.07
CA GLY C 271 -16.50 -6.89 -27.64
C GLY C 271 -15.66 -5.64 -27.67
N ASP C 272 -16.24 -4.54 -28.15
CA ASP C 272 -15.49 -3.30 -28.25
C ASP C 272 -15.16 -2.71 -26.88
N ASN C 273 -16.13 -2.75 -25.96
CA ASN C 273 -16.04 -2.05 -24.69
C ASN C 273 -16.53 -2.91 -23.55
N ILE C 274 -16.04 -2.60 -22.37
CA ILE C 274 -16.48 -3.21 -21.12
C ILE C 274 -17.37 -2.17 -20.48
N PRO C 275 -18.68 -2.42 -20.43
CA PRO C 275 -19.63 -1.47 -19.83
C PRO C 275 -19.59 -1.50 -18.29
N ILE C 276 -19.24 -0.37 -17.68
CA ILE C 276 -19.32 -0.22 -16.21
C ILE C 276 -20.58 0.57 -15.90
N PRO C 277 -21.52 0.00 -15.11
CA PRO C 277 -22.83 0.67 -14.89
C PRO C 277 -22.68 1.93 -14.04
N ARG C 278 -23.09 3.08 -14.59
CA ARG C 278 -22.86 4.36 -13.90
C ARG C 278 -23.44 4.43 -12.49
N SER C 279 -24.71 4.12 -12.33
CA SER C 279 -25.39 4.24 -11.04
CA SER C 279 -25.39 4.24 -11.04
CA SER C 279 -25.40 4.22 -11.04
C SER C 279 -24.76 3.34 -9.99
N GLU C 280 -24.58 2.06 -10.33
CA GLU C 280 -23.99 1.14 -9.36
C GLU C 280 -22.51 1.37 -9.10
N TRP C 281 -21.86 2.13 -9.97
CA TRP C 281 -20.46 2.49 -9.71
C TRP C 281 -20.41 3.78 -8.89
N GLY C 282 -21.53 4.18 -8.29
CA GLY C 282 -21.57 5.34 -7.40
C GLY C 282 -21.48 6.62 -8.20
N VAL C 283 -22.06 6.62 -9.39
CA VAL C 283 -21.99 7.73 -10.35
C VAL C 283 -20.57 8.33 -10.46
N GLY C 284 -19.58 7.43 -10.40
CA GLY C 284 -18.15 7.76 -10.56
C GLY C 284 -17.37 7.83 -9.25
N MET C 285 -18.04 7.58 -8.13
CA MET C 285 -17.44 7.95 -6.84
C MET C 285 -17.57 6.90 -5.75
N GLY C 286 -17.94 5.67 -6.12
CA GLY C 286 -18.17 4.59 -5.14
C GLY C 286 -16.94 3.89 -4.56
N HIS C 287 -15.74 4.32 -4.96
CA HIS C 287 -14.48 3.62 -4.62
C HIS C 287 -14.61 2.09 -4.85
N LYS C 288 -15.23 1.70 -5.97
CA LYS C 288 -15.24 0.30 -6.42
C LYS C 288 -14.12 0.17 -7.41
N HIS C 289 -12.94 -0.13 -6.90
CA HIS C 289 -11.71 -0.07 -7.73
C HIS C 289 -11.68 -1.22 -8.73
N ILE C 290 -11.35 -0.93 -9.99
CA ILE C 290 -11.41 -1.96 -11.01
C ILE C 290 -9.98 -2.25 -11.50
N HIS C 291 -9.57 -3.50 -11.36
CA HIS C 291 -8.20 -3.96 -11.71
C HIS C 291 -8.35 -5.06 -12.77
N GLY C 292 -7.42 -5.09 -13.71
CA GLY C 292 -7.40 -6.14 -14.70
C GLY C 292 -5.93 -6.31 -15.05
N GLY C 293 -5.37 -7.44 -14.68
CA GLY C 293 -3.92 -7.62 -14.76
C GLY C 293 -3.44 -8.96 -15.28
N LEU C 294 -2.39 -8.90 -16.09
CA LEU C 294 -1.61 -10.10 -16.48
C LEU C 294 -0.79 -10.67 -15.32
N THR C 295 -0.71 -12.00 -15.20
CA THR C 295 0.08 -12.60 -14.12
C THR C 295 1.53 -12.14 -14.11
N PRO C 296 2.10 -12.03 -12.91
CA PRO C 296 3.56 -12.02 -12.76
C PRO C 296 4.17 -13.31 -13.29
N GLY C 297 5.48 -13.24 -13.57
CA GLY C 297 6.21 -14.39 -13.99
C GLY C 297 7.61 -14.31 -13.44
N GLY C 298 8.51 -15.09 -14.03
CA GLY C 298 9.88 -15.14 -13.56
C GLY C 298 10.08 -16.18 -12.49
N ARG C 299 11.32 -16.40 -12.11
CA ARG C 299 11.61 -17.55 -11.26
C ARG C 299 11.20 -17.33 -9.82
N VAL C 300 11.25 -16.10 -9.32
CA VAL C 300 10.90 -15.89 -7.89
C VAL C 300 9.41 -16.22 -7.67
N ARG C 301 8.57 -15.70 -8.54
CA ARG C 301 7.15 -16.06 -8.50
C ARG C 301 6.94 -17.58 -8.50
N MET C 302 7.65 -18.29 -9.37
CA MET C 302 7.51 -19.74 -9.42
C MET C 302 7.99 -20.39 -8.13
N GLU C 303 9.12 -19.93 -7.59
CA GLU C 303 9.70 -20.51 -6.37
C GLU C 303 8.79 -20.33 -5.16
N LYS C 304 8.21 -19.13 -5.03
CA LYS C 304 7.31 -18.83 -3.90
C LYS C 304 6.11 -19.74 -3.94
N LEU C 305 5.48 -19.78 -5.10
CA LEU C 305 4.30 -20.64 -5.30
C LEU C 305 4.63 -22.12 -5.16
N ALA C 306 5.79 -22.56 -5.66
CA ALA C 306 6.18 -23.96 -5.52
C ALA C 306 6.31 -24.35 -4.05
N SER C 307 6.69 -23.37 -3.22
CA SER C 307 6.93 -23.65 -1.82
CA SER C 307 6.91 -23.60 -1.80
C SER C 307 5.63 -24.04 -1.12
N LEU C 308 4.49 -23.52 -1.59
CA LEU C 308 3.18 -23.95 -1.08
C LEU C 308 2.91 -25.41 -1.39
N ILE C 309 3.34 -25.87 -2.56
CA ILE C 309 3.19 -27.29 -2.86
C ILE C 309 4.09 -28.13 -1.98
N SER C 310 5.36 -27.73 -1.88
CA SER C 310 6.36 -28.48 -1.13
C SER C 310 6.04 -28.61 0.37
N THR C 311 5.35 -27.60 0.93
CA THR C 311 4.97 -27.60 2.34
C THR C 311 3.59 -28.22 2.58
N GLY C 312 2.96 -28.71 1.50
CA GLY C 312 1.69 -29.43 1.64
C GLY C 312 0.49 -28.52 1.82
N LYS C 313 0.65 -27.25 1.45
CA LYS C 313 -0.38 -26.25 1.66
C LYS C 313 -1.18 -25.92 0.39
N LEU C 314 -0.76 -26.49 -0.73
CA LEU C 314 -1.43 -26.29 -2.02
C LEU C 314 -1.30 -27.58 -2.84
N ASP C 315 -2.44 -28.12 -3.27
CA ASP C 315 -2.47 -29.36 -4.04
C ASP C 315 -3.02 -29.01 -5.42
N THR C 316 -2.13 -28.94 -6.40
CA THR C 316 -2.51 -28.56 -7.77
C THR C 316 -2.99 -29.74 -8.60
N SER C 317 -2.85 -30.96 -8.08
CA SER C 317 -3.24 -32.16 -8.83
C SER C 317 -4.75 -32.20 -9.05
N LYS C 318 -5.51 -31.46 -8.24
CA LYS C 318 -6.99 -31.42 -8.37
C LYS C 318 -7.44 -30.82 -9.69
N LEU C 319 -6.55 -30.05 -10.31
CA LEU C 319 -6.87 -29.36 -11.54
C LEU C 319 -6.78 -30.29 -12.74
N ILE C 320 -6.05 -31.38 -12.58
CA ILE C 320 -5.70 -32.27 -13.70
C ILE C 320 -6.79 -33.32 -13.93
N THR C 321 -7.47 -33.21 -15.06
CA THR C 321 -8.56 -34.13 -15.38
C THR C 321 -8.24 -35.09 -16.51
N HIS C 322 -7.25 -34.76 -17.34
CA HIS C 322 -6.85 -35.61 -18.44
C HIS C 322 -5.33 -35.69 -18.46
N ARG C 323 -4.81 -36.90 -18.66
CA ARG C 323 -3.37 -37.12 -18.74
CA ARG C 323 -3.37 -37.15 -18.71
C ARG C 323 -3.01 -37.81 -20.05
N PHE C 324 -2.14 -37.16 -20.82
CA PHE C 324 -1.70 -37.67 -22.14
C PHE C 324 -0.19 -37.93 -22.11
N GLU C 325 0.28 -38.70 -23.09
CA GLU C 325 1.71 -38.98 -23.21
C GLU C 325 2.18 -38.80 -24.65
N GLY C 326 3.21 -37.97 -24.84
CA GLY C 326 3.82 -37.76 -26.14
C GLY C 326 3.49 -36.39 -26.70
N LEU C 327 4.48 -35.75 -27.32
CA LEU C 327 4.29 -34.35 -27.75
C LEU C 327 3.06 -34.17 -28.65
N GLU C 328 2.81 -35.13 -29.53
CA GLU C 328 1.70 -35.04 -30.49
C GLU C 328 0.37 -34.82 -29.77
N LYS C 329 0.26 -35.28 -28.53
CA LYS C 329 -1.00 -35.18 -27.78
C LYS C 329 -1.35 -33.76 -27.35
N VAL C 330 -0.44 -32.78 -27.49
CA VAL C 330 -0.78 -31.39 -27.17
C VAL C 330 -1.88 -30.88 -28.13
N GLU C 331 -1.94 -31.43 -29.33
CA GLU C 331 -3.00 -31.05 -30.27
C GLU C 331 -4.38 -31.47 -29.74
N ASP C 332 -4.51 -32.76 -29.38
CA ASP C 332 -5.72 -33.24 -28.68
C ASP C 332 -6.05 -32.41 -27.45
N ALA C 333 -5.02 -32.12 -26.65
CA ALA C 333 -5.18 -31.41 -25.39
C ALA C 333 -5.74 -30.01 -25.63
N LEU C 334 -5.24 -29.32 -26.65
CA LEU C 334 -5.70 -27.96 -26.96
C LEU C 334 -7.16 -27.95 -27.45
N MET C 335 -7.52 -28.93 -28.28
CA MET C 335 -8.91 -29.08 -28.76
C MET C 335 -9.89 -29.28 -27.62
N LEU C 336 -9.45 -29.93 -26.53
CA LEU C 336 -10.29 -30.11 -25.36
C LEU C 336 -10.63 -28.76 -24.74
N MET C 337 -9.70 -27.81 -24.81
CA MET C 337 -9.95 -26.48 -24.24
C MET C 337 -10.92 -25.66 -25.10
N LYS C 338 -10.97 -25.99 -26.39
CA LYS C 338 -11.90 -25.34 -27.30
C LYS C 338 -13.29 -25.95 -27.11
N ASN C 339 -13.35 -27.28 -27.08
CA ASN C 339 -14.63 -28.01 -26.98
C ASN C 339 -15.30 -28.02 -25.60
N LYS C 340 -14.49 -27.99 -24.53
CA LYS C 340 -14.98 -27.92 -23.14
C LYS C 340 -16.01 -29.00 -22.72
N PRO C 341 -15.59 -30.29 -22.69
CA PRO C 341 -16.51 -31.32 -22.20
C PRO C 341 -16.77 -31.13 -20.69
N ALA C 342 -17.85 -31.69 -20.17
CA ALA C 342 -18.28 -31.41 -18.79
C ALA C 342 -17.28 -31.84 -17.71
N ASP C 343 -16.45 -32.82 -18.04
CA ASP C 343 -15.51 -33.42 -17.08
C ASP C 343 -14.11 -32.79 -17.09
N LEU C 344 -13.97 -31.69 -17.83
CA LEU C 344 -12.65 -31.08 -18.08
C LEU C 344 -12.33 -29.94 -17.12
N ILE C 345 -11.08 -29.91 -16.65
CA ILE C 345 -10.53 -28.72 -16.02
C ILE C 345 -9.24 -28.39 -16.80
N LYS C 346 -8.16 -29.15 -16.58
CA LYS C 346 -6.90 -28.98 -17.33
C LYS C 346 -6.33 -30.33 -17.79
N PRO C 347 -6.01 -30.49 -19.08
CA PRO C 347 -5.19 -31.64 -19.46
C PRO C 347 -3.68 -31.40 -19.24
N VAL C 348 -2.94 -32.46 -18.98
CA VAL C 348 -1.48 -32.36 -18.99
CA VAL C 348 -1.48 -32.35 -18.97
C VAL C 348 -0.90 -33.40 -19.93
N VAL C 349 0.19 -33.03 -20.62
CA VAL C 349 0.89 -33.91 -21.55
C VAL C 349 2.30 -34.14 -21.01
N ARG C 350 2.66 -35.40 -20.83
CA ARG C 350 3.96 -35.76 -20.33
C ARG C 350 4.79 -36.23 -21.49
N ILE C 351 6.06 -35.81 -21.51
CA ILE C 351 6.96 -36.21 -22.60
C ILE C 351 8.21 -36.76 -21.95
N HIS C 352 8.60 -37.98 -22.32
CA HIS C 352 9.82 -38.57 -21.82
C HIS C 352 10.90 -38.64 -22.91
N TYR C 353 12.16 -38.64 -22.47
CA TYR C 353 13.30 -38.68 -23.35
C TYR C 353 14.20 -39.78 -22.88
N ASP C 354 14.94 -40.36 -23.81
CA ASP C 354 15.79 -41.52 -23.55
C ASP C 354 16.90 -41.16 -22.57
N ASP C 355 17.36 -39.90 -22.62
CA ASP C 355 18.44 -39.44 -21.73
C ASP C 355 18.01 -38.46 -20.63
N GLU C 356 16.73 -38.48 -20.29
CA GLU C 356 16.14 -37.54 -19.33
C GLU C 356 16.89 -37.55 -17.99
N ASP C 357 17.50 -38.67 -17.64
CA ASP C 357 18.10 -38.80 -16.30
C ASP C 357 19.61 -38.77 -16.33
N THR C 358 20.20 -38.68 -17.52
CA THR C 358 21.64 -38.66 -17.70
C THR C 358 22.17 -37.45 -18.46
N LEU C 359 21.27 -36.65 -19.05
CA LEU C 359 21.68 -35.51 -19.88
C LEU C 359 22.53 -34.55 -19.07
N HIS C 360 23.67 -34.15 -19.60
CA HIS C 360 24.55 -33.21 -18.90
C HIS C 360 25.46 -32.48 -19.90
N MET D 1 -36.78 28.67 9.66
CA MET D 1 -35.58 29.32 9.08
C MET D 1 -35.56 29.10 7.57
N LYS D 2 -35.01 30.08 6.85
CA LYS D 2 -35.00 30.11 5.39
C LYS D 2 -33.83 29.32 4.81
N GLY D 3 -34.08 28.63 3.70
CA GLY D 3 -33.02 27.90 2.98
C GLY D 3 -33.37 27.75 1.50
N LEU D 4 -32.34 27.68 0.65
CA LEU D 4 -32.58 27.49 -0.78
C LEU D 4 -32.62 25.99 -1.08
N ALA D 5 -33.74 25.49 -1.58
CA ALA D 5 -33.93 24.03 -1.72
C ALA D 5 -34.17 23.56 -3.15
N MET D 6 -33.87 22.29 -3.40
CA MET D 6 -34.36 21.55 -4.55
C MET D 6 -35.80 21.17 -4.22
N LEU D 7 -36.74 21.73 -4.97
CA LEU D 7 -38.16 21.48 -4.74
C LEU D 7 -38.65 20.32 -5.60
N GLY D 8 -37.78 19.84 -6.47
CA GLY D 8 -38.09 18.76 -7.39
C GLY D 8 -37.10 18.87 -8.51
N ILE D 9 -36.96 17.80 -9.31
CA ILE D 9 -36.04 17.84 -10.43
C ILE D 9 -36.39 19.09 -11.26
N GLY D 10 -35.38 19.90 -11.53
CA GLY D 10 -35.56 21.13 -12.30
C GLY D 10 -36.11 22.36 -11.60
N ARG D 11 -36.30 22.31 -10.28
CA ARG D 11 -36.92 23.46 -9.59
C ARG D 11 -36.21 23.77 -8.28
N ILE D 12 -35.85 25.04 -8.08
CA ILE D 12 -35.29 25.49 -6.80
C ILE D 12 -36.03 26.72 -6.31
N GLY D 13 -35.99 26.95 -5.00
CA GLY D 13 -36.62 28.10 -4.40
C GLY D 13 -36.40 28.11 -2.91
N TRP D 14 -36.68 29.24 -2.29
CA TRP D 14 -36.53 29.42 -0.83
C TRP D 14 -37.73 28.84 -0.10
N ILE D 15 -37.46 28.12 0.98
CA ILE D 15 -38.50 27.52 1.82
C ILE D 15 -38.16 27.75 3.29
N GLU D 16 -39.15 27.59 4.16
CA GLU D 16 -38.91 27.66 5.59
C GLU D 16 -38.87 26.24 6.13
N LYS D 17 -37.83 25.92 6.89
CA LYS D 17 -37.76 24.62 7.59
C LYS D 17 -37.48 24.87 9.08
N LYS D 18 -37.79 23.86 9.90
CA LYS D 18 -37.51 23.97 11.32
CA LYS D 18 -37.52 23.88 11.33
C LYS D 18 -36.00 23.98 11.55
N ILE D 19 -35.56 24.77 12.52
CA ILE D 19 -34.15 24.74 12.93
C ILE D 19 -33.90 23.30 13.39
N PRO D 20 -32.86 22.64 12.85
CA PRO D 20 -32.71 21.22 13.16
C PRO D 20 -32.49 20.93 14.67
N GLU D 21 -32.91 19.76 15.13
CA GLU D 21 -32.63 19.30 16.49
C GLU D 21 -31.13 19.01 16.65
N CYS D 22 -30.56 19.48 17.75
CA CYS D 22 -29.15 19.34 17.98
C CYS D 22 -28.95 18.27 19.05
N GLY D 23 -28.50 17.09 18.63
CA GLY D 23 -28.25 15.97 19.55
C GLY D 23 -26.92 16.12 20.29
N PRO D 24 -26.59 15.16 21.17
CA PRO D 24 -25.42 15.28 22.05
C PRO D 24 -24.09 15.50 21.34
N LEU D 25 -23.92 14.95 20.12
CA LEU D 25 -22.65 15.06 19.40
C LEU D 25 -22.70 16.09 18.28
N ASP D 26 -23.84 16.75 18.14
CA ASP D 26 -24.08 17.61 16.96
C ASP D 26 -23.71 19.06 17.23
N ALA D 27 -23.63 19.85 16.14
CA ALA D 27 -23.59 21.29 16.25
C ALA D 27 -24.52 21.89 15.21
N LEU D 28 -25.03 23.09 15.52
CA LEU D 28 -25.77 23.88 14.57
C LEU D 28 -24.85 25.03 14.17
N VAL D 29 -24.88 25.43 12.91
CA VAL D 29 -23.89 26.34 12.38
C VAL D 29 -24.62 27.34 11.48
N ARG D 30 -24.20 28.60 11.52
CA ARG D 30 -24.71 29.64 10.54
C ARG D 30 -23.60 29.93 9.53
N PRO D 31 -23.98 30.19 8.25
CA PRO D 31 -22.95 30.37 7.22
C PRO D 31 -22.30 31.76 7.22
N LEU D 32 -20.98 31.79 7.02
CA LEU D 32 -20.24 33.05 6.86
C LEU D 32 -19.75 33.21 5.42
N ALA D 33 -19.42 32.09 4.78
CA ALA D 33 -19.05 32.10 3.36
C ALA D 33 -19.55 30.81 2.74
N LEU D 34 -20.08 30.93 1.52
CA LEU D 34 -20.73 29.81 0.85
C LEU D 34 -20.30 29.80 -0.59
N ALA D 35 -20.25 28.62 -1.21
CA ALA D 35 -19.95 28.51 -2.63
C ALA D 35 -20.92 27.51 -3.27
N PRO D 36 -21.35 27.75 -4.53
CA PRO D 36 -22.13 26.73 -5.21
C PRO D 36 -21.24 25.74 -5.97
N CYS D 37 -21.81 24.58 -6.31
CA CYS D 37 -21.07 23.51 -6.98
C CYS D 37 -21.82 22.97 -8.17
N THR D 38 -21.08 22.65 -9.22
CA THR D 38 -21.57 21.89 -10.38
C THR D 38 -22.37 20.64 -9.96
N SER D 39 -21.96 19.98 -8.87
CA SER D 39 -22.69 18.78 -8.49
C SER D 39 -24.14 19.09 -8.23
N ASP D 40 -24.43 20.23 -7.61
CA ASP D 40 -25.82 20.57 -7.36
C ASP D 40 -26.61 20.81 -8.64
N THR D 41 -25.94 21.24 -9.70
CA THR D 41 -26.62 21.37 -10.98
C THR D 41 -26.97 19.98 -11.58
N HIS D 42 -26.08 19.00 -11.43
CA HIS D 42 -26.41 17.63 -11.88
C HIS D 42 -27.59 17.11 -11.09
N THR D 43 -27.50 17.26 -9.77
CA THR D 43 -28.56 16.81 -8.87
C THR D 43 -29.93 17.42 -9.17
N VAL D 44 -29.98 18.75 -9.30
CA VAL D 44 -31.25 19.44 -9.56
C VAL D 44 -31.76 19.29 -10.98
N TRP D 45 -30.89 19.55 -11.97
CA TRP D 45 -31.41 19.66 -13.34
C TRP D 45 -31.29 18.37 -14.17
N ALA D 46 -30.38 17.47 -13.80
CA ALA D 46 -30.26 16.18 -14.48
C ALA D 46 -30.91 15.05 -13.66
N GLY D 47 -31.23 15.33 -12.39
CA GLY D 47 -31.79 14.30 -11.52
C GLY D 47 -30.85 13.11 -11.36
N ALA D 48 -29.55 13.40 -11.30
CA ALA D 48 -28.49 12.37 -11.40
C ALA D 48 -28.42 11.41 -10.22
N ILE D 49 -28.96 11.82 -9.07
CA ILE D 49 -28.98 10.97 -7.87
C ILE D 49 -30.40 10.79 -7.32
N GLY D 50 -31.38 10.95 -8.21
CA GLY D 50 -32.80 10.75 -7.91
C GLY D 50 -33.55 12.02 -7.58
N ASP D 51 -34.88 11.94 -7.54
CA ASP D 51 -35.72 13.09 -7.16
C ASP D 51 -35.60 13.38 -5.67
N ARG D 52 -35.85 14.63 -5.29
CA ARG D 52 -35.77 15.05 -3.90
C ARG D 52 -36.92 15.93 -3.52
N HIS D 53 -37.28 15.80 -2.25
CA HIS D 53 -38.35 16.55 -1.66
C HIS D 53 -37.80 17.57 -0.65
N ASP D 54 -37.84 18.87 -1.04
CA ASP D 54 -37.56 20.00 -0.16
C ASP D 54 -36.18 19.97 0.48
N MET D 55 -35.18 19.56 -0.29
CA MET D 55 -33.84 19.41 0.23
C MET D 55 -33.06 20.69 0.07
N ILE D 56 -32.64 21.28 1.18
CA ILE D 56 -31.73 22.45 1.11
C ILE D 56 -30.41 22.08 0.40
N LEU D 57 -29.98 22.96 -0.51
CA LEU D 57 -28.83 22.72 -1.38
C LEU D 57 -27.54 23.21 -0.73
N GLY D 58 -26.40 22.95 -1.37
CA GLY D 58 -25.11 23.50 -0.94
C GLY D 58 -24.33 22.57 -0.03
N HIS D 59 -23.01 22.52 -0.23
CA HIS D 59 -22.14 21.70 0.65
C HIS D 59 -20.70 22.26 0.78
N GLU D 60 -20.56 23.58 0.67
CA GLU D 60 -19.29 24.29 0.77
C GLU D 60 -19.56 25.51 1.63
N ALA D 61 -19.02 25.49 2.84
CA ALA D 61 -19.28 26.56 3.79
C ALA D 61 -18.11 26.76 4.75
N VAL D 62 -17.88 28.02 5.08
CA VAL D 62 -17.22 28.44 6.34
C VAL D 62 -18.35 28.97 7.18
N GLY D 63 -18.42 28.53 8.43
CA GLY D 63 -19.57 28.83 9.25
C GLY D 63 -19.16 29.26 10.65
N GLN D 64 -20.15 29.56 11.47
CA GLN D 64 -19.91 29.94 12.87
C GLN D 64 -20.87 29.13 13.72
N ILE D 65 -20.36 28.53 14.79
CA ILE D 65 -21.19 27.70 15.66
C ILE D 65 -22.24 28.52 16.40
N VAL D 66 -23.49 28.06 16.37
CA VAL D 66 -24.57 28.71 17.11
C VAL D 66 -25.14 27.85 18.26
N LYS D 67 -24.89 26.55 18.23
CA LYS D 67 -25.37 25.61 19.26
C LYS D 67 -24.52 24.37 19.20
N VAL D 68 -24.20 23.82 20.36
CA VAL D 68 -23.46 22.56 20.43
C VAL D 68 -24.16 21.61 21.40
N GLY D 69 -24.11 20.30 21.09
CA GLY D 69 -24.68 19.28 21.96
C GLY D 69 -23.90 19.10 23.25
N SER D 70 -24.51 18.44 24.21
CA SER D 70 -23.95 18.28 25.53
C SER D 70 -22.62 17.49 25.57
N LEU D 71 -22.31 16.71 24.53
CA LEU D 71 -21.08 15.91 24.58
C LEU D 71 -19.99 16.45 23.68
N VAL D 72 -20.26 17.59 23.06
CA VAL D 72 -19.28 18.27 22.20
C VAL D 72 -18.17 18.84 23.08
N LYS D 73 -16.93 18.57 22.70
CA LYS D 73 -15.81 19.02 23.52
C LYS D 73 -14.80 19.95 22.83
N ARG D 74 -14.85 20.07 21.50
CA ARG D 74 -13.82 20.84 20.79
C ARG D 74 -14.30 22.19 20.31
N LEU D 75 -15.60 22.42 20.42
CA LEU D 75 -16.26 23.55 19.78
C LEU D 75 -17.11 24.30 20.78
N LYS D 76 -17.18 25.63 20.66
CA LYS D 76 -18.11 26.42 21.46
C LYS D 76 -18.85 27.40 20.56
N VAL D 77 -20.00 27.86 21.05
CA VAL D 77 -20.79 28.90 20.39
C VAL D 77 -19.86 30.09 20.06
N GLY D 78 -19.90 30.54 18.81
CA GLY D 78 -19.06 31.66 18.37
C GLY D 78 -17.86 31.24 17.54
N ASP D 79 -17.41 30.00 17.70
CA ASP D 79 -16.24 29.48 16.96
C ASP D 79 -16.53 29.51 15.47
N LYS D 80 -15.50 29.87 14.68
CA LYS D 80 -15.61 29.89 13.22
C LYS D 80 -14.92 28.65 12.68
N VAL D 81 -15.56 27.99 11.72
CA VAL D 81 -15.17 26.63 11.32
C VAL D 81 -15.17 26.44 9.81
N ILE D 82 -14.30 25.55 9.34
CA ILE D 82 -14.35 25.11 7.94
C ILE D 82 -15.25 23.88 7.93
N VAL D 83 -16.31 23.91 7.13
CA VAL D 83 -17.22 22.79 7.03
C VAL D 83 -16.89 21.94 5.80
N PRO D 84 -16.51 20.67 6.02
CA PRO D 84 -16.22 19.83 4.85
C PRO D 84 -17.51 19.38 4.19
N ALA D 85 -17.48 19.17 2.87
CA ALA D 85 -18.67 18.70 2.14
C ALA D 85 -19.10 17.31 2.66
N ILE D 86 -18.09 16.50 3.01
CA ILE D 86 -18.32 15.15 3.50
C ILE D 86 -18.16 15.15 5.02
N THR D 87 -19.16 14.65 5.73
CA THR D 87 -19.22 14.65 7.21
C THR D 87 -19.59 13.23 7.70
N PRO D 88 -18.61 12.31 7.75
CA PRO D 88 -18.87 10.89 8.01
C PRO D 88 -19.50 10.57 9.34
N ASP D 89 -20.15 9.41 9.39
CA ASP D 89 -20.48 8.73 10.66
C ASP D 89 -19.28 7.85 10.93
N TRP D 90 -18.38 8.32 11.77
CA TRP D 90 -17.05 7.71 11.90
C TRP D 90 -17.01 6.29 12.49
N GLY D 91 -18.09 5.89 13.16
CA GLY D 91 -18.19 4.55 13.75
C GLY D 91 -18.92 3.50 12.90
N GLU D 92 -19.41 3.89 11.73
CA GLU D 92 -20.09 2.93 10.80
C GLU D 92 -19.11 1.94 10.17
N GLU D 93 -19.64 0.82 9.66
CA GLU D 93 -18.80 -0.22 9.06
C GLU D 93 -17.79 0.31 8.06
N GLU D 94 -18.27 1.10 7.10
CA GLU D 94 -17.40 1.59 6.03
C GLU D 94 -16.24 2.44 6.56
N SER D 95 -16.51 3.24 7.58
CA SER D 95 -15.45 4.02 8.23
C SER D 95 -14.43 3.10 8.89
N GLN D 96 -14.91 2.05 9.56
CA GLN D 96 -14.02 1.10 10.24
C GLN D 96 -13.12 0.35 9.26
N ARG D 97 -13.53 0.26 8.00
CA ARG D 97 -12.69 -0.41 7.04
C ARG D 97 -12.03 0.56 6.08
N GLY D 98 -11.97 1.84 6.44
CA GLY D 98 -11.11 2.80 5.75
C GLY D 98 -11.78 3.66 4.71
N TYR D 99 -13.11 3.62 4.67
CA TYR D 99 -13.90 4.37 3.68
C TYR D 99 -15.00 5.22 4.31
N PRO D 100 -14.61 6.20 5.15
CA PRO D 100 -15.61 6.94 5.92
C PRO D 100 -16.54 7.77 5.05
N MET D 101 -16.11 8.10 3.83
CA MET D 101 -16.97 8.84 2.91
C MET D 101 -18.16 8.02 2.43
N HIS D 102 -18.14 6.69 2.72
CA HIS D 102 -19.26 5.80 2.45
C HIS D 102 -19.94 5.27 3.71
N SER D 103 -19.86 6.05 4.80
CA SER D 103 -20.47 5.61 6.06
C SER D 103 -21.99 5.42 5.93
N GLY D 104 -22.48 4.22 6.20
CA GLY D 104 -23.92 3.94 6.13
C GLY D 104 -24.34 3.49 4.74
N GLY D 105 -23.41 3.48 3.77
CA GLY D 105 -23.72 3.02 2.40
C GLY D 105 -23.07 3.91 1.34
N MET D 106 -23.12 3.52 0.08
CA MET D 106 -22.36 4.26 -0.95
C MET D 106 -22.74 5.74 -0.98
N LEU D 107 -21.73 6.61 -0.91
CA LEU D 107 -21.84 8.08 -0.83
C LEU D 107 -22.43 8.61 0.48
N GLY D 108 -22.57 7.73 1.46
CA GLY D 108 -23.24 8.04 2.75
C GLY D 108 -22.62 9.14 3.58
N GLY D 109 -21.33 9.38 3.38
CA GLY D 109 -20.63 10.42 4.10
C GLY D 109 -20.87 11.78 3.50
N TRP D 110 -21.35 11.81 2.25
CA TRP D 110 -21.73 13.05 1.58
C TRP D 110 -23.19 13.28 1.86
N LYS D 111 -23.45 14.05 2.90
CA LYS D 111 -24.82 14.19 3.37
C LYS D 111 -25.41 15.46 2.79
N PHE D 112 -24.75 16.60 3.02
CA PHE D 112 -25.23 17.93 2.59
C PHE D 112 -25.55 17.95 1.09
N SER D 113 -26.82 18.15 0.76
CA SER D 113 -27.32 18.29 -0.63
C SER D 113 -27.23 17.00 -1.46
N ASN D 114 -26.94 15.89 -0.77
CA ASN D 114 -27.12 14.56 -1.32
C ASN D 114 -28.46 14.06 -0.80
N PHE D 115 -28.55 13.75 0.50
CA PHE D 115 -29.84 13.38 1.09
C PHE D 115 -30.18 14.13 2.38
N LYS D 116 -29.27 14.99 2.84
CA LYS D 116 -29.47 15.82 4.05
C LYS D 116 -29.53 17.28 3.62
N ASP D 117 -30.35 18.09 4.30
CA ASP D 117 -30.38 19.53 4.07
C ASP D 117 -28.97 20.11 4.14
N GLY D 118 -28.60 20.83 3.09
CA GLY D 118 -27.25 21.37 2.93
C GLY D 118 -27.00 22.67 3.67
N VAL D 119 -26.04 23.44 3.18
CA VAL D 119 -25.54 24.61 3.90
C VAL D 119 -26.14 25.94 3.46
N PHE D 120 -27.01 25.92 2.44
CA PHE D 120 -27.60 27.18 1.96
C PHE D 120 -28.83 27.57 2.77
N SER D 121 -28.64 27.74 4.08
CA SER D 121 -29.74 28.10 4.97
C SER D 121 -29.17 28.89 6.14
N GLU D 122 -30.06 29.54 6.90
CA GLU D 122 -29.67 30.44 7.98
C GLU D 122 -28.93 29.69 9.08
N VAL D 123 -29.28 28.42 9.23
CA VAL D 123 -28.65 27.50 10.20
C VAL D 123 -28.67 26.12 9.58
N PHE D 124 -27.58 25.38 9.73
CA PHE D 124 -27.59 23.99 9.27
C PHE D 124 -26.99 23.09 10.35
N HIS D 125 -27.09 21.79 10.14
CA HIS D 125 -26.80 20.79 11.17
C HIS D 125 -25.56 20.03 10.78
N VAL D 126 -24.68 19.76 11.75
CA VAL D 126 -23.49 18.95 11.47
C VAL D 126 -23.47 17.81 12.47
N ASN D 127 -23.46 16.57 11.96
CA ASN D 127 -23.41 15.38 12.82
C ASN D 127 -21.97 15.21 13.29
N GLU D 128 -21.78 14.60 14.47
CA GLU D 128 -20.40 14.32 14.94
C GLU D 128 -19.49 15.54 14.73
N ALA D 129 -19.93 16.66 15.28
CA ALA D 129 -19.34 17.98 15.03
C ALA D 129 -17.86 18.03 15.46
N ASP D 130 -17.51 17.44 16.60
CA ASP D 130 -16.07 17.45 16.99
C ASP D 130 -15.21 16.77 15.94
N ALA D 131 -15.71 15.67 15.34
CA ALA D 131 -14.96 14.90 14.37
C ALA D 131 -15.02 15.59 13.02
N ASN D 132 -16.08 16.34 12.79
CA ASN D 132 -16.32 16.83 11.42
C ASN D 132 -16.07 18.28 11.09
N LEU D 133 -15.70 19.09 12.08
CA LEU D 133 -15.47 20.51 11.85
C LEU D 133 -14.07 20.92 12.28
N ALA D 134 -13.39 21.63 11.40
CA ALA D 134 -12.08 22.17 11.71
C ALA D 134 -12.20 23.63 12.05
N LEU D 135 -11.49 24.07 13.08
CA LEU D 135 -11.47 25.51 13.36
C LEU D 135 -10.82 26.26 12.21
N LEU D 136 -11.38 27.41 11.87
CA LEU D 136 -10.80 28.26 10.82
C LEU D 136 -9.50 28.93 11.33
N PRO D 137 -8.34 28.62 10.69
CA PRO D 137 -7.09 29.28 11.10
C PRO D 137 -7.19 30.78 10.91
N ARG D 138 -6.56 31.52 11.81
CA ARG D 138 -6.69 32.98 11.84
C ARG D 138 -6.03 33.65 10.65
N ASP D 139 -5.16 32.94 9.96
CA ASP D 139 -4.44 33.47 8.80
C ASP D 139 -5.06 33.10 7.44
N ILE D 140 -6.28 32.52 7.46
CA ILE D 140 -6.93 32.15 6.21
C ILE D 140 -8.25 32.93 6.08
N LYS D 141 -8.42 33.61 4.96
CA LYS D 141 -9.68 34.33 4.71
C LYS D 141 -10.81 33.35 4.53
N PRO D 142 -12.03 33.68 5.03
CA PRO D 142 -13.19 32.80 4.80
C PRO D 142 -13.42 32.42 3.33
N GLU D 143 -13.33 33.39 2.41
CA GLU D 143 -13.52 33.08 0.99
C GLU D 143 -12.50 32.06 0.45
N ASP D 144 -11.25 32.14 0.92
CA ASP D 144 -10.25 31.15 0.56
C ASP D 144 -10.47 29.79 1.20
N ALA D 145 -10.91 29.78 2.46
CA ALA D 145 -11.09 28.54 3.18
C ALA D 145 -12.30 27.75 2.69
N VAL D 146 -13.30 28.44 2.15
CA VAL D 146 -14.45 27.74 1.61
C VAL D 146 -14.06 26.83 0.42
N MET D 147 -12.90 27.10 -0.20
CA MET D 147 -12.46 26.25 -1.32
C MET D 147 -11.96 24.90 -0.82
N LEU D 148 -11.61 24.85 0.46
CA LEU D 148 -11.19 23.59 1.10
C LEU D 148 -12.29 22.54 1.21
N SER D 149 -13.52 22.98 1.43
CA SER D 149 -14.64 22.09 1.73
C SER D 149 -14.82 21.01 0.69
N ASP D 150 -14.55 21.34 -0.56
CA ASP D 150 -14.87 20.47 -1.66
C ASP D 150 -13.85 20.63 -2.79
N MET D 151 -13.56 21.85 -3.20
CA MET D 151 -12.69 22.01 -4.38
C MET D 151 -11.28 21.46 -4.14
N VAL D 152 -10.64 21.92 -3.09
CA VAL D 152 -9.27 21.45 -2.79
C VAL D 152 -9.31 19.94 -2.48
N THR D 153 -10.20 19.52 -1.57
CA THR D 153 -10.17 18.11 -1.15
C THR D 153 -10.50 17.13 -2.29
N THR D 154 -11.50 17.47 -3.11
CA THR D 154 -11.87 16.60 -4.23
C THR D 154 -10.78 16.58 -5.31
N GLY D 155 -10.31 17.76 -5.74
CA GLY D 155 -9.19 17.83 -6.65
C GLY D 155 -7.97 17.05 -6.17
N PHE D 156 -7.54 17.28 -4.93
CA PHE D 156 -6.42 16.53 -4.38
C PHE D 156 -6.73 15.04 -4.33
N HIS D 157 -7.98 14.66 -4.02
CA HIS D 157 -8.32 13.23 -4.03
C HIS D 157 -8.14 12.60 -5.42
N GLY D 158 -8.46 13.35 -6.46
CA GLY D 158 -8.24 12.89 -7.85
C GLY D 158 -6.78 12.48 -8.04
N ALA D 159 -5.88 13.34 -7.60
CA ALA D 159 -4.45 13.10 -7.67
C ALA D 159 -4.02 11.93 -6.78
N GLU D 160 -4.59 11.84 -5.57
CA GLU D 160 -4.35 10.68 -4.69
C GLU D 160 -4.79 9.35 -5.31
N LEU D 161 -6.00 9.32 -5.86
CA LEU D 161 -6.52 8.11 -6.50
C LEU D 161 -5.69 7.74 -7.74
N ALA D 162 -5.11 8.76 -8.40
CA ALA D 162 -4.25 8.48 -9.56
C ALA D 162 -2.87 8.03 -9.13
N ASN D 163 -2.63 7.93 -7.80
CA ASN D 163 -1.41 7.26 -7.32
C ASN D 163 -0.14 7.91 -7.88
N ILE D 164 -0.14 9.25 -7.89
CA ILE D 164 0.94 10.00 -8.53
C ILE D 164 2.22 9.83 -7.72
N LYS D 165 3.31 9.55 -8.42
CA LYS D 165 4.64 9.36 -7.83
C LYS D 165 5.61 10.45 -8.25
N LEU D 166 6.75 10.56 -7.55
CA LEU D 166 7.73 11.61 -7.83
C LEU D 166 8.22 11.51 -9.26
N GLY D 167 8.14 12.62 -9.98
CA GLY D 167 8.56 12.70 -11.39
C GLY D 167 7.59 12.13 -12.42
N ASP D 168 6.40 11.67 -12.00
CA ASP D 168 5.44 11.11 -12.97
C ASP D 168 5.01 12.18 -13.96
N THR D 169 4.70 11.75 -15.18
CA THR D 169 4.04 12.60 -16.16
C THR D 169 2.54 12.34 -15.99
N VAL D 170 1.78 13.41 -15.86
CA VAL D 170 0.38 13.27 -15.49
C VAL D 170 -0.50 14.02 -16.46
N CYS D 171 -1.68 13.47 -16.77
CA CYS D 171 -2.69 14.23 -17.48
C CYS D 171 -3.90 14.47 -16.58
N VAL D 172 -4.30 15.73 -16.43
CA VAL D 172 -5.56 16.06 -15.76
C VAL D 172 -6.57 16.44 -16.84
N ILE D 173 -7.67 15.69 -16.90
CA ILE D 173 -8.72 15.94 -17.89
C ILE D 173 -9.87 16.69 -17.24
N GLY D 174 -10.08 17.93 -17.68
CA GLY D 174 -11.13 18.80 -17.14
C GLY D 174 -10.52 19.80 -16.18
N ILE D 175 -10.59 21.08 -16.52
CA ILE D 175 -9.95 22.13 -15.74
CA ILE D 175 -9.99 22.09 -15.62
C ILE D 175 -10.94 23.20 -15.21
N GLY D 176 -12.08 22.76 -14.65
CA GLY D 176 -12.88 23.67 -13.85
C GLY D 176 -12.16 23.72 -12.51
N PRO D 177 -12.83 24.27 -11.48
CA PRO D 177 -12.11 24.41 -10.21
C PRO D 177 -11.61 23.09 -9.60
N VAL D 178 -12.35 22.00 -9.77
CA VAL D 178 -11.88 20.73 -9.20
C VAL D 178 -10.63 20.30 -9.95
N GLY D 179 -10.65 20.46 -11.28
CA GLY D 179 -9.49 20.11 -12.15
C GLY D 179 -8.24 20.92 -11.89
N LEU D 180 -8.40 22.24 -11.69
CA LEU D 180 -7.29 23.08 -11.25
C LEU D 180 -6.68 22.59 -9.94
N MET D 181 -7.52 22.11 -9.04
CA MET D 181 -6.98 21.56 -7.77
C MET D 181 -6.32 20.20 -7.97
N SER D 182 -6.79 19.43 -8.94
CA SER D 182 -6.10 18.17 -9.32
C SER D 182 -4.71 18.44 -9.87
N VAL D 183 -4.58 19.50 -10.66
CA VAL D 183 -3.27 19.96 -11.14
C VAL D 183 -2.42 20.34 -9.93
N ALA D 184 -2.97 21.13 -9.01
CA ALA D 184 -2.20 21.55 -7.82
C ALA D 184 -1.86 20.31 -7.00
N GLY D 185 -2.83 19.41 -6.87
CA GLY D 185 -2.65 18.15 -6.08
C GLY D 185 -1.55 17.28 -6.68
N ALA D 186 -1.59 17.10 -8.00
CA ALA D 186 -0.52 16.39 -8.72
C ALA D 186 0.87 17.01 -8.51
N ASN D 187 0.95 18.35 -8.57
CA ASN D 187 2.20 19.04 -8.38
C ASN D 187 2.67 18.85 -6.94
N HIS D 188 1.73 18.79 -6.01
CA HIS D 188 2.04 18.54 -4.59
C HIS D 188 2.31 17.08 -4.26
N LEU D 189 2.13 16.18 -5.22
CA LEU D 189 2.51 14.78 -5.03
C LEU D 189 3.78 14.44 -5.82
N GLY D 190 4.33 15.44 -6.51
CA GLY D 190 5.65 15.35 -7.13
C GLY D 190 5.71 15.12 -8.62
N ALA D 191 4.58 15.33 -9.31
CA ALA D 191 4.57 15.20 -10.77
C ALA D 191 5.49 16.22 -11.39
N GLY D 192 6.06 15.83 -12.53
CA GLY D 192 6.92 16.70 -13.29
C GLY D 192 6.07 17.31 -14.39
N ARG D 193 6.02 16.66 -15.54
CA ARG D 193 5.23 17.17 -16.66
C ARG D 193 3.76 16.97 -16.31
N ILE D 194 2.97 18.03 -16.41
CA ILE D 194 1.52 17.91 -16.15
C ILE D 194 0.76 18.51 -17.34
N PHE D 195 -0.07 17.69 -17.97
CA PHE D 195 -0.88 18.09 -19.13
C PHE D 195 -2.27 18.41 -18.60
N ALA D 196 -2.75 19.62 -18.87
CA ALA D 196 -4.07 20.04 -18.44
C ALA D 196 -4.96 20.18 -19.68
N VAL D 197 -6.05 19.41 -19.71
CA VAL D 197 -6.95 19.40 -20.87
C VAL D 197 -8.16 20.29 -20.59
N GLY D 198 -8.22 21.41 -21.33
CA GLY D 198 -9.31 22.39 -21.29
C GLY D 198 -9.07 23.44 -22.38
N SER D 199 -10.09 24.25 -22.69
CA SER D 199 -9.96 25.24 -23.78
C SER D 199 -10.24 26.69 -23.37
N ARG D 200 -10.79 26.87 -22.17
CA ARG D 200 -11.05 28.20 -21.59
C ARG D 200 -9.75 28.89 -21.18
N LYS D 201 -9.41 29.97 -21.89
CA LYS D 201 -8.14 30.69 -21.69
C LYS D 201 -7.77 31.01 -20.22
N HIS D 202 -8.72 31.57 -19.45
CA HIS D 202 -8.43 31.98 -18.07
C HIS D 202 -8.10 30.78 -17.20
N CYS D 203 -8.88 29.71 -17.35
CA CYS D 203 -8.62 28.43 -16.68
C CYS D 203 -7.25 27.86 -17.04
N CYS D 204 -6.89 27.93 -18.33
CA CYS D 204 -5.60 27.43 -18.82
C CYS D 204 -4.41 28.14 -18.21
N ASP D 205 -4.47 29.46 -18.12
CA ASP D 205 -3.41 30.24 -17.49
C ASP D 205 -3.27 29.89 -16.02
N ILE D 206 -4.40 29.77 -15.32
CA ILE D 206 -4.39 29.42 -13.91
C ILE D 206 -3.80 28.03 -13.71
N ALA D 207 -4.11 27.08 -14.60
CA ALA D 207 -3.51 25.75 -14.51
C ALA D 207 -1.98 25.83 -14.54
N LEU D 208 -1.44 26.67 -15.42
CA LEU D 208 0.01 26.88 -15.45
C LEU D 208 0.52 27.37 -14.09
N GLU D 209 -0.25 28.23 -13.42
CA GLU D 209 0.16 28.77 -12.12
C GLU D 209 0.13 27.71 -10.99
N TYR D 210 -0.64 26.65 -11.18
CA TYR D 210 -0.73 25.59 -10.19
C TYR D 210 0.20 24.43 -10.50
N GLY D 211 0.98 24.55 -11.57
CA GLY D 211 2.00 23.53 -11.91
C GLY D 211 1.85 22.79 -13.22
N ALA D 212 0.79 23.06 -13.98
CA ALA D 212 0.68 22.47 -15.33
C ALA D 212 1.86 22.95 -16.16
N THR D 213 2.37 22.09 -17.02
CA THR D 213 3.47 22.41 -17.92
C THR D 213 3.02 22.52 -19.38
N ASP D 214 1.92 21.86 -19.71
CA ASP D 214 1.43 21.85 -21.10
C ASP D 214 -0.08 21.98 -21.02
N ILE D 215 -0.65 22.76 -21.92
CA ILE D 215 -2.09 22.85 -22.04
C ILE D 215 -2.50 22.15 -23.32
N ILE D 216 -3.47 21.24 -23.19
CA ILE D 216 -3.98 20.48 -24.32
C ILE D 216 -5.38 21.01 -24.62
N ASN D 217 -5.48 21.72 -25.73
CA ASN D 217 -6.75 22.28 -26.20
C ASN D 217 -7.27 21.39 -27.33
N TYR D 218 -8.50 20.93 -27.19
CA TYR D 218 -9.11 19.98 -28.13
C TYR D 218 -9.29 20.53 -29.55
N LYS D 219 -9.35 21.86 -29.68
CA LYS D 219 -9.51 22.50 -30.98
C LYS D 219 -8.30 22.27 -31.88
N ASN D 220 -7.22 21.76 -31.30
CA ASN D 220 -6.02 21.41 -32.08
C ASN D 220 -5.96 19.92 -32.44
N GLY D 221 -7.03 19.18 -32.14
CA GLY D 221 -7.11 17.76 -32.48
C GLY D 221 -7.47 16.86 -31.31
N ASP D 222 -7.84 15.63 -31.64
CA ASP D 222 -8.12 14.58 -30.66
C ASP D 222 -7.10 14.65 -29.54
N ILE D 223 -7.58 14.79 -28.30
CA ILE D 223 -6.70 14.99 -27.15
C ILE D 223 -5.83 13.76 -26.82
N VAL D 224 -6.34 12.56 -27.12
CA VAL D 224 -5.56 11.35 -26.97
C VAL D 224 -4.34 11.39 -27.90
N GLU D 225 -4.58 11.73 -29.16
CA GLU D 225 -3.50 11.85 -30.14
C GLU D 225 -2.45 12.90 -29.72
N GLN D 226 -2.92 14.06 -29.26
CA GLN D 226 -2.04 15.12 -28.78
C GLN D 226 -1.11 14.63 -27.67
N ILE D 227 -1.67 13.88 -26.71
CA ILE D 227 -0.90 13.40 -25.57
C ILE D 227 0.09 12.30 -25.96
N LEU D 228 -0.32 11.42 -26.88
CA LEU D 228 0.60 10.37 -27.34
C LEU D 228 1.79 10.95 -28.14
N LYS D 229 1.54 11.95 -28.99
CA LYS D 229 2.63 12.73 -29.60
C LYS D 229 3.64 13.13 -28.52
N ALA D 230 3.19 14.03 -27.64
CA ALA D 230 4.00 14.65 -26.60
C ALA D 230 4.69 13.68 -25.65
N THR D 231 4.29 12.41 -25.66
CA THR D 231 4.93 11.41 -24.82
C THR D 231 5.73 10.40 -25.65
N ASP D 232 5.98 10.76 -26.92
CA ASP D 232 6.68 9.90 -27.88
C ASP D 232 6.02 8.52 -27.99
N GLY D 233 4.69 8.54 -28.00
CA GLY D 233 3.90 7.33 -28.16
C GLY D 233 3.84 6.43 -26.95
N LYS D 234 4.49 6.78 -25.84
CA LYS D 234 4.45 5.88 -24.69
C LYS D 234 3.26 6.14 -23.77
N GLY D 235 2.67 7.33 -23.84
CA GLY D 235 1.54 7.68 -22.96
C GLY D 235 2.01 8.36 -21.69
N VAL D 236 1.07 8.75 -20.83
CA VAL D 236 1.41 9.41 -19.57
C VAL D 236 1.44 8.33 -18.48
N ASP D 237 2.09 8.62 -17.35
CA ASP D 237 2.15 7.65 -16.26
C ASP D 237 0.83 7.50 -15.53
N LYS D 238 0.12 8.61 -15.35
CA LYS D 238 -1.10 8.62 -14.52
C LYS D 238 -2.07 9.63 -15.10
N VAL D 239 -3.36 9.41 -14.86
CA VAL D 239 -4.39 10.33 -15.38
C VAL D 239 -5.38 10.67 -14.29
N VAL D 240 -5.72 11.96 -14.16
CA VAL D 240 -6.81 12.35 -13.26
C VAL D 240 -8.00 12.76 -14.14
N ILE D 241 -9.18 12.25 -13.86
CA ILE D 241 -10.36 12.72 -14.53
C ILE D 241 -11.13 13.62 -13.56
N ALA D 242 -11.31 14.90 -13.95
CA ALA D 242 -11.98 15.91 -13.09
C ALA D 242 -13.06 16.66 -13.86
N GLY D 243 -13.51 16.05 -14.93
CA GLY D 243 -14.59 16.63 -15.70
C GLY D 243 -14.84 15.72 -16.88
N GLY D 244 -15.72 16.17 -17.77
CA GLY D 244 -16.04 15.42 -18.96
C GLY D 244 -17.31 14.63 -18.74
N ASP D 245 -17.42 13.49 -19.41
CA ASP D 245 -18.60 12.64 -19.30
C ASP D 245 -18.20 11.17 -19.28
N VAL D 246 -19.13 10.24 -19.53
CA VAL D 246 -18.76 8.80 -19.38
C VAL D 246 -17.72 8.36 -20.42
N HIS D 247 -17.61 9.11 -21.51
CA HIS D 247 -16.68 8.78 -22.58
C HIS D 247 -15.24 9.23 -22.30
N THR D 248 -15.06 9.98 -21.23
CA THR D 248 -13.72 10.46 -20.87
C THR D 248 -12.80 9.31 -20.41
N PHE D 249 -13.40 8.26 -19.84
CA PHE D 249 -12.63 7.13 -19.37
C PHE D 249 -11.89 6.42 -20.49
N ALA D 250 -12.56 6.24 -21.64
CA ALA D 250 -11.91 5.65 -22.81
C ALA D 250 -10.71 6.46 -23.25
N GLN D 251 -10.82 7.80 -23.17
CA GLN D 251 -9.72 8.68 -23.52
C GLN D 251 -8.54 8.47 -22.55
N ALA D 252 -8.85 8.38 -21.27
CA ALA D 252 -7.82 8.12 -20.27
C ALA D 252 -7.10 6.79 -20.50
N VAL D 253 -7.88 5.73 -20.77
CA VAL D 253 -7.31 4.40 -21.01
C VAL D 253 -6.40 4.44 -22.22
N LYS D 254 -6.81 5.15 -23.25
CA LYS D 254 -6.02 5.21 -24.47
C LYS D 254 -4.71 6.04 -24.39
N MET D 255 -4.65 6.99 -23.46
CA MET D 255 -3.47 7.84 -23.36
C MET D 255 -2.48 7.39 -22.28
N ILE D 256 -2.89 6.41 -21.47
CA ILE D 256 -2.05 6.03 -20.34
C ILE D 256 -1.20 4.77 -20.59
N LYS D 257 -0.03 4.70 -19.95
CA LYS D 257 0.83 3.51 -20.04
C LYS D 257 0.17 2.28 -19.36
N PRO D 258 0.59 1.05 -19.72
CA PRO D 258 0.17 -0.12 -18.90
C PRO D 258 0.85 0.00 -17.55
N GLY D 259 0.27 -0.58 -16.50
CA GLY D 259 0.85 -0.45 -15.17
C GLY D 259 0.69 0.96 -14.64
N SER D 260 -0.56 1.33 -14.38
CA SER D 260 -0.86 2.73 -14.16
C SER D 260 -2.18 2.90 -13.41
N ASP D 261 -2.53 4.16 -13.11
CA ASP D 261 -3.73 4.49 -12.38
C ASP D 261 -4.48 5.66 -13.01
N ILE D 262 -5.80 5.49 -13.10
CA ILE D 262 -6.71 6.55 -13.52
C ILE D 262 -7.56 6.92 -12.31
N GLY D 263 -7.47 8.18 -11.89
CA GLY D 263 -8.21 8.64 -10.72
C GLY D 263 -9.35 9.54 -11.12
N ASN D 264 -10.57 9.01 -11.10
CA ASN D 264 -11.71 9.87 -11.38
C ASN D 264 -12.33 10.46 -10.12
N VAL D 265 -12.62 11.76 -10.17
CA VAL D 265 -13.40 12.38 -9.13
C VAL D 265 -14.65 13.05 -9.69
N ASN D 266 -14.84 12.95 -11.01
CA ASN D 266 -16.03 13.55 -11.63
C ASN D 266 -17.33 12.82 -11.27
N TYR D 267 -18.33 13.60 -10.85
CA TYR D 267 -19.70 13.13 -10.65
C TYR D 267 -20.39 13.03 -12.02
N LEU D 268 -20.68 11.79 -12.41
CA LEU D 268 -21.15 11.48 -13.76
C LEU D 268 -22.65 11.58 -13.72
N GLY D 269 -23.20 12.53 -14.47
CA GLY D 269 -24.61 12.91 -14.38
C GLY D 269 -25.58 12.19 -15.30
N GLU D 270 -25.07 11.54 -16.35
CA GLU D 270 -25.91 10.83 -17.31
C GLU D 270 -25.14 9.73 -18.04
N GLY D 271 -25.90 8.81 -18.64
CA GLY D 271 -25.35 7.69 -19.40
C GLY D 271 -25.53 6.42 -18.61
N ASP D 272 -25.98 5.35 -19.25
CA ASP D 272 -26.20 4.10 -18.50
C ASP D 272 -24.87 3.48 -18.09
N ASN D 273 -23.90 3.51 -19.01
CA ASN D 273 -22.62 2.81 -18.82
C ASN D 273 -21.41 3.69 -19.13
N ILE D 274 -20.28 3.40 -18.46
CA ILE D 274 -18.98 3.95 -18.79
C ILE D 274 -18.26 2.91 -19.66
N PRO D 275 -18.07 3.19 -20.96
CA PRO D 275 -17.40 2.18 -21.79
C PRO D 275 -15.87 2.18 -21.58
N ILE D 276 -15.31 1.03 -21.21
CA ILE D 276 -13.84 0.85 -21.14
C ILE D 276 -13.40 0.05 -22.38
N PRO D 277 -12.53 0.65 -23.25
CA PRO D 277 -12.18 -0.01 -24.52
C PRO D 277 -11.36 -1.26 -24.27
N ARG D 278 -11.86 -2.38 -24.77
CA ARG D 278 -11.28 -3.69 -24.43
C ARG D 278 -9.83 -3.83 -24.87
N SER D 279 -9.53 -3.49 -26.13
CA SER D 279 -8.17 -3.64 -26.63
CA SER D 279 -8.17 -3.60 -26.68
C SER D 279 -7.16 -2.75 -25.90
N GLU D 280 -7.48 -1.47 -25.74
CA GLU D 280 -6.54 -0.56 -25.10
C GLU D 280 -6.47 -0.80 -23.60
N TRP D 281 -7.44 -1.52 -23.04
CA TRP D 281 -7.35 -1.90 -21.63
C TRP D 281 -6.52 -3.20 -21.49
N GLY D 282 -5.78 -3.56 -22.53
CA GLY D 282 -4.93 -4.79 -22.53
C GLY D 282 -5.74 -6.08 -22.51
N VAL D 283 -6.90 -6.08 -23.18
CA VAL D 283 -7.81 -7.23 -23.22
C VAL D 283 -8.12 -7.80 -21.79
N GLY D 284 -8.21 -6.89 -20.84
CA GLY D 284 -8.54 -7.20 -19.42
C GLY D 284 -7.31 -7.30 -18.53
N MET D 285 -6.13 -7.12 -19.11
CA MET D 285 -4.86 -7.48 -18.46
C MET D 285 -3.75 -6.42 -18.43
N GLY D 286 -4.08 -5.17 -18.77
CA GLY D 286 -3.07 -4.11 -18.86
C GLY D 286 -2.59 -3.43 -17.58
N HIS D 287 -3.12 -3.84 -16.42
CA HIS D 287 -2.89 -3.13 -15.16
C HIS D 287 -3.12 -1.63 -15.28
N LYS D 288 -4.18 -1.24 -16.01
CA LYS D 288 -4.58 0.15 -16.03
C LYS D 288 -5.69 0.28 -15.00
N HIS D 289 -5.30 0.49 -13.75
CA HIS D 289 -6.23 0.48 -12.64
C HIS D 289 -7.20 1.65 -12.76
N ILE D 290 -8.48 1.36 -12.59
CA ILE D 290 -9.48 2.43 -12.69
C ILE D 290 -10.09 2.73 -11.32
N HIS D 291 -9.96 3.97 -10.87
CA HIS D 291 -10.52 4.36 -9.57
C HIS D 291 -11.53 5.50 -9.76
N GLY D 292 -12.59 5.48 -8.96
CA GLY D 292 -13.56 6.57 -8.99
C GLY D 292 -14.04 6.79 -7.58
N GLY D 293 -13.71 7.93 -6.98
CA GLY D 293 -14.01 8.11 -5.56
C GLY D 293 -14.53 9.47 -5.14
N LEU D 294 -15.49 9.42 -4.22
CA LEU D 294 -15.95 10.56 -3.43
C LEU D 294 -14.86 11.13 -2.49
N THR D 295 -14.75 12.45 -2.39
CA THR D 295 -13.72 13.04 -1.55
C THR D 295 -13.78 12.57 -0.09
N PRO D 296 -12.63 12.41 0.55
CA PRO D 296 -12.61 12.39 2.02
C PRO D 296 -13.22 13.65 2.65
N GLY D 297 -13.58 13.55 3.92
CA GLY D 297 -14.06 14.71 4.65
C GLY D 297 -13.70 14.64 6.11
N GLY D 298 -14.39 15.44 6.91
CA GLY D 298 -14.12 15.46 8.35
C GLY D 298 -13.02 16.44 8.71
N ARG D 299 -12.80 16.62 9.99
CA ARG D 299 -11.92 17.64 10.52
C ARG D 299 -10.45 17.45 10.09
N VAL D 300 -9.92 16.23 10.19
CA VAL D 300 -8.48 16.06 9.94
C VAL D 300 -8.12 16.43 8.47
N ARG D 301 -8.93 15.97 7.55
CA ARG D 301 -8.79 16.30 6.13
C ARG D 301 -8.74 17.83 5.96
N MET D 302 -9.68 18.55 6.59
CA MET D 302 -9.67 20.01 6.49
C MET D 302 -8.46 20.65 7.15
N GLU D 303 -8.04 20.15 8.31
CA GLU D 303 -6.88 20.71 8.97
C GLU D 303 -5.57 20.54 8.18
N LYS D 304 -5.38 19.36 7.59
CA LYS D 304 -4.16 19.05 6.82
C LYS D 304 -4.11 19.96 5.60
N LEU D 305 -5.22 20.08 4.88
CA LEU D 305 -5.28 20.90 3.67
C LEU D 305 -5.16 22.38 4.00
N ALA D 306 -5.82 22.83 5.08
CA ALA D 306 -5.65 24.21 5.53
C ALA D 306 -4.19 24.54 5.86
N SER D 307 -3.42 23.57 6.37
CA SER D 307 -2.02 23.83 6.71
CA SER D 307 -2.01 23.82 6.70
C SER D 307 -1.21 24.23 5.46
N LEU D 308 -1.64 23.74 4.30
CA LEU D 308 -0.94 24.11 3.03
C LEU D 308 -1.18 25.58 2.70
N ILE D 309 -2.38 26.08 2.98
CA ILE D 309 -2.62 27.50 2.82
C ILE D 309 -1.82 28.29 3.87
N SER D 310 -1.90 27.88 5.13
CA SER D 310 -1.27 28.66 6.21
C SER D 310 0.25 28.75 6.07
N THR D 311 0.86 27.74 5.45
CA THR D 311 2.30 27.71 5.27
C THR D 311 2.73 28.37 3.95
N GLY D 312 1.77 28.90 3.20
CA GLY D 312 2.09 29.63 1.96
C GLY D 312 2.36 28.72 0.78
N LYS D 313 1.89 27.46 0.84
CA LYS D 313 2.19 26.45 -0.18
C LYS D 313 0.98 26.15 -1.09
N LEU D 314 -0.17 26.77 -0.79
CA LEU D 314 -1.34 26.65 -1.63
C LEU D 314 -2.14 27.96 -1.58
N ASP D 315 -2.45 28.51 -2.76
CA ASP D 315 -3.24 29.73 -2.85
C ASP D 315 -4.57 29.37 -3.51
N THR D 316 -5.66 29.32 -2.74
CA THR D 316 -6.96 29.00 -3.33
C THR D 316 -7.71 30.22 -3.86
N SER D 317 -7.11 31.41 -3.73
CA SER D 317 -7.83 32.63 -4.10
C SER D 317 -8.04 32.72 -5.62
N LYS D 318 -7.13 32.12 -6.38
CA LYS D 318 -7.17 32.14 -7.84
C LYS D 318 -8.43 31.45 -8.39
N LEU D 319 -9.10 30.64 -7.57
CA LEU D 319 -10.31 29.95 -8.00
C LEU D 319 -11.55 30.85 -7.98
N ILE D 320 -11.47 31.96 -7.26
CA ILE D 320 -12.66 32.77 -7.01
C ILE D 320 -12.84 33.78 -8.14
N THR D 321 -13.94 33.67 -8.89
CA THR D 321 -14.13 34.57 -10.03
C THR D 321 -15.26 35.57 -9.81
N HIS D 322 -16.13 35.28 -8.86
CA HIS D 322 -17.26 36.15 -8.61
C HIS D 322 -17.47 36.22 -7.13
N ARG D 323 -17.82 37.42 -6.66
CA ARG D 323 -18.06 37.64 -5.24
C ARG D 323 -19.42 38.33 -4.98
N PHE D 324 -20.23 37.71 -4.12
CA PHE D 324 -21.55 38.24 -3.76
C PHE D 324 -21.64 38.51 -2.25
N GLU D 325 -22.60 39.36 -1.88
CA GLU D 325 -22.84 39.65 -0.47
C GLU D 325 -24.28 39.36 -0.12
N GLY D 326 -24.48 38.59 0.95
CA GLY D 326 -25.84 38.32 1.45
C GLY D 326 -26.31 36.92 1.09
N LEU D 327 -26.93 36.25 2.06
CA LEU D 327 -27.38 34.86 1.87
C LEU D 327 -28.22 34.66 0.62
N GLU D 328 -29.09 35.63 0.33
N GLU D 328 -29.09 35.62 0.30
CA GLU D 328 -29.99 35.58 -0.82
CA GLU D 328 -29.99 35.48 -0.85
C GLU D 328 -29.22 35.27 -2.10
C GLU D 328 -29.25 35.45 -2.20
N LYS D 329 -28.01 35.82 -2.18
N LYS D 329 -27.97 35.81 -2.18
CA LYS D 329 -27.22 35.75 -3.42
CA LYS D 329 -27.17 35.76 -3.41
C LYS D 329 -26.63 34.37 -3.75
C LYS D 329 -26.65 34.37 -3.77
N VAL D 330 -26.82 33.39 -2.87
CA VAL D 330 -26.43 31.99 -3.20
C VAL D 330 -27.28 31.47 -4.37
N GLU D 331 -28.50 31.98 -4.51
CA GLU D 331 -29.35 31.58 -5.63
C GLU D 331 -28.74 32.06 -6.96
N ASP D 332 -28.42 33.35 -7.02
CA ASP D 332 -27.73 33.94 -8.16
C ASP D 332 -26.44 33.16 -8.47
N ALA D 333 -25.69 32.83 -7.42
CA ALA D 333 -24.43 32.12 -7.56
C ALA D 333 -24.61 30.70 -8.11
N LEU D 334 -25.63 29.97 -7.64
CA LEU D 334 -25.89 28.64 -8.17
C LEU D 334 -26.34 28.73 -9.63
N MET D 335 -27.09 29.76 -9.96
CA MET D 335 -27.55 29.95 -11.33
C MET D 335 -26.42 30.15 -12.33
N LEU D 336 -25.33 30.76 -11.88
CA LEU D 336 -24.10 30.89 -12.66
C LEU D 336 -23.42 29.55 -12.93
N MET D 337 -23.49 28.64 -11.96
CA MET D 337 -22.96 27.29 -12.15
C MET D 337 -23.77 26.55 -13.25
N LYS D 338 -25.07 26.86 -13.34
CA LYS D 338 -25.97 26.22 -14.31
C LYS D 338 -25.76 26.79 -15.72
N ASN D 339 -25.68 28.11 -15.81
CA ASN D 339 -25.55 28.80 -17.10
C ASN D 339 -24.11 28.94 -17.62
N LYS D 340 -23.14 28.79 -16.71
CA LYS D 340 -21.68 28.90 -16.95
C LYS D 340 -21.15 29.84 -18.05
N PRO D 341 -20.91 31.13 -17.70
CA PRO D 341 -20.25 32.06 -18.64
C PRO D 341 -18.75 31.76 -18.80
N ALA D 342 -18.13 32.38 -19.81
CA ALA D 342 -16.68 32.26 -20.03
C ALA D 342 -15.87 32.76 -18.83
N ASP D 343 -16.48 33.67 -18.09
CA ASP D 343 -15.91 34.34 -16.91
C ASP D 343 -15.54 33.42 -15.74
N LEU D 344 -16.13 32.23 -15.69
CA LEU D 344 -16.35 31.50 -14.42
C LEU D 344 -15.37 30.37 -14.04
N ILE D 345 -14.96 30.38 -12.76
CA ILE D 345 -14.44 29.21 -12.06
C ILE D 345 -15.44 28.97 -10.90
N LYS D 346 -15.27 29.69 -9.78
CA LYS D 346 -16.14 29.58 -8.59
C LYS D 346 -16.58 30.93 -8.06
N PRO D 347 -17.90 31.12 -7.85
CA PRO D 347 -18.37 32.24 -7.03
C PRO D 347 -18.34 31.94 -5.54
N VAL D 348 -18.19 32.99 -4.75
CA VAL D 348 -18.32 32.87 -3.30
CA VAL D 348 -18.29 32.89 -3.29
C VAL D 348 -19.31 33.93 -2.82
N VAL D 349 -20.04 33.58 -1.77
CA VAL D 349 -21.04 34.51 -1.21
C VAL D 349 -20.60 34.75 0.21
N ARG D 350 -20.46 36.02 0.60
CA ARG D 350 -20.11 36.35 1.97
C ARG D 350 -21.39 36.75 2.75
N ILE D 351 -21.53 36.25 3.97
CA ILE D 351 -22.70 36.58 4.81
C ILE D 351 -22.21 37.14 6.15
N HIS D 352 -22.71 38.32 6.49
CA HIS D 352 -22.30 39.01 7.71
C HIS D 352 -23.39 39.06 8.78
N TYR D 353 -22.96 39.12 10.05
CA TYR D 353 -23.89 39.24 11.18
C TYR D 353 -23.44 40.34 12.11
N ASP D 354 -24.42 41.04 12.70
CA ASP D 354 -24.15 42.08 13.69
C ASP D 354 -23.24 41.58 14.82
N ASP D 355 -23.41 40.30 15.19
CA ASP D 355 -22.63 39.71 16.27
C ASP D 355 -21.60 38.69 15.77
N GLU D 356 -21.12 38.86 14.54
CA GLU D 356 -20.13 37.95 13.95
C GLU D 356 -18.87 37.86 14.79
N ASP D 357 -18.47 38.99 15.37
CA ASP D 357 -17.23 38.98 16.14
C ASP D 357 -17.48 38.96 17.66
N THR D 358 -18.74 38.89 18.07
CA THR D 358 -19.07 38.95 19.50
C THR D 358 -19.85 37.74 20.03
N LEU D 359 -20.37 36.91 19.13
CA LEU D 359 -21.22 35.79 19.52
C LEU D 359 -20.46 34.87 20.47
N HIS D 360 -21.11 34.51 21.58
CA HIS D 360 -20.57 33.56 22.54
C HIS D 360 -21.71 32.90 23.29
#